data_2FKI
#
_entry.id   2FKI
#
_cell.length_a   1.000
_cell.length_b   1.000
_cell.length_c   1.000
_cell.angle_alpha   90.00
_cell.angle_beta   90.00
_cell.angle_gamma   90.00
#
_symmetry.space_group_name_H-M   'P 1'
#
_entity_poly.entity_id   1
_entity_poly.type   'polypeptide(L)'
_entity_poly.pdbx_seq_one_letter_code
;MTISELLQYCMAKPGAEQSVHNDWKATQIKVEDVLFAMVKEVENRPAVSLKTSPELAELLRQQHSDVRPSRHLNKAHWST
VYLDGSLPDSQIYYLVDASYQQAVNLLPEEKRKLLVQLLEHHHHHH
;
_entity_poly.pdbx_strand_id   A
#
# COMPACT_ATOMS: atom_id res chain seq x y z
N MET A 1 3.19 -8.18 -13.23
CA MET A 1 3.42 -6.81 -13.76
C MET A 1 4.66 -6.20 -13.11
N THR A 2 5.13 -5.07 -13.62
CA THR A 2 6.34 -4.47 -13.12
C THR A 2 6.03 -3.37 -12.10
N ILE A 3 6.70 -3.45 -10.96
CA ILE A 3 6.49 -2.50 -9.88
C ILE A 3 7.06 -1.14 -10.26
N SER A 4 7.99 -1.17 -11.21
CA SER A 4 8.61 0.05 -11.72
C SER A 4 7.55 1.07 -12.15
N GLU A 5 6.55 0.61 -12.92
CA GLU A 5 5.50 1.50 -13.38
C GLU A 5 4.48 1.76 -12.28
N LEU A 6 4.24 0.75 -11.45
CA LEU A 6 3.31 0.87 -10.33
C LEU A 6 3.77 1.95 -9.37
N LEU A 7 5.07 1.95 -9.09
CA LEU A 7 5.66 2.92 -8.17
C LEU A 7 5.51 4.33 -8.71
N GLN A 8 5.80 4.51 -10.00
CA GLN A 8 5.65 5.81 -10.64
C GLN A 8 4.20 6.27 -10.59
N TYR A 9 3.29 5.32 -10.75
CA TYR A 9 1.86 5.60 -10.69
C TYR A 9 1.46 6.08 -9.29
N CYS A 10 2.15 5.57 -8.28
CA CYS A 10 1.91 5.99 -6.90
C CYS A 10 2.36 7.43 -6.69
N MET A 11 3.32 7.86 -7.48
CA MET A 11 3.82 9.22 -7.41
C MET A 11 2.89 10.18 -8.16
N ALA A 12 1.95 9.61 -8.90
CA ALA A 12 0.96 10.39 -9.62
C ALA A 12 -0.25 10.69 -8.73
N LYS A 13 -0.19 10.17 -7.51
CA LYS A 13 -1.23 10.43 -6.52
C LYS A 13 -0.84 11.68 -5.72
N PRO A 14 -1.67 12.74 -5.82
CA PRO A 14 -1.35 14.04 -5.19
C PRO A 14 -1.27 13.97 -3.67
N GLY A 15 -0.08 14.18 -3.14
CA GLY A 15 0.11 14.21 -1.70
C GLY A 15 1.02 13.10 -1.22
N ALA A 16 1.33 12.16 -2.10
CA ALA A 16 2.13 11.01 -1.72
C ALA A 16 3.62 11.25 -2.02
N GLU A 17 4.45 11.04 -1.01
CA GLU A 17 5.89 11.15 -1.16
C GLU A 17 6.55 9.84 -0.71
N GLN A 18 7.75 9.58 -1.22
CA GLN A 18 8.46 8.34 -0.91
C GLN A 18 9.33 8.53 0.32
N SER A 19 9.09 7.72 1.33
CA SER A 19 9.94 7.70 2.51
C SER A 19 10.69 6.38 2.58
N VAL A 20 11.97 6.41 2.25
CA VAL A 20 12.75 5.19 2.22
C VAL A 20 13.44 4.94 3.55
N HIS A 21 13.20 3.76 4.11
CA HIS A 21 13.85 3.37 5.34
C HIS A 21 15.14 2.64 5.01
N ASN A 22 16.28 3.25 5.32
CA ASN A 22 17.56 2.73 4.89
C ASN A 22 18.02 1.56 5.76
N ASP A 23 17.46 0.40 5.47
CA ASP A 23 17.88 -0.86 6.08
C ASP A 23 17.92 -1.91 4.98
N TRP A 24 16.74 -2.27 4.51
CA TRP A 24 16.59 -3.12 3.35
C TRP A 24 15.82 -2.36 2.26
N LYS A 25 15.85 -1.03 2.39
CA LYS A 25 15.23 -0.10 1.45
C LYS A 25 13.72 -0.28 1.36
N ALA A 26 13.08 -0.51 2.49
CA ALA A 26 11.64 -0.51 2.56
C ALA A 26 11.10 0.89 2.30
N THR A 27 10.29 1.03 1.27
CA THR A 27 9.79 2.35 0.89
C THR A 27 8.37 2.57 1.41
N GLN A 28 8.21 3.56 2.26
CA GLN A 28 6.91 3.90 2.82
C GLN A 28 6.27 5.00 2.00
N ILE A 29 5.08 4.71 1.48
CA ILE A 29 4.34 5.71 0.72
C ILE A 29 3.31 6.36 1.62
N LYS A 30 3.55 7.61 1.98
CA LYS A 30 2.70 8.29 2.93
C LYS A 30 2.72 9.79 2.73
N VAL A 31 1.81 10.48 3.38
CA VAL A 31 1.75 11.93 3.34
C VAL A 31 2.62 12.51 4.47
N GLU A 32 2.21 13.64 5.03
CA GLU A 32 2.96 14.30 6.10
C GLU A 32 3.35 13.32 7.21
N ASP A 33 2.37 12.58 7.74
CA ASP A 33 2.68 11.57 8.77
C ASP A 33 1.63 10.45 8.78
N VAL A 34 0.88 10.33 7.69
CA VAL A 34 -0.14 9.30 7.60
C VAL A 34 0.29 8.21 6.62
N LEU A 35 0.67 7.07 7.14
CA LEU A 35 1.13 5.95 6.33
C LEU A 35 -0.01 4.99 6.03
N PHE A 36 -0.30 4.79 4.76
CA PHE A 36 -1.39 3.90 4.36
C PHE A 36 -0.86 2.63 3.70
N ALA A 37 0.30 2.73 3.05
CA ALA A 37 0.88 1.58 2.37
C ALA A 37 2.38 1.74 2.19
N MET A 38 3.11 0.65 2.30
CA MET A 38 4.56 0.67 2.13
C MET A 38 5.02 -0.56 1.35
N VAL A 39 5.93 -0.36 0.40
CA VAL A 39 6.39 -1.44 -0.45
C VAL A 39 7.78 -1.90 -0.02
N LYS A 40 7.96 -3.22 0.07
CA LYS A 40 9.22 -3.81 0.50
C LYS A 40 9.41 -5.15 -0.18
N GLU A 41 10.48 -5.30 -0.94
CA GLU A 41 10.74 -6.54 -1.63
C GLU A 41 11.44 -7.55 -0.72
N VAL A 42 10.74 -8.64 -0.44
CA VAL A 42 11.29 -9.71 0.37
C VAL A 42 11.34 -10.97 -0.49
N GLU A 43 12.39 -11.79 -0.29
CA GLU A 43 12.66 -12.94 -1.17
C GLU A 43 13.02 -12.45 -2.56
N ASN A 44 13.34 -11.15 -2.65
CA ASN A 44 13.56 -10.45 -3.92
C ASN A 44 12.25 -10.34 -4.70
N ARG A 45 11.16 -10.66 -4.03
CA ARG A 45 9.84 -10.59 -4.64
C ARG A 45 9.07 -9.39 -4.07
N PRO A 46 8.44 -8.61 -4.96
CA PRO A 46 7.67 -7.43 -4.56
C PRO A 46 6.56 -7.77 -3.56
N ALA A 47 6.44 -6.96 -2.52
CA ALA A 47 5.42 -7.16 -1.51
C ALA A 47 5.05 -5.84 -0.84
N VAL A 48 3.77 -5.52 -0.81
CA VAL A 48 3.33 -4.24 -0.28
C VAL A 48 2.49 -4.44 0.97
N SER A 49 2.73 -3.62 1.98
CA SER A 49 2.03 -3.73 3.24
C SER A 49 1.11 -2.52 3.41
N LEU A 50 -0.19 -2.79 3.44
CA LEU A 50 -1.18 -1.75 3.63
C LEU A 50 -1.63 -1.73 5.09
N LYS A 51 -2.12 -0.59 5.53
CA LYS A 51 -2.67 -0.47 6.88
C LYS A 51 -4.07 -1.08 6.90
N THR A 52 -4.62 -1.27 8.10
CA THR A 52 -5.92 -1.91 8.27
C THR A 52 -6.95 -1.39 7.27
N SER A 53 -7.35 -2.28 6.35
CA SER A 53 -8.30 -1.93 5.30
C SER A 53 -9.43 -2.95 5.25
N PRO A 54 -10.68 -2.49 5.07
CA PRO A 54 -11.86 -3.35 5.02
C PRO A 54 -11.69 -4.54 4.06
N GLU A 55 -11.54 -4.24 2.76
CA GLU A 55 -11.46 -5.29 1.75
C GLU A 55 -10.21 -6.15 1.91
N LEU A 56 -9.12 -5.54 2.36
CA LEU A 56 -7.87 -6.27 2.56
C LEU A 56 -8.03 -7.29 3.68
N ALA A 57 -8.70 -6.89 4.75
CA ALA A 57 -8.98 -7.81 5.84
C ALA A 57 -10.04 -8.83 5.44
N GLU A 58 -10.99 -8.39 4.61
CA GLU A 58 -12.03 -9.27 4.09
C GLU A 58 -11.43 -10.40 3.27
N LEU A 59 -10.44 -10.06 2.47
CA LEU A 59 -9.72 -11.03 1.65
C LEU A 59 -9.22 -12.19 2.51
N LEU A 60 -8.77 -11.88 3.73
CA LEU A 60 -8.24 -12.89 4.64
C LEU A 60 -9.35 -13.81 5.17
N ARG A 61 -10.54 -13.25 5.36
CA ARG A 61 -11.68 -14.03 5.85
C ARG A 61 -12.25 -14.92 4.75
N GLN A 62 -12.50 -14.32 3.60
CA GLN A 62 -13.16 -15.02 2.50
C GLN A 62 -12.21 -15.96 1.78
N GLN A 63 -11.05 -15.47 1.37
CA GLN A 63 -10.10 -16.29 0.64
C GLN A 63 -8.90 -16.62 1.52
N HIS A 64 -8.23 -17.73 1.23
CA HIS A 64 -7.15 -18.20 2.09
C HIS A 64 -6.00 -18.73 1.25
N SER A 65 -4.81 -18.77 1.86
CA SER A 65 -3.60 -19.28 1.21
C SER A 65 -3.22 -18.45 -0.01
N ASP A 66 -2.35 -19.03 -0.85
CA ASP A 66 -1.97 -18.45 -2.15
C ASP A 66 -1.06 -17.23 -1.98
N VAL A 67 -1.66 -16.08 -1.70
CA VAL A 67 -0.90 -14.85 -1.51
C VAL A 67 -0.22 -14.85 -0.15
N ARG A 68 -0.89 -15.49 0.81
CA ARG A 68 -0.38 -15.66 2.18
C ARG A 68 -0.18 -14.34 2.91
N PRO A 69 -1.23 -13.85 3.58
CA PRO A 69 -1.09 -12.74 4.54
C PRO A 69 -0.35 -13.22 5.78
N SER A 70 0.90 -12.81 5.92
CA SER A 70 1.76 -13.37 6.94
C SER A 70 2.19 -12.32 7.96
N ARG A 71 2.79 -12.78 9.05
CA ARG A 71 3.21 -11.89 10.11
C ARG A 71 4.72 -11.63 10.02
N HIS A 72 5.11 -10.83 9.03
CA HIS A 72 6.50 -10.40 8.92
C HIS A 72 6.66 -9.03 9.59
N LEU A 73 5.57 -8.27 9.57
CA LEU A 73 5.52 -6.99 10.25
C LEU A 73 4.41 -7.01 11.29
N ASN A 74 3.18 -7.10 10.81
CA ASN A 74 2.01 -7.20 11.68
C ASN A 74 0.81 -7.65 10.84
N LYS A 75 0.23 -8.78 11.19
CA LYS A 75 -0.78 -9.41 10.34
C LYS A 75 -2.19 -8.87 10.59
N ALA A 76 -2.43 -8.38 11.79
CA ALA A 76 -3.77 -7.91 12.15
C ALA A 76 -3.88 -6.39 12.03
N HIS A 77 -2.78 -5.69 12.27
CA HIS A 77 -2.78 -4.23 12.19
C HIS A 77 -2.36 -3.77 10.79
N TRP A 78 -1.66 -4.64 10.09
CA TRP A 78 -1.24 -4.37 8.72
C TRP A 78 -1.59 -5.56 7.84
N SER A 79 -1.50 -5.39 6.54
CA SER A 79 -1.71 -6.49 5.63
C SER A 79 -0.65 -6.47 4.54
N THR A 80 0.04 -7.57 4.37
CA THR A 80 1.11 -7.67 3.39
C THR A 80 0.68 -8.50 2.20
N VAL A 81 0.59 -7.85 1.06
CA VAL A 81 0.22 -8.52 -0.18
C VAL A 81 1.46 -8.85 -0.98
N TYR A 82 1.73 -10.14 -1.15
CA TYR A 82 2.84 -10.59 -1.97
C TYR A 82 2.52 -10.35 -3.44
N LEU A 83 3.06 -9.26 -3.98
CA LEU A 83 2.83 -8.91 -5.37
C LEU A 83 3.55 -9.91 -6.26
N ASP A 84 4.76 -10.31 -5.85
CA ASP A 84 5.53 -11.40 -6.48
C ASP A 84 6.01 -11.06 -7.88
N GLY A 85 5.08 -10.72 -8.75
CA GLY A 85 5.39 -10.48 -10.14
C GLY A 85 4.37 -11.16 -11.04
N SER A 86 3.88 -12.31 -10.59
CA SER A 86 2.90 -13.08 -11.34
C SER A 86 1.48 -12.60 -11.04
N LEU A 87 1.35 -11.64 -10.13
CA LEU A 87 0.05 -11.09 -9.80
C LEU A 87 -0.37 -10.05 -10.86
N PRO A 88 -1.65 -10.10 -11.28
CA PRO A 88 -2.18 -9.21 -12.33
C PRO A 88 -2.22 -7.75 -11.89
N ASP A 89 -1.90 -6.87 -12.83
CA ASP A 89 -1.90 -5.44 -12.56
C ASP A 89 -3.30 -4.93 -12.24
N SER A 90 -4.31 -5.59 -12.82
CA SER A 90 -5.71 -5.22 -12.66
C SER A 90 -6.08 -5.06 -11.18
N GLN A 91 -5.70 -6.05 -10.38
CA GLN A 91 -6.02 -6.05 -8.96
C GLN A 91 -5.18 -5.04 -8.19
N ILE A 92 -3.90 -4.96 -8.57
CA ILE A 92 -2.93 -4.12 -7.86
C ILE A 92 -3.32 -2.65 -7.90
N TYR A 93 -3.71 -2.15 -9.08
CA TYR A 93 -4.09 -0.75 -9.23
C TYR A 93 -5.24 -0.39 -8.30
N TYR A 94 -6.20 -1.29 -8.18
CA TYR A 94 -7.38 -1.07 -7.36
C TYR A 94 -7.00 -1.01 -5.88
N LEU A 95 -6.04 -1.85 -5.49
CA LEU A 95 -5.58 -1.90 -4.11
C LEU A 95 -4.90 -0.59 -3.71
N VAL A 96 -4.12 -0.03 -4.63
CA VAL A 96 -3.41 1.22 -4.39
C VAL A 96 -4.39 2.34 -4.07
N ASP A 97 -5.38 2.53 -4.95
CA ASP A 97 -6.37 3.59 -4.75
C ASP A 97 -7.24 3.33 -3.54
N ALA A 98 -7.43 2.05 -3.22
CA ALA A 98 -8.21 1.67 -2.04
C ALA A 98 -7.59 2.25 -0.77
N SER A 99 -6.28 2.03 -0.61
CA SER A 99 -5.56 2.56 0.53
C SER A 99 -5.39 4.08 0.44
N TYR A 100 -5.22 4.56 -0.80
CA TYR A 100 -5.07 6.00 -1.05
C TYR A 100 -6.33 6.75 -0.64
N GLN A 101 -7.48 6.21 -1.00
CA GLN A 101 -8.77 6.80 -0.65
C GLN A 101 -8.88 6.93 0.88
N GLN A 102 -8.49 5.86 1.57
CA GLN A 102 -8.54 5.84 3.03
C GLN A 102 -7.70 6.96 3.63
N ALA A 103 -6.51 7.15 3.09
CA ALA A 103 -5.59 8.17 3.58
C ALA A 103 -6.22 9.55 3.53
N VAL A 104 -6.89 9.86 2.43
CA VAL A 104 -7.55 11.14 2.25
C VAL A 104 -8.66 11.32 3.29
N ASN A 105 -9.38 10.24 3.57
CA ASN A 105 -10.47 10.28 4.55
C ASN A 105 -9.94 10.49 5.96
N LEU A 106 -8.72 10.00 6.20
CA LEU A 106 -8.11 10.07 7.52
C LEU A 106 -7.42 11.42 7.74
N LEU A 107 -7.39 12.25 6.72
CA LEU A 107 -6.76 13.57 6.82
C LEU A 107 -7.76 14.59 7.35
N PRO A 108 -7.31 15.46 8.26
CA PRO A 108 -8.13 16.56 8.79
C PRO A 108 -8.50 17.57 7.70
N GLU A 109 -9.32 18.55 8.08
CA GLU A 109 -9.85 19.53 7.14
C GLU A 109 -8.72 20.23 6.40
N GLU A 110 -7.76 20.75 7.16
CA GLU A 110 -6.60 21.46 6.63
C GLU A 110 -5.94 20.68 5.50
N LYS A 111 -5.69 19.41 5.76
CA LYS A 111 -4.94 18.57 4.84
C LYS A 111 -5.75 18.27 3.57
N ARG A 112 -7.01 17.91 3.76
CA ARG A 112 -7.90 17.57 2.65
C ARG A 112 -8.07 18.75 1.69
N LYS A 113 -8.21 19.97 2.24
CA LYS A 113 -8.40 21.16 1.43
C LYS A 113 -7.27 21.35 0.43
N LEU A 114 -6.06 20.95 0.83
CA LEU A 114 -4.89 21.09 0.00
C LEU A 114 -4.93 20.13 -1.18
N LEU A 115 -5.24 18.86 -0.89
CA LEU A 115 -5.24 17.82 -1.91
C LEU A 115 -6.31 18.05 -2.97
N VAL A 116 -7.38 18.74 -2.59
CA VAL A 116 -8.47 19.03 -3.50
C VAL A 116 -8.00 19.98 -4.61
N GLN A 117 -7.01 20.82 -4.29
CA GLN A 117 -6.48 21.78 -5.24
C GLN A 117 -5.60 21.11 -6.29
N LEU A 118 -4.97 20.01 -5.90
CA LEU A 118 -4.01 19.32 -6.76
C LEU A 118 -4.73 18.45 -7.78
N MET A 1 2.53 -4.13 -14.39
CA MET A 1 3.13 -3.05 -13.58
C MET A 1 3.98 -3.61 -12.46
N THR A 2 5.20 -3.13 -12.36
CA THR A 2 6.11 -3.53 -11.32
C THR A 2 6.31 -2.41 -10.30
N ILE A 3 7.18 -2.65 -9.34
CA ILE A 3 7.38 -1.72 -8.22
C ILE A 3 7.78 -0.32 -8.69
N SER A 4 8.72 -0.24 -9.64
CA SER A 4 9.22 1.05 -10.09
C SER A 4 8.12 1.88 -10.73
N GLU A 5 7.28 1.25 -11.54
CA GLU A 5 6.17 1.94 -12.19
C GLU A 5 5.16 2.38 -11.14
N LEU A 6 4.96 1.55 -10.13
CA LEU A 6 4.05 1.86 -9.03
C LEU A 6 4.55 3.09 -8.28
N LEU A 7 5.84 3.11 -7.99
CA LEU A 7 6.47 4.25 -7.33
C LEU A 7 6.32 5.50 -8.19
N GLN A 8 6.55 5.34 -9.49
CA GLN A 8 6.41 6.43 -10.45
C GLN A 8 4.99 6.99 -10.43
N TYR A 9 4.02 6.08 -10.43
CA TYR A 9 2.61 6.45 -10.42
C TYR A 9 2.25 7.22 -9.15
N CYS A 10 2.77 6.76 -8.02
CA CYS A 10 2.53 7.40 -6.74
C CYS A 10 3.26 8.73 -6.63
N MET A 11 4.20 8.97 -7.55
CA MET A 11 4.88 10.26 -7.59
C MET A 11 4.07 11.25 -8.41
N ALA A 12 3.45 10.76 -9.46
CA ALA A 12 2.56 11.57 -10.28
C ALA A 12 1.24 11.79 -9.57
N LYS A 13 1.04 11.04 -8.49
CA LYS A 13 -0.13 11.19 -7.64
C LYS A 13 0.22 12.04 -6.42
N PRO A 14 -0.15 13.32 -6.43
CA PRO A 14 0.22 14.28 -5.38
C PRO A 14 -0.30 13.88 -4.00
N GLY A 15 0.37 14.39 -2.98
CA GLY A 15 -0.01 14.07 -1.62
C GLY A 15 0.79 12.92 -1.07
N ALA A 16 1.09 11.96 -1.93
CA ALA A 16 1.84 10.79 -1.53
C ALA A 16 3.34 11.07 -1.52
N GLU A 17 3.96 10.79 -0.40
CA GLU A 17 5.40 10.91 -0.27
C GLU A 17 5.99 9.56 0.07
N GLN A 18 7.12 9.23 -0.54
CA GLN A 18 7.73 7.93 -0.37
C GLN A 18 8.97 8.00 0.52
N SER A 19 8.97 7.19 1.56
CA SER A 19 10.10 7.12 2.47
C SER A 19 10.74 5.74 2.41
N VAL A 20 12.00 5.69 2.02
CA VAL A 20 12.69 4.41 1.89
C VAL A 20 14.11 4.48 2.45
N HIS A 21 14.47 3.46 3.20
CA HIS A 21 15.83 3.29 3.69
C HIS A 21 16.46 2.05 3.06
N ASN A 22 17.64 2.21 2.49
CA ASN A 22 18.32 1.09 1.81
C ASN A 22 19.00 0.19 2.82
N ASP A 23 18.19 -0.49 3.60
CA ASP A 23 18.66 -1.53 4.49
C ASP A 23 18.28 -2.88 3.90
N TRP A 24 17.00 -3.15 3.89
CA TRP A 24 16.45 -4.25 3.12
C TRP A 24 15.49 -3.68 2.07
N LYS A 25 15.31 -2.36 2.16
CA LYS A 25 14.44 -1.58 1.27
C LYS A 25 12.96 -1.87 1.51
N ALA A 26 12.35 -1.00 2.29
CA ALA A 26 10.91 -1.01 2.48
C ALA A 26 10.37 0.39 2.20
N THR A 27 9.79 0.57 1.03
CA THR A 27 9.33 1.88 0.60
C THR A 27 7.97 2.18 1.22
N GLN A 28 7.92 3.20 2.05
CA GLN A 28 6.71 3.56 2.76
C GLN A 28 6.01 4.71 2.05
N ILE A 29 4.77 4.48 1.65
CA ILE A 29 3.99 5.50 0.97
C ILE A 29 3.04 6.15 1.97
N LYS A 30 3.30 7.41 2.27
CA LYS A 30 2.54 8.12 3.28
C LYS A 30 2.11 9.49 2.77
N VAL A 31 1.24 10.14 3.52
CA VAL A 31 0.91 11.53 3.26
C VAL A 31 1.98 12.41 3.95
N GLU A 32 1.56 13.46 4.64
CA GLU A 32 2.48 14.25 5.45
C GLU A 32 3.23 13.36 6.42
N ASP A 33 2.49 12.73 7.33
CA ASP A 33 3.08 11.75 8.25
C ASP A 33 2.16 10.54 8.39
N VAL A 34 1.08 10.53 7.62
CA VAL A 34 0.10 9.46 7.70
C VAL A 34 0.49 8.30 6.79
N LEU A 35 1.04 7.25 7.38
CA LEU A 35 1.39 6.05 6.64
C LEU A 35 0.16 5.14 6.53
N PHE A 36 -0.20 4.82 5.30
CA PHE A 36 -1.37 3.98 5.06
C PHE A 36 -0.98 2.62 4.50
N ALA A 37 0.08 2.58 3.70
CA ALA A 37 0.53 1.34 3.09
C ALA A 37 1.98 1.48 2.66
N MET A 38 2.68 0.36 2.54
CA MET A 38 4.07 0.38 2.13
C MET A 38 4.43 -0.85 1.31
N VAL A 39 5.27 -0.64 0.30
CA VAL A 39 5.78 -1.72 -0.52
C VAL A 39 7.17 -2.11 -0.07
N LYS A 40 7.28 -3.28 0.53
CA LYS A 40 8.54 -3.73 1.11
C LYS A 40 9.19 -4.76 0.19
N GLU A 41 10.41 -4.50 -0.21
CA GLU A 41 11.13 -5.41 -1.08
C GLU A 41 11.70 -6.55 -0.25
N VAL A 42 11.15 -7.74 -0.46
CA VAL A 42 11.63 -8.93 0.22
C VAL A 42 12.03 -9.97 -0.80
N GLU A 43 13.31 -10.27 -0.87
CA GLU A 43 13.85 -11.20 -1.86
C GLU A 43 13.62 -10.63 -3.26
N ASN A 44 13.53 -9.30 -3.32
CA ASN A 44 13.30 -8.54 -4.56
C ASN A 44 11.89 -8.75 -5.08
N ARG A 45 11.09 -9.56 -4.39
CA ARG A 45 9.72 -9.80 -4.80
C ARG A 45 8.78 -8.86 -4.05
N PRO A 46 7.85 -8.23 -4.77
CA PRO A 46 6.97 -7.20 -4.23
C PRO A 46 5.99 -7.71 -3.18
N ALA A 47 6.13 -7.20 -1.97
CA ALA A 47 5.18 -7.46 -0.91
C ALA A 47 4.67 -6.15 -0.34
N VAL A 48 3.37 -6.00 -0.25
CA VAL A 48 2.77 -4.76 0.21
C VAL A 48 2.03 -4.98 1.53
N SER A 49 2.01 -3.97 2.37
CA SER A 49 1.31 -4.04 3.64
C SER A 49 0.38 -2.84 3.81
N LEU A 50 -0.88 -3.13 4.05
CA LEU A 50 -1.90 -2.10 4.21
C LEU A 50 -2.28 -1.99 5.68
N LYS A 51 -2.60 -0.79 6.14
CA LYS A 51 -3.07 -0.58 7.51
C LYS A 51 -4.33 -1.39 7.76
N THR A 52 -5.29 -1.28 6.85
CA THR A 52 -6.53 -2.03 6.95
C THR A 52 -7.38 -1.81 5.70
N SER A 53 -8.05 -2.87 5.26
CA SER A 53 -8.95 -2.80 4.12
C SER A 53 -9.97 -3.92 4.18
N PRO A 54 -11.25 -3.62 3.91
CA PRO A 54 -12.34 -4.58 4.04
C PRO A 54 -12.18 -5.82 3.17
N GLU A 55 -12.05 -5.61 1.86
CA GLU A 55 -11.96 -6.72 0.92
C GLU A 55 -10.66 -7.47 1.09
N LEU A 56 -9.59 -6.75 1.42
CA LEU A 56 -8.29 -7.37 1.63
C LEU A 56 -8.32 -8.33 2.82
N ALA A 57 -9.02 -7.93 3.86
CA ALA A 57 -9.20 -8.78 5.03
C ALA A 57 -10.09 -9.96 4.68
N GLU A 58 -11.09 -9.72 3.85
CA GLU A 58 -12.00 -10.76 3.39
C GLU A 58 -11.27 -11.82 2.59
N LEU A 59 -10.36 -11.40 1.73
CA LEU A 59 -9.55 -12.31 0.95
C LEU A 59 -8.85 -13.32 1.84
N LEU A 60 -8.46 -12.88 3.04
CA LEU A 60 -7.78 -13.75 4.00
C LEU A 60 -8.70 -14.88 4.44
N ARG A 61 -9.96 -14.55 4.70
CA ARG A 61 -10.93 -15.55 5.13
C ARG A 61 -11.37 -16.41 3.96
N GLN A 62 -11.51 -15.79 2.79
CA GLN A 62 -12.02 -16.48 1.61
C GLN A 62 -10.96 -17.38 0.97
N GLN A 63 -9.88 -16.80 0.48
CA GLN A 63 -8.89 -17.54 -0.31
C GLN A 63 -7.52 -17.53 0.37
N HIS A 64 -7.13 -18.66 0.96
CA HIS A 64 -5.86 -18.75 1.66
C HIS A 64 -4.67 -18.95 0.72
N SER A 65 -4.92 -18.84 -0.58
CA SER A 65 -3.85 -18.93 -1.57
C SER A 65 -3.59 -17.58 -2.23
N ASP A 66 -4.59 -16.70 -2.16
CA ASP A 66 -4.46 -15.36 -2.73
C ASP A 66 -3.83 -14.43 -1.71
N VAL A 67 -4.00 -14.77 -0.43
CA VAL A 67 -3.41 -13.99 0.64
C VAL A 67 -2.32 -14.80 1.34
N ARG A 68 -1.18 -14.15 1.63
CA ARG A 68 -0.08 -14.81 2.30
C ARG A 68 0.46 -13.93 3.43
N PRO A 69 -0.14 -14.05 4.62
CA PRO A 69 0.27 -13.27 5.78
C PRO A 69 1.50 -13.87 6.46
N SER A 70 2.51 -13.04 6.67
CA SER A 70 3.71 -13.48 7.34
C SER A 70 4.05 -12.58 8.50
N ARG A 71 4.54 -13.16 9.59
CA ARG A 71 4.87 -12.41 10.79
C ARG A 71 6.25 -11.74 10.65
N HIS A 72 6.60 -11.37 9.42
CA HIS A 72 7.86 -10.69 9.16
C HIS A 72 7.83 -9.30 9.79
N LEU A 73 6.62 -8.83 10.07
CA LEU A 73 6.39 -7.59 10.79
C LEU A 73 5.22 -7.78 11.74
N ASN A 74 4.05 -8.04 11.16
CA ASN A 74 2.85 -8.38 11.92
C ASN A 74 1.91 -9.16 11.00
N LYS A 75 1.54 -10.35 11.42
CA LYS A 75 0.78 -11.28 10.59
C LYS A 75 -0.73 -11.01 10.66
N ALA A 76 -1.19 -10.49 11.79
CA ALA A 76 -2.62 -10.42 12.04
C ALA A 76 -3.15 -8.98 12.07
N HIS A 77 -2.38 -8.04 12.59
CA HIS A 77 -2.85 -6.66 12.68
C HIS A 77 -2.52 -5.91 11.40
N TRP A 78 -1.46 -6.34 10.74
CA TRP A 78 -1.12 -5.85 9.42
C TRP A 78 -1.44 -6.91 8.39
N SER A 79 -1.49 -6.54 7.14
CA SER A 79 -1.74 -7.49 6.08
C SER A 79 -0.63 -7.41 5.03
N THR A 80 -0.04 -8.55 4.75
CA THR A 80 1.04 -8.63 3.78
C THR A 80 0.58 -9.33 2.51
N VAL A 81 0.55 -8.60 1.42
CA VAL A 81 0.15 -9.16 0.15
C VAL A 81 1.38 -9.39 -0.72
N TYR A 82 1.65 -10.65 -1.04
CA TYR A 82 2.74 -11.00 -1.92
C TYR A 82 2.28 -10.94 -3.37
N LEU A 83 2.83 -10.01 -4.12
CA LEU A 83 2.50 -9.90 -5.54
C LEU A 83 3.31 -10.91 -6.33
N ASP A 84 2.96 -12.17 -6.15
CA ASP A 84 3.67 -13.27 -6.79
C ASP A 84 2.68 -14.36 -7.13
N GLY A 85 2.22 -14.36 -8.38
CA GLY A 85 1.26 -15.34 -8.82
C GLY A 85 -0.16 -14.92 -8.52
N SER A 86 -0.43 -14.60 -7.26
CA SER A 86 -1.75 -14.20 -6.83
C SER A 86 -2.00 -12.72 -7.13
N LEU A 87 -3.24 -12.43 -7.56
CA LEU A 87 -3.71 -11.07 -7.83
C LEU A 87 -3.06 -10.46 -9.09
N PRO A 88 -3.90 -9.92 -10.00
CA PRO A 88 -3.43 -9.26 -11.20
C PRO A 88 -3.08 -7.79 -10.96
N ASP A 89 -2.68 -7.08 -12.03
CA ASP A 89 -2.25 -5.68 -11.92
C ASP A 89 -3.35 -4.81 -11.35
N SER A 90 -4.59 -5.10 -11.73
CA SER A 90 -5.76 -4.32 -11.33
C SER A 90 -5.84 -4.18 -9.81
N GLN A 91 -5.54 -5.26 -9.10
CA GLN A 91 -5.60 -5.27 -7.66
C GLN A 91 -4.51 -4.37 -7.07
N ILE A 92 -3.36 -4.35 -7.72
CA ILE A 92 -2.23 -3.56 -7.24
C ILE A 92 -2.55 -2.07 -7.22
N TYR A 93 -3.28 -1.61 -8.25
CA TYR A 93 -3.72 -0.22 -8.31
C TYR A 93 -4.60 0.11 -7.12
N TYR A 94 -5.54 -0.78 -6.83
CA TYR A 94 -6.51 -0.56 -5.77
C TYR A 94 -5.86 -0.59 -4.40
N LEU A 95 -4.82 -1.42 -4.26
CA LEU A 95 -4.07 -1.52 -3.00
C LEU A 95 -3.57 -0.15 -2.55
N VAL A 96 -2.97 0.57 -3.48
CA VAL A 96 -2.45 1.89 -3.19
C VAL A 96 -3.58 2.91 -3.11
N ASP A 97 -4.50 2.84 -4.06
CA ASP A 97 -5.59 3.81 -4.16
C ASP A 97 -6.46 3.81 -2.91
N ALA A 98 -6.93 2.64 -2.52
CA ALA A 98 -7.83 2.51 -1.37
C ALA A 98 -7.15 3.00 -0.09
N SER A 99 -5.91 2.61 0.11
CA SER A 99 -5.16 3.00 1.29
C SER A 99 -4.93 4.51 1.32
N TYR A 100 -4.56 5.07 0.18
CA TYR A 100 -4.34 6.50 0.07
C TYR A 100 -5.65 7.26 0.28
N GLN A 101 -6.70 6.77 -0.35
CA GLN A 101 -8.00 7.45 -0.32
C GLN A 101 -8.55 7.55 1.10
N GLN A 102 -8.55 6.44 1.81
CA GLN A 102 -9.08 6.42 3.18
C GLN A 102 -8.25 7.33 4.09
N ALA A 103 -6.96 7.43 3.82
CA ALA A 103 -6.10 8.31 4.59
C ALA A 103 -6.47 9.77 4.33
N VAL A 104 -6.80 10.09 3.08
CA VAL A 104 -7.24 11.42 2.71
C VAL A 104 -8.58 11.75 3.38
N ASN A 105 -9.43 10.75 3.49
CA ASN A 105 -10.75 10.93 4.11
C ASN A 105 -10.60 11.27 5.60
N LEU A 106 -9.47 10.86 6.18
CA LEU A 106 -9.19 11.13 7.59
C LEU A 106 -8.50 12.48 7.75
N LEU A 107 -8.15 13.10 6.64
CA LEU A 107 -7.49 14.40 6.66
C LEU A 107 -8.50 15.53 6.81
N PRO A 108 -8.10 16.63 7.45
CA PRO A 108 -8.97 17.80 7.63
C PRO A 108 -9.37 18.45 6.32
N GLU A 109 -10.40 19.29 6.37
CA GLU A 109 -10.95 19.94 5.19
C GLU A 109 -9.85 20.66 4.40
N GLU A 110 -9.03 21.43 5.11
CA GLU A 110 -7.97 22.22 4.53
C GLU A 110 -7.08 21.38 3.61
N LYS A 111 -6.62 20.25 4.11
CA LYS A 111 -5.66 19.41 3.39
C LYS A 111 -6.28 18.81 2.13
N ARG A 112 -7.51 18.32 2.26
CA ARG A 112 -8.17 17.69 1.13
C ARG A 112 -8.40 18.67 -0.01
N LYS A 113 -8.80 19.90 0.33
CA LYS A 113 -9.02 20.94 -0.66
C LYS A 113 -7.75 21.25 -1.44
N LEU A 114 -6.61 21.14 -0.76
CA LEU A 114 -5.32 21.37 -1.38
C LEU A 114 -4.98 20.23 -2.32
N LEU A 115 -5.24 18.99 -1.88
CA LEU A 115 -4.95 17.81 -2.67
C LEU A 115 -5.73 17.79 -3.99
N VAL A 116 -6.90 18.42 -3.99
CA VAL A 116 -7.71 18.52 -5.20
C VAL A 116 -7.05 19.45 -6.21
N GLN A 117 -6.40 20.49 -5.72
CA GLN A 117 -5.75 21.47 -6.56
C GLN A 117 -4.45 20.93 -7.13
N LEU A 118 -3.83 20.02 -6.42
CA LEU A 118 -2.54 19.46 -6.80
C LEU A 118 -2.67 18.58 -8.05
N MET A 1 2.34 -5.41 -15.09
CA MET A 1 2.46 -4.23 -14.21
C MET A 1 3.57 -4.47 -13.20
N THR A 2 4.64 -3.70 -13.33
CA THR A 2 5.80 -3.90 -12.50
C THR A 2 5.86 -2.86 -11.38
N ILE A 3 6.62 -3.15 -10.34
CA ILE A 3 6.76 -2.26 -9.18
C ILE A 3 7.21 -0.86 -9.61
N SER A 4 8.14 -0.82 -10.55
CA SER A 4 8.69 0.44 -11.06
C SER A 4 7.58 1.32 -11.65
N GLU A 5 6.59 0.67 -12.29
CA GLU A 5 5.48 1.37 -12.90
C GLU A 5 4.48 1.80 -11.82
N LEU A 6 4.32 0.95 -10.81
CA LEU A 6 3.46 1.25 -9.68
C LEU A 6 3.99 2.49 -8.96
N LEU A 7 5.31 2.55 -8.82
CA LEU A 7 5.96 3.70 -8.20
C LEU A 7 5.66 4.99 -8.96
N GLN A 8 5.62 4.90 -10.28
CA GLN A 8 5.32 6.04 -11.12
C GLN A 8 3.83 6.40 -11.03
N TYR A 9 2.98 5.38 -10.97
CA TYR A 9 1.54 5.57 -10.85
C TYR A 9 1.20 6.36 -9.57
N CYS A 10 1.95 6.09 -8.52
CA CYS A 10 1.72 6.75 -7.24
C CYS A 10 2.09 8.24 -7.31
N MET A 11 2.89 8.60 -8.32
CA MET A 11 3.29 9.99 -8.50
C MET A 11 2.16 10.79 -9.15
N ALA A 12 1.10 10.11 -9.54
CA ALA A 12 -0.09 10.76 -10.06
C ALA A 12 -1.09 11.03 -8.95
N LYS A 13 -0.82 10.45 -7.78
CA LYS A 13 -1.68 10.64 -6.62
C LYS A 13 -1.15 11.76 -5.74
N PRO A 14 -1.95 12.79 -5.49
CA PRO A 14 -1.55 13.93 -4.65
C PRO A 14 -1.23 13.51 -3.22
N GLY A 15 -0.07 13.89 -2.73
CA GLY A 15 0.32 13.59 -1.36
C GLY A 15 1.24 12.39 -1.26
N ALA A 16 1.28 11.58 -2.30
CA ALA A 16 2.10 10.38 -2.31
C ALA A 16 3.54 10.70 -2.70
N GLU A 17 4.47 10.41 -1.81
CA GLU A 17 5.88 10.67 -2.05
C GLU A 17 6.69 9.43 -1.70
N GLN A 18 7.77 9.20 -2.46
CA GLN A 18 8.65 8.06 -2.20
C GLN A 18 9.76 8.46 -1.26
N SER A 19 9.86 7.76 -0.15
CA SER A 19 10.90 8.03 0.83
C SER A 19 11.51 6.74 1.34
N VAL A 20 12.84 6.73 1.47
CA VAL A 20 13.54 5.59 2.04
C VAL A 20 13.49 5.66 3.56
N HIS A 21 12.71 4.76 4.15
CA HIS A 21 12.53 4.75 5.59
C HIS A 21 13.40 3.67 6.20
N ASN A 22 14.10 4.02 7.28
CA ASN A 22 14.93 3.07 8.02
C ASN A 22 14.12 1.83 8.38
N ASP A 23 14.51 0.71 7.79
CA ASP A 23 13.74 -0.52 7.87
C ASP A 23 14.57 -1.69 7.36
N TRP A 24 14.30 -2.13 6.14
CA TRP A 24 15.14 -3.10 5.45
C TRP A 24 15.68 -2.41 4.20
N LYS A 25 15.67 -1.08 4.25
CA LYS A 25 15.82 -0.24 3.07
C LYS A 25 14.71 -0.58 2.07
N ALA A 26 13.54 0.01 2.29
CA ALA A 26 12.38 -0.28 1.47
C ALA A 26 11.70 1.02 1.06
N THR A 27 11.09 1.02 -0.11
CA THR A 27 10.41 2.19 -0.59
C THR A 27 9.04 2.32 0.07
N GLN A 28 8.86 3.38 0.83
CA GLN A 28 7.61 3.59 1.52
C GLN A 28 6.95 4.86 1.03
N ILE A 29 5.81 4.70 0.38
CA ILE A 29 5.08 5.82 -0.17
C ILE A 29 4.06 6.30 0.84
N LYS A 30 4.31 7.46 1.41
CA LYS A 30 3.50 7.94 2.52
C LYS A 30 3.13 9.40 2.33
N VAL A 31 2.01 9.77 2.94
CA VAL A 31 1.62 11.16 3.05
C VAL A 31 2.30 11.70 4.31
N GLU A 32 2.18 13.00 4.56
CA GLU A 32 2.84 13.67 5.70
C GLU A 32 3.14 12.74 6.89
N ASP A 33 2.13 12.03 7.38
CA ASP A 33 2.33 11.07 8.46
C ASP A 33 1.61 9.75 8.16
N VAL A 34 1.01 9.65 6.99
CA VAL A 34 0.15 8.52 6.67
C VAL A 34 0.80 7.58 5.66
N LEU A 35 1.34 6.47 6.17
CA LEU A 35 1.91 5.44 5.31
C LEU A 35 0.82 4.46 4.92
N PHE A 36 0.32 4.57 3.71
CA PHE A 36 -0.79 3.75 3.26
C PHE A 36 -0.30 2.59 2.38
N ALA A 37 0.91 2.71 1.85
CA ALA A 37 1.46 1.67 0.99
C ALA A 37 2.98 1.60 1.11
N MET A 38 3.47 0.47 1.56
CA MET A 38 4.90 0.26 1.69
C MET A 38 5.31 -1.04 1.00
N VAL A 39 6.35 -0.98 0.18
CA VAL A 39 6.83 -2.16 -0.51
C VAL A 39 8.11 -2.66 0.14
N LYS A 40 8.12 -3.93 0.48
CA LYS A 40 9.26 -4.55 1.13
C LYS A 40 9.68 -5.79 0.35
N GLU A 41 10.83 -5.73 -0.29
CA GLU A 41 11.33 -6.87 -1.04
C GLU A 41 11.94 -7.88 -0.08
N VAL A 42 11.30 -9.03 0.05
CA VAL A 42 11.76 -10.06 0.97
C VAL A 42 12.32 -11.25 0.18
N GLU A 43 13.64 -11.43 0.28
CA GLU A 43 14.33 -12.51 -0.39
C GLU A 43 14.17 -12.37 -1.91
N ASN A 44 14.17 -11.10 -2.35
CA ASN A 44 14.05 -10.73 -3.76
C ASN A 44 12.62 -10.93 -4.28
N ARG A 45 11.69 -11.12 -3.35
CA ARG A 45 10.27 -11.19 -3.71
C ARG A 45 9.56 -9.89 -3.37
N PRO A 46 8.87 -9.29 -4.34
CA PRO A 46 8.13 -8.05 -4.14
C PRO A 46 6.87 -8.26 -3.29
N ALA A 47 6.89 -7.73 -2.08
CA ALA A 47 5.75 -7.83 -1.18
C ALA A 47 5.28 -6.44 -0.76
N VAL A 48 3.97 -6.24 -0.80
CA VAL A 48 3.40 -4.95 -0.44
C VAL A 48 2.51 -5.09 0.80
N SER A 49 2.60 -4.12 1.70
CA SER A 49 1.83 -4.16 2.93
C SER A 49 0.92 -2.93 3.02
N LEU A 50 -0.34 -3.17 3.33
CA LEU A 50 -1.34 -2.11 3.45
C LEU A 50 -1.81 -1.98 4.89
N LYS A 51 -2.60 -0.94 5.15
CA LYS A 51 -3.28 -0.80 6.43
C LYS A 51 -4.43 -1.79 6.49
N THR A 52 -4.99 -1.99 7.68
CA THR A 52 -6.16 -2.85 7.83
C THR A 52 -7.36 -2.22 7.11
N SER A 53 -7.61 -2.66 5.90
CA SER A 53 -8.64 -2.05 5.06
C SER A 53 -9.74 -3.06 4.76
N PRO A 54 -10.98 -2.58 4.54
CA PRO A 54 -12.12 -3.44 4.18
C PRO A 54 -11.86 -4.24 2.91
N GLU A 55 -11.17 -3.62 1.96
CA GLU A 55 -10.81 -4.27 0.71
C GLU A 55 -9.86 -5.44 0.96
N LEU A 56 -8.88 -5.24 1.83
CA LEU A 56 -7.98 -6.32 2.22
C LEU A 56 -8.76 -7.41 2.94
N ALA A 57 -9.74 -7.00 3.74
CA ALA A 57 -10.60 -7.93 4.46
C ALA A 57 -11.38 -8.81 3.49
N GLU A 58 -11.78 -8.23 2.36
CA GLU A 58 -12.50 -8.97 1.32
C GLU A 58 -11.69 -10.19 0.88
N LEU A 59 -10.44 -9.94 0.49
CA LEU A 59 -9.54 -11.00 0.06
C LEU A 59 -9.38 -12.05 1.15
N LEU A 60 -9.29 -11.59 2.39
CA LEU A 60 -9.12 -12.48 3.53
C LEU A 60 -10.36 -13.34 3.78
N ARG A 61 -11.54 -12.79 3.47
CA ARG A 61 -12.78 -13.52 3.70
C ARG A 61 -12.97 -14.61 2.65
N GLN A 62 -12.50 -14.34 1.44
CA GLN A 62 -12.65 -15.29 0.35
C GLN A 62 -11.51 -16.30 0.32
N GLN A 63 -10.33 -15.86 0.73
CA GLN A 63 -9.12 -16.68 0.72
C GLN A 63 -8.76 -17.11 -0.71
N HIS A 64 -9.21 -16.31 -1.67
CA HIS A 64 -8.96 -16.59 -3.08
C HIS A 64 -7.82 -15.71 -3.58
N SER A 65 -7.04 -15.21 -2.64
CA SER A 65 -5.91 -14.35 -2.96
C SER A 65 -4.83 -14.53 -1.90
N ASP A 66 -3.60 -14.16 -2.23
CA ASP A 66 -2.49 -14.30 -1.30
C ASP A 66 -2.43 -13.14 -0.34
N VAL A 67 -2.57 -13.44 0.94
CA VAL A 67 -2.48 -12.42 1.98
C VAL A 67 -2.03 -13.06 3.29
N ARG A 68 -0.97 -12.52 3.86
CA ARG A 68 -0.46 -12.98 5.14
C ARG A 68 -0.15 -11.80 6.05
N PRO A 69 -0.35 -11.95 7.36
CA PRO A 69 -0.11 -10.88 8.35
C PRO A 69 1.39 -10.66 8.60
N SER A 70 2.07 -10.11 7.61
CA SER A 70 3.49 -9.75 7.70
C SER A 70 4.37 -10.96 8.01
N ARG A 71 5.66 -10.71 8.19
CA ARG A 71 6.60 -11.72 8.64
C ARG A 71 7.34 -11.23 9.89
N HIS A 72 8.26 -10.31 9.69
CA HIS A 72 9.05 -9.77 10.79
C HIS A 72 8.44 -8.47 11.32
N LEU A 73 7.55 -7.87 10.53
CA LEU A 73 6.96 -6.58 10.87
C LEU A 73 6.18 -6.66 12.18
N ASN A 74 5.02 -7.29 12.11
CA ASN A 74 4.16 -7.44 13.27
C ASN A 74 3.19 -8.58 13.02
N LYS A 75 2.50 -9.03 14.06
CA LYS A 75 1.55 -10.12 13.93
C LYS A 75 0.23 -9.63 13.35
N ALA A 76 -0.09 -8.36 13.59
CA ALA A 76 -1.38 -7.84 13.15
C ALA A 76 -1.28 -6.42 12.60
N HIS A 77 -2.43 -5.91 12.14
CA HIS A 77 -2.57 -4.55 11.59
C HIS A 77 -1.98 -4.44 10.20
N TRP A 78 -0.76 -4.92 10.01
CA TRP A 78 -0.14 -4.94 8.70
C TRP A 78 -0.53 -6.22 7.96
N SER A 79 -0.91 -6.07 6.70
CA SER A 79 -1.23 -7.22 5.87
C SER A 79 -0.39 -7.17 4.60
N THR A 80 0.31 -8.25 4.34
CA THR A 80 1.28 -8.29 3.26
C THR A 80 0.81 -9.22 2.14
N VAL A 81 0.85 -8.70 0.92
CA VAL A 81 0.52 -9.47 -0.27
C VAL A 81 1.78 -9.70 -1.11
N TYR A 82 2.03 -10.95 -1.48
CA TYR A 82 3.19 -11.29 -2.28
C TYR A 82 2.86 -11.26 -3.76
N LEU A 83 3.49 -10.36 -4.48
CA LEU A 83 3.23 -10.21 -5.91
C LEU A 83 4.02 -11.24 -6.70
N ASP A 84 3.51 -12.46 -6.70
CA ASP A 84 4.09 -13.55 -7.47
C ASP A 84 3.02 -14.19 -8.34
N GLY A 85 1.79 -14.15 -7.85
CA GLY A 85 0.67 -14.69 -8.59
C GLY A 85 -0.64 -14.31 -7.93
N SER A 86 -1.70 -15.06 -8.26
CA SER A 86 -3.04 -14.86 -7.70
C SER A 86 -3.69 -13.58 -8.24
N LEU A 87 -3.13 -12.43 -7.91
CA LEU A 87 -3.70 -11.15 -8.31
C LEU A 87 -3.04 -10.63 -9.57
N PRO A 88 -3.83 -10.35 -10.62
CA PRO A 88 -3.33 -9.73 -11.85
C PRO A 88 -3.07 -8.24 -11.68
N ASP A 89 -2.64 -7.59 -12.76
CA ASP A 89 -2.24 -6.19 -12.75
C ASP A 89 -3.38 -5.27 -12.31
N SER A 90 -4.60 -5.62 -12.69
CA SER A 90 -5.76 -4.80 -12.39
C SER A 90 -6.08 -4.78 -10.89
N GLN A 91 -5.91 -5.92 -10.24
CA GLN A 91 -6.20 -6.06 -8.82
C GLN A 91 -5.27 -5.20 -7.97
N ILE A 92 -4.05 -5.03 -8.45
CA ILE A 92 -3.06 -4.23 -7.74
C ILE A 92 -3.55 -2.80 -7.56
N TYR A 93 -4.10 -2.23 -8.63
CA TYR A 93 -4.60 -0.85 -8.58
C TYR A 93 -5.76 -0.72 -7.60
N TYR A 94 -6.59 -1.76 -7.53
CA TYR A 94 -7.75 -1.78 -6.66
C TYR A 94 -7.34 -1.60 -5.19
N LEU A 95 -6.27 -2.27 -4.80
CA LEU A 95 -5.81 -2.22 -3.42
C LEU A 95 -5.13 -0.89 -3.12
N VAL A 96 -4.30 -0.43 -4.04
CA VAL A 96 -3.55 0.81 -3.86
C VAL A 96 -4.48 2.01 -3.72
N ASP A 97 -5.45 2.11 -4.63
CA ASP A 97 -6.36 3.26 -4.65
C ASP A 97 -7.23 3.28 -3.40
N ALA A 98 -7.66 2.11 -2.95
CA ALA A 98 -8.51 2.01 -1.77
C ALA A 98 -7.78 2.51 -0.53
N SER A 99 -6.51 2.14 -0.40
CA SER A 99 -5.70 2.54 0.74
C SER A 99 -5.44 4.05 0.68
N TYR A 100 -5.35 4.58 -0.54
CA TYR A 100 -5.18 6.01 -0.73
C TYR A 100 -6.45 6.76 -0.36
N GLN A 101 -7.60 6.21 -0.74
CA GLN A 101 -8.88 6.84 -0.47
C GLN A 101 -9.13 7.00 1.03
N GLN A 102 -8.92 5.93 1.79
CA GLN A 102 -9.12 5.99 3.22
C GLN A 102 -8.16 6.97 3.88
N ALA A 103 -6.92 6.98 3.40
CA ALA A 103 -5.87 7.84 3.93
C ALA A 103 -6.28 9.31 3.84
N VAL A 104 -6.80 9.71 2.70
CA VAL A 104 -7.21 11.09 2.48
C VAL A 104 -8.36 11.48 3.41
N ASN A 105 -9.30 10.56 3.60
CA ASN A 105 -10.47 10.83 4.42
C ASN A 105 -10.14 10.77 5.91
N LEU A 106 -9.00 10.17 6.25
CA LEU A 106 -8.56 10.08 7.64
C LEU A 106 -7.64 11.25 8.00
N LEU A 107 -7.32 12.07 7.01
CA LEU A 107 -6.47 13.23 7.23
C LEU A 107 -7.25 14.35 7.91
N PRO A 108 -6.56 15.22 8.66
CA PRO A 108 -7.17 16.44 9.21
C PRO A 108 -7.64 17.36 8.10
N GLU A 109 -8.64 18.19 8.40
CA GLU A 109 -9.30 19.01 7.39
C GLU A 109 -8.29 19.85 6.60
N GLU A 110 -7.35 20.46 7.31
CA GLU A 110 -6.31 21.27 6.69
C GLU A 110 -5.54 20.47 5.64
N LYS A 111 -5.15 19.25 6.00
CA LYS A 111 -4.37 18.39 5.12
C LYS A 111 -5.26 17.85 4.01
N ARG A 112 -6.47 17.45 4.39
CA ARG A 112 -7.43 16.86 3.49
C ARG A 112 -7.80 17.84 2.37
N LYS A 113 -8.09 19.08 2.74
CA LYS A 113 -8.48 20.09 1.79
C LYS A 113 -7.36 20.41 0.81
N LEU A 114 -6.11 20.29 1.26
CA LEU A 114 -4.98 20.51 0.39
C LEU A 114 -5.00 19.56 -0.79
N LEU A 115 -5.19 18.27 -0.50
CA LEU A 115 -5.19 17.24 -1.54
C LEU A 115 -6.42 17.36 -2.43
N VAL A 116 -7.50 17.91 -1.88
CA VAL A 116 -8.73 18.11 -2.65
C VAL A 116 -8.60 19.30 -3.60
N GLN A 117 -7.93 20.34 -3.13
CA GLN A 117 -7.76 21.56 -3.91
C GLN A 117 -6.78 21.36 -5.06
N LEU A 118 -5.84 20.43 -4.90
CA LEU A 118 -4.85 20.15 -5.94
C LEU A 118 -5.51 19.55 -7.18
N MET A 1 3.10 -4.60 -15.84
CA MET A 1 2.95 -3.48 -14.89
C MET A 1 3.61 -3.87 -13.57
N THR A 2 4.79 -3.32 -13.33
CA THR A 2 5.62 -3.77 -12.22
C THR A 2 5.95 -2.63 -11.25
N ILE A 3 6.57 -2.97 -10.13
CA ILE A 3 6.85 -2.02 -9.04
C ILE A 3 7.61 -0.78 -9.52
N SER A 4 8.49 -0.94 -10.49
CA SER A 4 9.22 0.19 -11.05
C SER A 4 8.26 1.25 -11.59
N GLU A 5 7.19 0.79 -12.22
CA GLU A 5 6.15 1.67 -12.74
C GLU A 5 5.24 2.16 -11.62
N LEU A 6 5.07 1.31 -10.60
CA LEU A 6 4.26 1.66 -9.44
C LEU A 6 4.82 2.87 -8.71
N LEU A 7 6.15 2.98 -8.68
CA LEU A 7 6.82 4.09 -8.02
C LEU A 7 6.31 5.42 -8.57
N GLN A 8 6.30 5.53 -9.89
CA GLN A 8 5.83 6.73 -10.55
C GLN A 8 4.34 6.91 -10.36
N TYR A 9 3.60 5.79 -10.36
CA TYR A 9 2.16 5.82 -10.16
C TYR A 9 1.80 6.32 -8.76
N CYS A 10 2.62 5.97 -7.78
CA CYS A 10 2.41 6.41 -6.40
C CYS A 10 2.68 7.91 -6.30
N MET A 11 3.63 8.39 -7.08
CA MET A 11 3.98 9.80 -7.09
C MET A 11 2.99 10.60 -7.93
N ALA A 12 2.03 9.89 -8.52
CA ALA A 12 0.95 10.55 -9.24
C ALA A 12 -0.21 10.84 -8.29
N LYS A 13 -0.05 10.42 -7.04
CA LYS A 13 -1.04 10.68 -6.01
C LYS A 13 -0.57 11.82 -5.12
N PRO A 14 -1.12 13.03 -5.31
CA PRO A 14 -0.69 14.22 -4.58
C PRO A 14 -0.90 14.11 -3.07
N GLY A 15 0.19 14.20 -2.32
CA GLY A 15 0.09 14.14 -0.88
C GLY A 15 0.80 12.93 -0.31
N ALA A 16 0.92 11.90 -1.13
CA ALA A 16 1.60 10.67 -0.72
C ALA A 16 3.09 10.80 -1.02
N GLU A 17 3.91 10.63 0.01
CA GLU A 17 5.34 10.63 -0.16
C GLU A 17 5.92 9.27 0.16
N GLN A 18 6.64 8.70 -0.78
CA GLN A 18 7.26 7.41 -0.59
C GLN A 18 8.70 7.57 -0.15
N SER A 19 9.24 6.57 0.52
CA SER A 19 10.61 6.58 0.97
C SER A 19 11.14 5.17 1.12
N VAL A 20 11.97 4.73 0.17
CA VAL A 20 12.58 3.42 0.26
C VAL A 20 13.76 3.44 1.22
N HIS A 21 13.60 2.75 2.33
CA HIS A 21 14.66 2.67 3.33
C HIS A 21 15.59 1.52 2.99
N ASN A 22 16.88 1.80 2.89
CA ASN A 22 17.88 0.80 2.52
C ASN A 22 18.23 -0.07 3.73
N ASP A 23 17.38 -0.01 4.75
CA ASP A 23 17.55 -0.82 5.95
C ASP A 23 17.32 -2.28 5.62
N TRP A 24 16.14 -2.56 5.05
CA TRP A 24 15.80 -3.91 4.59
C TRP A 24 15.06 -3.84 3.26
N LYS A 25 15.17 -2.67 2.62
CA LYS A 25 14.54 -2.40 1.33
C LYS A 25 13.01 -2.48 1.42
N ALA A 26 12.43 -1.37 1.84
CA ALA A 26 10.98 -1.22 1.91
C ALA A 26 10.64 0.24 1.73
N THR A 27 9.63 0.52 0.94
CA THR A 27 9.24 1.89 0.65
C THR A 27 8.05 2.31 1.51
N GLN A 28 8.29 3.31 2.34
CA GLN A 28 7.26 3.83 3.22
C GLN A 28 6.47 4.92 2.51
N ILE A 29 5.20 4.65 2.22
CA ILE A 29 4.35 5.62 1.55
C ILE A 29 3.35 6.20 2.54
N LYS A 30 3.55 7.45 2.91
CA LYS A 30 2.69 8.09 3.90
C LYS A 30 2.42 9.54 3.53
N VAL A 31 1.48 10.13 4.24
CA VAL A 31 1.22 11.56 4.11
C VAL A 31 2.17 12.31 5.07
N GLU A 32 1.70 13.36 5.71
CA GLU A 32 2.53 14.12 6.64
C GLU A 32 2.87 13.27 7.86
N ASP A 33 1.86 12.67 8.47
CA ASP A 33 2.06 11.81 9.62
C ASP A 33 1.12 10.61 9.58
N VAL A 34 0.54 10.36 8.40
CA VAL A 34 -0.41 9.27 8.24
C VAL A 34 0.17 8.19 7.31
N LEU A 35 0.51 7.05 7.89
CA LEU A 35 1.02 5.92 7.12
C LEU A 35 -0.13 4.97 6.77
N PHE A 36 -0.42 4.87 5.48
CA PHE A 36 -1.55 4.06 5.04
C PHE A 36 -1.10 2.74 4.38
N ALA A 37 0.06 2.76 3.72
CA ALA A 37 0.55 1.57 3.04
C ALA A 37 2.05 1.63 2.84
N MET A 38 2.66 0.45 2.71
CA MET A 38 4.08 0.35 2.47
C MET A 38 4.36 -0.74 1.44
N VAL A 39 4.97 -0.38 0.32
CA VAL A 39 5.38 -1.36 -0.69
C VAL A 39 6.77 -1.86 -0.34
N LYS A 40 6.98 -3.16 -0.45
CA LYS A 40 8.16 -3.77 0.12
C LYS A 40 8.54 -5.04 -0.61
N GLU A 41 9.83 -5.21 -0.87
CA GLU A 41 10.33 -6.47 -1.37
C GLU A 41 10.78 -7.32 -0.19
N VAL A 42 10.03 -8.37 0.05
CA VAL A 42 10.33 -9.28 1.14
C VAL A 42 10.41 -10.70 0.60
N GLU A 43 11.43 -11.44 1.03
CA GLU A 43 11.76 -12.73 0.42
C GLU A 43 12.12 -12.51 -1.05
N ASN A 44 12.56 -11.27 -1.33
CA ASN A 44 12.89 -10.81 -2.68
C ASN A 44 11.64 -10.87 -3.57
N ARG A 45 10.48 -10.82 -2.95
CA ARG A 45 9.22 -10.81 -3.65
C ARG A 45 8.52 -9.47 -3.43
N PRO A 46 7.99 -8.86 -4.49
CA PRO A 46 7.27 -7.60 -4.38
C PRO A 46 5.93 -7.76 -3.68
N ALA A 47 5.74 -7.06 -2.58
CA ALA A 47 4.51 -7.10 -1.83
C ALA A 47 4.18 -5.72 -1.27
N VAL A 48 2.97 -5.58 -0.73
CA VAL A 48 2.57 -4.32 -0.12
C VAL A 48 1.74 -4.58 1.13
N SER A 49 2.05 -3.85 2.20
CA SER A 49 1.30 -3.96 3.44
C SER A 49 0.43 -2.72 3.63
N LEU A 50 -0.87 -2.94 3.71
CA LEU A 50 -1.82 -1.85 3.94
C LEU A 50 -2.19 -1.79 5.41
N LYS A 51 -2.42 -0.59 5.90
CA LYS A 51 -2.83 -0.41 7.29
C LYS A 51 -4.35 -0.33 7.39
N THR A 52 -4.99 -0.05 6.26
CA THR A 52 -6.44 0.13 6.22
C THR A 52 -7.05 -0.80 5.17
N SER A 53 -8.27 -0.46 4.73
CA SER A 53 -9.04 -1.25 3.76
C SER A 53 -9.63 -2.50 4.41
N PRO A 54 -10.97 -2.55 4.51
CA PRO A 54 -11.69 -3.70 5.04
C PRO A 54 -11.74 -4.85 4.05
N GLU A 55 -11.56 -4.54 2.78
CA GLU A 55 -11.64 -5.54 1.73
C GLU A 55 -10.38 -6.41 1.72
N LEU A 56 -9.23 -5.79 2.01
CA LEU A 56 -7.98 -6.53 2.13
C LEU A 56 -8.06 -7.53 3.28
N ALA A 57 -8.74 -7.12 4.34
CA ALA A 57 -8.97 -7.99 5.48
C ALA A 57 -9.78 -9.21 5.07
N GLU A 58 -10.77 -9.01 4.21
CA GLU A 58 -11.59 -10.10 3.69
C GLU A 58 -10.73 -11.13 2.96
N LEU A 59 -9.88 -10.65 2.07
CA LEU A 59 -8.95 -11.52 1.35
C LEU A 59 -8.01 -12.24 2.33
N LEU A 60 -7.71 -11.57 3.43
CA LEU A 60 -6.84 -12.13 4.45
C LEU A 60 -7.54 -13.23 5.25
N ARG A 61 -8.82 -13.02 5.57
CA ARG A 61 -9.57 -13.99 6.36
C ARG A 61 -9.91 -15.22 5.53
N GLN A 62 -10.48 -14.98 4.36
CA GLN A 62 -10.97 -16.06 3.51
C GLN A 62 -9.83 -16.71 2.72
N GLN A 63 -9.09 -15.89 1.99
CA GLN A 63 -8.02 -16.39 1.15
C GLN A 63 -6.68 -16.35 1.88
N HIS A 64 -6.65 -16.99 3.05
CA HIS A 64 -5.49 -16.96 3.95
C HIS A 64 -4.37 -17.87 3.47
N SER A 65 -4.09 -17.83 2.18
CA SER A 65 -3.00 -18.59 1.59
C SER A 65 -2.72 -18.06 0.19
N ASP A 66 -3.80 -17.72 -0.52
CA ASP A 66 -3.69 -17.15 -1.86
C ASP A 66 -3.02 -15.78 -1.82
N VAL A 67 -3.47 -14.94 -0.90
CA VAL A 67 -2.93 -13.59 -0.78
C VAL A 67 -1.53 -13.62 -0.18
N ARG A 68 -1.35 -14.47 0.85
CA ARG A 68 -0.08 -14.63 1.57
C ARG A 68 0.38 -13.31 2.20
N PRO A 69 0.21 -13.17 3.52
CA PRO A 69 0.67 -12.00 4.26
C PRO A 69 2.18 -12.06 4.56
N SER A 70 2.69 -11.02 5.21
CA SER A 70 4.11 -10.96 5.54
C SER A 70 4.37 -11.58 6.90
N ARG A 71 5.05 -12.74 6.88
CA ARG A 71 5.31 -13.52 8.09
C ARG A 71 6.19 -12.75 9.09
N HIS A 72 6.96 -11.80 8.60
CA HIS A 72 7.89 -11.04 9.44
C HIS A 72 7.14 -10.07 10.35
N LEU A 73 5.91 -9.74 10.00
CA LEU A 73 5.14 -8.78 10.78
C LEU A 73 3.83 -9.40 11.27
N ASN A 74 3.03 -8.59 11.95
CA ASN A 74 1.73 -9.03 12.45
C ASN A 74 0.75 -9.19 11.30
N LYS A 75 0.52 -10.43 10.90
CA LYS A 75 -0.39 -10.74 9.80
C LYS A 75 -1.84 -10.43 10.19
N ALA A 76 -2.11 -10.43 11.48
CA ALA A 76 -3.45 -10.11 11.98
C ALA A 76 -3.47 -8.70 12.58
N HIS A 77 -2.78 -7.77 11.94
CA HIS A 77 -2.75 -6.37 12.38
C HIS A 77 -2.50 -5.48 11.19
N TRP A 78 -1.65 -5.95 10.29
CA TRP A 78 -1.49 -5.35 8.98
C TRP A 78 -2.08 -6.28 7.94
N SER A 79 -2.20 -5.81 6.72
CA SER A 79 -2.65 -6.66 5.64
C SER A 79 -1.63 -6.61 4.52
N THR A 80 -1.17 -7.77 4.10
CA THR A 80 -0.11 -7.84 3.10
C THR A 80 -0.51 -8.76 1.96
N VAL A 81 -0.36 -8.26 0.75
CA VAL A 81 -0.62 -9.05 -0.44
C VAL A 81 0.65 -9.18 -1.27
N TYR A 82 1.08 -10.41 -1.51
CA TYR A 82 2.25 -10.67 -2.34
C TYR A 82 1.90 -10.51 -3.81
N LEU A 83 2.57 -9.57 -4.45
CA LEU A 83 2.34 -9.30 -5.87
C LEU A 83 3.39 -10.02 -6.70
N ASP A 84 3.86 -11.16 -6.21
CA ASP A 84 4.90 -11.93 -6.86
C ASP A 84 4.35 -12.70 -8.06
N GLY A 85 3.05 -12.55 -8.30
CA GLY A 85 2.43 -13.24 -9.42
C GLY A 85 1.08 -13.82 -9.05
N SER A 86 0.81 -13.90 -7.75
CA SER A 86 -0.45 -14.42 -7.26
C SER A 86 -1.60 -13.53 -7.72
N LEU A 87 -1.52 -12.24 -7.39
CA LEU A 87 -2.53 -11.28 -7.79
C LEU A 87 -2.10 -10.57 -9.06
N PRO A 88 -3.03 -10.30 -9.97
CA PRO A 88 -2.74 -9.63 -11.25
C PRO A 88 -2.40 -8.16 -11.07
N ASP A 89 -1.76 -7.57 -12.08
CA ASP A 89 -1.37 -6.16 -12.03
C ASP A 89 -2.60 -5.25 -11.99
N SER A 90 -3.71 -5.74 -12.50
CA SER A 90 -4.96 -5.01 -12.49
C SER A 90 -5.45 -4.79 -11.06
N GLN A 91 -5.08 -5.70 -10.17
CA GLN A 91 -5.44 -5.61 -8.76
C GLN A 91 -4.64 -4.52 -8.05
N ILE A 92 -3.40 -4.33 -8.51
CA ILE A 92 -2.49 -3.39 -7.88
C ILE A 92 -3.03 -1.96 -7.92
N TYR A 93 -3.71 -1.61 -9.01
CA TYR A 93 -4.32 -0.29 -9.15
C TYR A 93 -5.23 0.02 -7.96
N TYR A 94 -6.10 -0.93 -7.65
CA TYR A 94 -7.05 -0.80 -6.56
C TYR A 94 -6.34 -0.60 -5.24
N LEU A 95 -5.29 -1.38 -5.01
CA LEU A 95 -4.57 -1.37 -3.75
C LEU A 95 -3.95 -0.01 -3.46
N VAL A 96 -3.38 0.61 -4.49
CA VAL A 96 -2.70 1.87 -4.31
C VAL A 96 -3.68 3.05 -4.19
N ASP A 97 -4.59 3.15 -5.14
CA ASP A 97 -5.50 4.31 -5.20
C ASP A 97 -6.46 4.31 -4.01
N ALA A 98 -7.00 3.15 -3.67
CA ALA A 98 -7.97 3.06 -2.58
C ALA A 98 -7.33 3.46 -1.25
N SER A 99 -6.11 3.01 -1.01
CA SER A 99 -5.41 3.34 0.22
C SER A 99 -5.16 4.85 0.32
N TYR A 100 -4.79 5.46 -0.80
CA TYR A 100 -4.57 6.89 -0.85
C TYR A 100 -5.86 7.65 -0.54
N GLN A 101 -6.96 7.25 -1.20
CA GLN A 101 -8.26 7.89 -0.99
C GLN A 101 -8.67 7.82 0.48
N GLN A 102 -8.49 6.66 1.09
CA GLN A 102 -8.84 6.47 2.50
C GLN A 102 -8.10 7.48 3.39
N ALA A 103 -6.81 7.65 3.13
CA ALA A 103 -6.00 8.56 3.92
C ALA A 103 -6.45 10.00 3.76
N VAL A 104 -6.83 10.38 2.54
CA VAL A 104 -7.27 11.74 2.24
C VAL A 104 -8.55 12.07 3.01
N ASN A 105 -9.49 11.14 3.03
CA ASN A 105 -10.78 11.37 3.67
C ASN A 105 -10.65 11.46 5.19
N LEU A 106 -9.54 10.95 5.71
CA LEU A 106 -9.31 10.96 7.15
C LEU A 106 -8.59 12.23 7.58
N LEU A 107 -8.13 13.00 6.61
CA LEU A 107 -7.40 14.22 6.88
C LEU A 107 -8.35 15.39 7.13
N PRO A 108 -7.89 16.41 7.87
CA PRO A 108 -8.68 17.63 8.12
C PRO A 108 -9.01 18.37 6.83
N GLU A 109 -10.02 19.22 6.91
CA GLU A 109 -10.52 19.95 5.78
C GLU A 109 -9.42 20.73 5.07
N GLU A 110 -8.62 21.47 5.85
CA GLU A 110 -7.55 22.29 5.32
C GLU A 110 -6.63 21.48 4.42
N LYS A 111 -6.18 20.34 4.94
CA LYS A 111 -5.27 19.46 4.22
C LYS A 111 -5.95 18.85 2.99
N ARG A 112 -7.21 18.47 3.16
CA ARG A 112 -7.96 17.79 2.10
C ARG A 112 -8.07 18.66 0.85
N LYS A 113 -8.21 19.97 1.04
CA LYS A 113 -8.38 20.91 -0.07
C LYS A 113 -7.20 20.83 -1.04
N LEU A 114 -6.00 20.86 -0.46
CA LEU A 114 -4.77 20.89 -1.22
C LEU A 114 -4.62 19.65 -2.11
N LEU A 115 -4.91 18.50 -1.54
CA LEU A 115 -4.76 17.23 -2.24
C LEU A 115 -5.73 17.14 -3.43
N VAL A 116 -6.88 17.76 -3.30
CA VAL A 116 -7.89 17.73 -4.35
C VAL A 116 -7.54 18.69 -5.48
N GLN A 117 -6.89 19.80 -5.13
CA GLN A 117 -6.56 20.83 -6.10
C GLN A 117 -5.39 20.43 -7.00
N LEU A 118 -4.50 19.58 -6.50
CA LEU A 118 -3.31 19.19 -7.24
C LEU A 118 -3.64 18.13 -8.29
N MET A 1 2.60 -5.79 -14.51
CA MET A 1 3.38 -4.54 -14.35
C MET A 1 4.50 -4.75 -13.34
N THR A 2 5.40 -3.78 -13.26
CA THR A 2 6.48 -3.82 -12.28
C THR A 2 6.38 -2.65 -11.31
N ILE A 3 7.33 -2.59 -10.38
CA ILE A 3 7.29 -1.62 -9.30
C ILE A 3 7.41 -0.18 -9.80
N SER A 4 8.11 0.02 -10.90
CA SER A 4 8.36 1.36 -11.42
C SER A 4 7.04 2.05 -11.81
N GLU A 5 6.20 1.34 -12.55
CA GLU A 5 4.90 1.88 -12.95
C GLU A 5 4.03 2.15 -11.72
N LEU A 6 4.08 1.20 -10.78
CA LEU A 6 3.33 1.31 -9.53
C LEU A 6 3.75 2.58 -8.79
N LEU A 7 5.06 2.84 -8.79
CA LEU A 7 5.61 4.03 -8.16
C LEU A 7 5.08 5.28 -8.85
N GLN A 8 5.09 5.25 -10.18
CA GLN A 8 4.59 6.38 -10.98
C GLN A 8 3.12 6.67 -10.66
N TYR A 9 2.35 5.60 -10.47
CA TYR A 9 0.94 5.75 -10.11
C TYR A 9 0.80 6.47 -8.77
N CYS A 10 1.61 6.06 -7.81
CA CYS A 10 1.61 6.65 -6.48
C CYS A 10 1.98 8.13 -6.54
N MET A 11 2.90 8.48 -7.43
CA MET A 11 3.34 9.86 -7.57
C MET A 11 2.24 10.74 -8.17
N ALA A 12 1.27 10.10 -8.80
CA ALA A 12 0.13 10.82 -9.37
C ALA A 12 -0.90 11.12 -8.29
N LYS A 13 -0.68 10.59 -7.10
CA LYS A 13 -1.55 10.81 -5.97
C LYS A 13 -1.02 11.97 -5.13
N PRO A 14 -1.79 13.06 -5.03
CA PRO A 14 -1.37 14.26 -4.31
C PRO A 14 -1.14 13.98 -2.83
N GLY A 15 0.10 14.08 -2.39
CA GLY A 15 0.41 13.91 -0.98
C GLY A 15 1.22 12.66 -0.72
N ALA A 16 1.20 11.73 -1.68
CA ALA A 16 1.96 10.49 -1.54
C ALA A 16 3.44 10.74 -1.74
N GLU A 17 4.21 10.56 -0.69
CA GLU A 17 5.65 10.77 -0.75
C GLU A 17 6.39 9.45 -0.56
N GLN A 18 7.61 9.38 -1.08
CA GLN A 18 8.44 8.18 -0.95
C GLN A 18 9.29 8.27 0.31
N SER A 19 9.44 7.16 1.01
CA SER A 19 10.29 7.11 2.18
C SER A 19 10.93 5.74 2.34
N VAL A 20 12.23 5.67 2.12
CA VAL A 20 12.96 4.43 2.30
C VAL A 20 13.61 4.39 3.67
N HIS A 21 13.30 3.35 4.43
CA HIS A 21 13.83 3.21 5.78
C HIS A 21 14.99 2.21 5.76
N ASN A 22 16.16 2.66 6.20
CA ASN A 22 17.35 1.82 6.23
C ASN A 22 17.21 0.76 7.31
N ASP A 23 16.77 -0.42 6.90
CA ASP A 23 16.55 -1.55 7.79
C ASP A 23 15.94 -2.68 6.98
N TRP A 24 14.68 -2.50 6.60
CA TRP A 24 14.01 -3.38 5.65
C TRP A 24 14.42 -2.99 4.24
N LYS A 25 14.86 -1.74 4.08
CA LYS A 25 15.28 -1.19 2.80
C LYS A 25 14.09 -1.09 1.85
N ALA A 26 12.91 -1.10 2.44
CA ALA A 26 11.67 -1.02 1.71
C ALA A 26 11.25 0.44 1.55
N THR A 27 10.25 0.69 0.72
CA THR A 27 9.75 2.03 0.52
C THR A 27 8.36 2.17 1.13
N GLN A 28 8.24 3.05 2.09
CA GLN A 28 6.97 3.33 2.73
C GLN A 28 6.28 4.50 2.03
N ILE A 29 5.02 4.32 1.71
CA ILE A 29 4.25 5.34 1.03
C ILE A 29 3.31 6.02 2.02
N LYS A 30 3.61 7.27 2.33
CA LYS A 30 2.86 8.00 3.34
C LYS A 30 2.54 9.43 2.87
N VAL A 31 1.57 10.03 3.54
CA VAL A 31 1.21 11.43 3.27
C VAL A 31 1.96 12.32 4.26
N GLU A 32 1.26 13.27 4.86
CA GLU A 32 1.84 14.14 5.88
C GLU A 32 2.41 13.33 7.03
N ASP A 33 1.54 12.67 7.77
CA ASP A 33 1.98 11.84 8.90
C ASP A 33 1.23 10.51 8.87
N VAL A 34 0.51 10.28 7.78
CA VAL A 34 -0.30 9.08 7.66
C VAL A 34 0.34 8.07 6.70
N LEU A 35 0.93 7.04 7.26
CA LEU A 35 1.44 5.93 6.48
C LEU A 35 0.32 4.95 6.20
N PHE A 36 0.12 4.57 4.95
CA PHE A 36 -0.97 3.68 4.60
C PHE A 36 -0.49 2.38 3.96
N ALA A 37 0.59 2.45 3.18
CA ALA A 37 1.09 1.26 2.51
C ALA A 37 2.60 1.29 2.44
N MET A 38 3.20 0.12 2.26
CA MET A 38 4.65 0.01 2.13
C MET A 38 5.02 -1.13 1.19
N VAL A 39 5.89 -0.86 0.23
CA VAL A 39 6.34 -1.87 -0.70
C VAL A 39 7.68 -2.43 -0.24
N LYS A 40 7.71 -3.74 -0.03
CA LYS A 40 8.88 -4.39 0.55
C LYS A 40 9.21 -5.69 -0.17
N GLU A 41 10.39 -5.73 -0.76
CA GLU A 41 10.88 -6.94 -1.40
C GLU A 41 11.39 -7.89 -0.34
N VAL A 42 10.86 -9.10 -0.33
CA VAL A 42 11.27 -10.11 0.62
C VAL A 42 11.21 -11.48 -0.02
N GLU A 43 12.24 -12.30 0.22
CA GLU A 43 12.30 -13.64 -0.31
C GLU A 43 12.42 -13.62 -1.83
N ASN A 44 13.07 -12.57 -2.33
CA ASN A 44 13.29 -12.36 -3.76
C ASN A 44 11.95 -12.10 -4.44
N ARG A 45 11.05 -11.48 -3.69
CA ARG A 45 9.70 -11.21 -4.16
C ARG A 45 9.19 -9.88 -3.63
N PRO A 46 9.05 -8.89 -4.52
CA PRO A 46 8.50 -7.58 -4.16
C PRO A 46 7.02 -7.67 -3.81
N ALA A 47 6.70 -7.38 -2.56
CA ALA A 47 5.32 -7.44 -2.11
C ALA A 47 4.95 -6.15 -1.39
N VAL A 48 3.66 -5.83 -1.37
CA VAL A 48 3.21 -4.58 -0.77
C VAL A 48 2.32 -4.87 0.44
N SER A 49 2.56 -4.17 1.52
CA SER A 49 1.79 -4.36 2.74
C SER A 49 0.77 -3.24 2.91
N LEU A 50 -0.50 -3.62 3.01
CA LEU A 50 -1.57 -2.68 3.23
C LEU A 50 -2.12 -2.87 4.64
N LYS A 51 -3.10 -2.05 5.01
CA LYS A 51 -3.75 -2.16 6.30
C LYS A 51 -4.97 -3.07 6.21
N THR A 52 -5.60 -3.31 7.36
CA THR A 52 -6.84 -4.05 7.40
C THR A 52 -7.98 -3.20 6.84
N SER A 53 -8.18 -3.30 5.53
CA SER A 53 -9.24 -2.57 4.85
C SER A 53 -10.27 -3.55 4.32
N PRO A 54 -11.48 -3.08 3.93
CA PRO A 54 -12.59 -3.93 3.47
C PRO A 54 -12.16 -5.16 2.67
N GLU A 55 -11.62 -4.94 1.48
CA GLU A 55 -11.19 -6.04 0.61
C GLU A 55 -10.01 -6.80 1.20
N LEU A 56 -9.13 -6.10 1.87
CA LEU A 56 -7.91 -6.71 2.44
C LEU A 56 -8.27 -7.66 3.58
N ALA A 57 -9.20 -7.24 4.42
CA ALA A 57 -9.66 -8.07 5.52
C ALA A 57 -10.38 -9.30 4.99
N GLU A 58 -11.29 -9.07 4.05
CA GLU A 58 -12.04 -10.14 3.41
C GLU A 58 -11.10 -11.11 2.70
N LEU A 59 -10.06 -10.57 2.08
CA LEU A 59 -9.02 -11.35 1.45
C LEU A 59 -8.46 -12.39 2.41
N LEU A 60 -8.08 -11.94 3.60
CA LEU A 60 -7.52 -12.83 4.62
C LEU A 60 -8.59 -13.79 5.16
N ARG A 61 -9.83 -13.33 5.16
CA ARG A 61 -10.94 -14.11 5.70
C ARG A 61 -11.32 -15.27 4.77
N GLN A 62 -11.38 -15.00 3.48
CA GLN A 62 -11.81 -16.01 2.51
C GLN A 62 -10.62 -16.72 1.86
N GLN A 63 -9.66 -15.96 1.36
CA GLN A 63 -8.54 -16.52 0.61
C GLN A 63 -7.55 -17.20 1.54
N HIS A 64 -7.67 -18.52 1.67
CA HIS A 64 -6.73 -19.29 2.46
C HIS A 64 -5.52 -19.65 1.60
N SER A 65 -5.72 -19.61 0.28
CA SER A 65 -4.65 -19.82 -0.66
C SER A 65 -4.22 -18.48 -1.27
N ASP A 66 -3.28 -18.51 -2.20
CA ASP A 66 -2.81 -17.31 -2.91
C ASP A 66 -2.02 -16.39 -2.00
N VAL A 67 -2.72 -15.72 -1.09
CA VAL A 67 -2.10 -14.73 -0.23
C VAL A 67 -1.09 -15.37 0.73
N ARG A 68 0.13 -14.86 0.67
CA ARG A 68 1.19 -15.29 1.58
C ARG A 68 1.56 -14.13 2.49
N PRO A 69 1.09 -14.15 3.74
CA PRO A 69 1.32 -13.07 4.70
C PRO A 69 2.79 -12.99 5.13
N SER A 70 3.58 -12.24 4.38
CA SER A 70 5.00 -12.12 4.68
C SER A 70 5.24 -10.92 5.58
N ARG A 71 4.79 -11.04 6.81
CA ARG A 71 4.91 -9.96 7.77
C ARG A 71 5.62 -10.47 9.02
N HIS A 72 6.85 -10.01 9.21
CA HIS A 72 7.61 -10.36 10.41
C HIS A 72 7.20 -9.43 11.54
N LEU A 73 6.56 -8.32 11.17
CA LEU A 73 6.02 -7.38 12.14
C LEU A 73 4.58 -7.80 12.49
N ASN A 74 3.78 -6.85 12.99
CA ASN A 74 2.37 -7.10 13.32
C ASN A 74 1.63 -7.78 12.17
N LYS A 75 1.21 -9.01 12.40
CA LYS A 75 0.47 -9.78 11.41
C LYS A 75 -0.97 -9.29 11.33
N ALA A 76 -1.64 -9.21 12.47
CA ALA A 76 -3.02 -8.75 12.51
C ALA A 76 -3.09 -7.23 12.58
N HIS A 77 -2.65 -6.59 11.51
CA HIS A 77 -2.70 -5.13 11.39
C HIS A 77 -2.21 -4.72 10.01
N TRP A 78 -1.15 -5.39 9.57
CA TRP A 78 -0.60 -5.16 8.25
C TRP A 78 -0.62 -6.48 7.47
N SER A 79 -1.02 -6.41 6.21
CA SER A 79 -1.07 -7.60 5.39
C SER A 79 -0.26 -7.41 4.13
N THR A 80 0.66 -8.32 3.90
CA THR A 80 1.55 -8.24 2.76
C THR A 80 1.00 -9.03 1.58
N VAL A 81 0.66 -8.32 0.52
CA VAL A 81 0.12 -8.94 -0.67
C VAL A 81 1.25 -9.37 -1.60
N TYR A 82 1.34 -10.67 -1.81
CA TYR A 82 2.37 -11.23 -2.68
C TYR A 82 2.08 -10.92 -4.14
N LEU A 83 2.99 -10.19 -4.78
CA LEU A 83 2.84 -9.87 -6.19
C LEU A 83 3.45 -10.98 -7.04
N ASP A 84 3.74 -12.11 -6.39
CA ASP A 84 4.35 -13.25 -7.04
C ASP A 84 3.28 -14.09 -7.72
N GLY A 85 2.75 -13.56 -8.82
CA GLY A 85 1.77 -14.28 -9.61
C GLY A 85 0.46 -14.53 -8.87
N SER A 86 0.02 -13.55 -8.08
CA SER A 86 -1.22 -13.68 -7.34
C SER A 86 -2.31 -12.77 -7.93
N LEU A 87 -2.27 -11.50 -7.55
CA LEU A 87 -3.27 -10.54 -8.02
C LEU A 87 -2.84 -9.93 -9.34
N PRO A 88 -3.82 -9.66 -10.23
CA PRO A 88 -3.56 -9.06 -11.54
C PRO A 88 -3.15 -7.59 -11.43
N ASP A 89 -2.63 -7.04 -12.53
CA ASP A 89 -2.17 -5.66 -12.58
C ASP A 89 -3.33 -4.69 -12.45
N SER A 90 -4.51 -5.14 -12.85
CA SER A 90 -5.71 -4.32 -12.78
C SER A 90 -6.14 -4.09 -11.33
N GLN A 91 -5.81 -5.05 -10.47
CA GLN A 91 -6.18 -4.98 -9.07
C GLN A 91 -5.36 -3.91 -8.35
N ILE A 92 -4.13 -3.72 -8.83
CA ILE A 92 -3.20 -2.77 -8.24
C ILE A 92 -3.80 -1.36 -8.20
N TYR A 93 -4.47 -0.98 -9.28
CA TYR A 93 -5.10 0.35 -9.37
C TYR A 93 -6.09 0.56 -8.23
N TYR A 94 -6.88 -0.46 -7.94
CA TYR A 94 -7.89 -0.38 -6.90
C TYR A 94 -7.23 -0.36 -5.52
N LEU A 95 -6.19 -1.17 -5.35
CA LEU A 95 -5.50 -1.28 -4.07
C LEU A 95 -4.87 0.05 -3.66
N VAL A 96 -4.25 0.73 -4.62
CA VAL A 96 -3.58 2.00 -4.36
C VAL A 96 -4.59 3.06 -3.92
N ASP A 97 -5.65 3.24 -4.71
CA ASP A 97 -6.66 4.25 -4.40
C ASP A 97 -7.37 3.96 -3.09
N ALA A 98 -7.61 2.68 -2.81
CA ALA A 98 -8.26 2.29 -1.57
C ALA A 98 -7.42 2.67 -0.36
N SER A 99 -6.11 2.52 -0.50
CA SER A 99 -5.18 2.82 0.58
C SER A 99 -4.99 4.34 0.71
N TYR A 100 -5.03 5.03 -0.42
CA TYR A 100 -4.87 6.48 -0.45
C TYR A 100 -6.12 7.17 0.08
N GLN A 101 -7.29 6.69 -0.31
CA GLN A 101 -8.56 7.28 0.10
C GLN A 101 -8.70 7.29 1.61
N GLN A 102 -8.48 6.13 2.22
CA GLN A 102 -8.58 5.98 3.67
C GLN A 102 -7.60 6.92 4.38
N ALA A 103 -6.45 7.17 3.76
CA ALA A 103 -5.46 8.07 4.32
C ALA A 103 -5.96 9.52 4.26
N VAL A 104 -6.58 9.87 3.14
CA VAL A 104 -7.14 11.22 2.96
C VAL A 104 -8.26 11.46 3.98
N ASN A 105 -9.01 10.42 4.28
CA ASN A 105 -10.10 10.52 5.26
C ASN A 105 -9.56 10.72 6.67
N LEU A 106 -8.27 10.42 6.86
CA LEU A 106 -7.63 10.61 8.15
C LEU A 106 -6.87 11.93 8.19
N LEU A 107 -6.85 12.62 7.06
CA LEU A 107 -6.18 13.90 6.95
C LEU A 107 -7.10 15.04 7.41
N PRO A 108 -6.51 16.13 7.93
CA PRO A 108 -7.27 17.30 8.39
C PRO A 108 -7.91 18.07 7.24
N GLU A 109 -8.79 19.01 7.60
CA GLU A 109 -9.54 19.81 6.65
C GLU A 109 -8.61 20.50 5.65
N GLU A 110 -7.58 21.15 6.18
CA GLU A 110 -6.62 21.90 5.37
C GLU A 110 -6.06 21.06 4.24
N LYS A 111 -5.54 19.90 4.58
CA LYS A 111 -4.84 19.05 3.62
C LYS A 111 -5.76 18.58 2.51
N ARG A 112 -6.97 18.18 2.86
CA ARG A 112 -7.91 17.64 1.89
C ARG A 112 -8.28 18.69 0.85
N LYS A 113 -8.49 19.92 1.32
CA LYS A 113 -8.86 21.00 0.43
C LYS A 113 -7.69 21.40 -0.46
N LEU A 114 -6.48 21.25 0.05
CA LEU A 114 -5.28 21.53 -0.71
C LEU A 114 -5.09 20.50 -1.82
N LEU A 115 -5.36 19.24 -1.50
CA LEU A 115 -5.21 18.14 -2.47
C LEU A 115 -6.10 18.35 -3.68
N VAL A 116 -7.28 18.94 -3.45
CA VAL A 116 -8.23 19.21 -4.53
C VAL A 116 -7.72 20.33 -5.44
N GLN A 117 -6.93 21.23 -4.86
CA GLN A 117 -6.37 22.37 -5.58
C GLN A 117 -5.19 21.96 -6.47
N LEU A 118 -4.49 20.91 -6.06
CA LEU A 118 -3.29 20.48 -6.75
C LEU A 118 -3.62 19.53 -7.90
N MET A 1 3.96 -6.31 -13.81
CA MET A 1 4.23 -4.87 -13.61
C MET A 1 5.57 -4.68 -12.92
N THR A 2 6.19 -3.54 -13.15
CA THR A 2 7.43 -3.21 -12.48
C THR A 2 7.16 -2.14 -11.42
N ILE A 3 7.93 -2.18 -10.34
CA ILE A 3 7.73 -1.26 -9.22
C ILE A 3 7.94 0.19 -9.63
N SER A 4 8.82 0.41 -10.61
CA SER A 4 9.07 1.75 -11.14
C SER A 4 7.76 2.36 -11.68
N GLU A 5 6.94 1.54 -12.31
CA GLU A 5 5.64 1.99 -12.83
C GLU A 5 4.70 2.33 -11.68
N LEU A 6 4.73 1.49 -10.66
CA LEU A 6 3.91 1.69 -9.47
C LEU A 6 4.31 3.00 -8.79
N LEU A 7 5.60 3.25 -8.71
CA LEU A 7 6.12 4.49 -8.13
C LEU A 7 5.69 5.69 -8.96
N GLN A 8 5.73 5.54 -10.28
CA GLN A 8 5.29 6.59 -11.19
C GLN A 8 3.81 6.89 -10.97
N TYR A 9 3.03 5.83 -10.75
CA TYR A 9 1.61 5.95 -10.48
C TYR A 9 1.37 6.69 -9.15
N CYS A 10 2.25 6.46 -8.18
CA CYS A 10 2.13 7.11 -6.88
C CYS A 10 2.52 8.58 -6.96
N MET A 11 3.37 8.91 -7.93
CA MET A 11 3.77 10.30 -8.15
C MET A 11 2.62 11.10 -8.75
N ALA A 12 1.58 10.40 -9.19
CA ALA A 12 0.39 11.04 -9.71
C ALA A 12 -0.62 11.29 -8.60
N LYS A 13 -0.27 10.87 -7.39
CA LYS A 13 -1.14 11.04 -6.23
C LYS A 13 -0.74 12.29 -5.46
N PRO A 14 -1.65 13.28 -5.41
CA PRO A 14 -1.40 14.54 -4.71
C PRO A 14 -1.28 14.36 -3.20
N GLY A 15 -0.24 14.95 -2.62
CA GLY A 15 -0.07 14.90 -1.18
C GLY A 15 0.61 13.62 -0.72
N ALA A 16 0.93 12.76 -1.66
CA ALA A 16 1.58 11.49 -1.35
C ALA A 16 3.09 11.65 -1.32
N GLU A 17 3.69 11.25 -0.21
CA GLU A 17 5.12 11.30 -0.04
C GLU A 17 5.69 9.89 -0.11
N GLN A 18 6.63 9.70 -1.02
CA GLN A 18 7.28 8.40 -1.17
C GLN A 18 8.59 8.38 -0.40
N SER A 19 8.70 7.48 0.54
CA SER A 19 9.92 7.34 1.32
C SER A 19 10.42 5.90 1.24
N VAL A 20 11.46 5.68 0.47
CA VAL A 20 12.09 4.37 0.43
C VAL A 20 13.01 4.19 1.62
N HIS A 21 12.75 3.15 2.39
CA HIS A 21 13.58 2.84 3.54
C HIS A 21 14.58 1.77 3.17
N ASN A 22 15.81 1.93 3.60
CA ASN A 22 16.87 0.98 3.29
C ASN A 22 16.64 -0.32 4.06
N ASP A 23 17.63 -1.21 4.03
CA ASP A 23 17.56 -2.54 4.65
C ASP A 23 16.66 -3.44 3.82
N TRP A 24 15.37 -3.11 3.77
CA TRP A 24 14.40 -3.88 3.00
C TRP A 24 14.21 -3.27 1.61
N LYS A 25 14.64 -2.02 1.45
CA LYS A 25 14.42 -1.27 0.20
C LYS A 25 12.93 -1.13 -0.09
N ALA A 26 12.15 -1.17 0.98
CA ALA A 26 10.72 -1.04 0.89
C ALA A 26 10.32 0.43 0.79
N THR A 27 9.54 0.76 -0.22
CA THR A 27 9.10 2.12 -0.40
C THR A 27 7.79 2.34 0.34
N GLN A 28 7.82 3.24 1.31
CA GLN A 28 6.65 3.51 2.13
C GLN A 28 5.91 4.71 1.57
N ILE A 29 4.61 4.55 1.36
CA ILE A 29 3.79 5.61 0.80
C ILE A 29 2.97 6.25 1.91
N LYS A 30 3.26 7.49 2.20
CA LYS A 30 2.62 8.18 3.31
C LYS A 30 2.13 9.54 2.87
N VAL A 31 1.25 10.13 3.66
CA VAL A 31 0.83 11.51 3.43
C VAL A 31 1.76 12.43 4.21
N GLU A 32 1.19 13.40 4.92
CA GLU A 32 1.96 14.29 5.79
C GLU A 32 2.88 13.45 6.68
N ASP A 33 2.27 12.63 7.52
CA ASP A 33 3.02 11.63 8.29
C ASP A 33 2.16 10.38 8.45
N VAL A 34 1.04 10.35 7.75
CA VAL A 34 0.11 9.25 7.83
C VAL A 34 0.50 8.14 6.87
N LEU A 35 1.04 7.06 7.42
CA LEU A 35 1.42 5.91 6.62
C LEU A 35 0.22 4.98 6.45
N PHE A 36 -0.08 4.64 5.20
CA PHE A 36 -1.23 3.78 4.91
C PHE A 36 -0.82 2.47 4.23
N ALA A 37 0.24 2.52 3.43
CA ALA A 37 0.70 1.34 2.70
C ALA A 37 2.16 1.46 2.34
N MET A 38 2.78 0.32 2.00
CA MET A 38 4.18 0.31 1.60
C MET A 38 4.47 -0.92 0.72
N VAL A 39 5.38 -0.77 -0.22
CA VAL A 39 5.75 -1.87 -1.12
C VAL A 39 7.12 -2.43 -0.73
N LYS A 40 7.17 -3.73 -0.55
CA LYS A 40 8.39 -4.40 -0.08
C LYS A 40 8.85 -5.43 -1.09
N GLU A 41 10.07 -5.30 -1.57
CA GLU A 41 10.68 -6.33 -2.40
C GLU A 41 11.49 -7.25 -1.50
N VAL A 42 11.03 -8.48 -1.36
CA VAL A 42 11.69 -9.43 -0.48
C VAL A 42 11.57 -10.83 -1.07
N GLU A 43 12.71 -11.51 -1.18
CA GLU A 43 12.75 -12.88 -1.69
C GLU A 43 12.28 -12.93 -3.14
N ASN A 44 12.55 -11.83 -3.87
CA ASN A 44 12.21 -11.70 -5.30
C ASN A 44 10.72 -11.39 -5.48
N ARG A 45 9.99 -11.35 -4.38
CA ARG A 45 8.56 -11.01 -4.42
C ARG A 45 8.35 -9.55 -4.04
N PRO A 46 7.94 -8.72 -5.01
CA PRO A 46 7.54 -7.35 -4.73
C PRO A 46 6.09 -7.30 -4.28
N ALA A 47 5.87 -7.04 -3.01
CA ALA A 47 4.54 -7.12 -2.44
C ALA A 47 4.16 -5.82 -1.76
N VAL A 48 2.87 -5.64 -1.51
CA VAL A 48 2.37 -4.42 -0.89
C VAL A 48 1.73 -4.73 0.46
N SER A 49 2.11 -3.96 1.47
CA SER A 49 1.55 -4.11 2.80
C SER A 49 0.44 -3.10 3.02
N LEU A 50 -0.70 -3.59 3.48
CA LEU A 50 -1.85 -2.74 3.75
C LEU A 50 -2.01 -2.55 5.25
N LYS A 51 -2.79 -1.55 5.61
CA LYS A 51 -3.06 -1.25 7.00
C LYS A 51 -4.33 -1.98 7.44
N THR A 52 -5.12 -1.35 8.30
CA THR A 52 -6.41 -1.90 8.69
C THR A 52 -7.42 -1.67 7.58
N SER A 53 -7.28 -2.42 6.50
CA SER A 53 -8.07 -2.21 5.30
C SER A 53 -9.07 -3.35 5.09
N PRO A 54 -10.29 -3.01 4.65
CA PRO A 54 -11.34 -3.99 4.33
C PRO A 54 -10.95 -4.86 3.13
N GLU A 55 -10.04 -4.34 2.30
CA GLU A 55 -9.53 -5.05 1.12
C GLU A 55 -8.99 -6.42 1.50
N LEU A 56 -8.28 -6.47 2.62
CA LEU A 56 -7.67 -7.70 3.10
C LEU A 56 -8.73 -8.74 3.43
N ALA A 57 -9.88 -8.27 3.89
CA ALA A 57 -10.97 -9.18 4.26
C ALA A 57 -11.64 -9.76 3.03
N GLU A 58 -11.73 -8.95 1.98
CA GLU A 58 -12.33 -9.38 0.73
C GLU A 58 -11.58 -10.54 0.10
N LEU A 59 -10.27 -10.41 0.07
CA LEU A 59 -9.38 -11.39 -0.57
C LEU A 59 -9.65 -12.80 -0.08
N LEU A 60 -9.72 -12.97 1.24
CA LEU A 60 -9.90 -14.27 1.88
C LEU A 60 -11.13 -15.00 1.34
N ARG A 61 -12.20 -14.26 1.07
CA ARG A 61 -13.45 -14.86 0.60
C ARG A 61 -13.35 -15.28 -0.86
N GLN A 62 -12.47 -14.63 -1.60
CA GLN A 62 -12.35 -14.88 -3.03
C GLN A 62 -11.23 -15.87 -3.33
N GLN A 63 -10.01 -15.52 -2.93
CA GLN A 63 -8.85 -16.37 -3.16
C GLN A 63 -8.28 -16.82 -1.82
N HIS A 64 -7.13 -17.49 -1.86
CA HIS A 64 -6.47 -17.92 -0.64
C HIS A 64 -4.95 -17.75 -0.77
N SER A 65 -4.22 -18.08 0.31
CA SER A 65 -2.78 -17.83 0.39
C SER A 65 -2.51 -16.33 0.50
N ASP A 66 -3.57 -15.60 0.80
CA ASP A 66 -3.55 -14.15 0.92
C ASP A 66 -3.42 -13.75 2.38
N VAL A 67 -3.34 -12.44 2.62
CA VAL A 67 -3.20 -11.87 3.96
C VAL A 67 -2.02 -12.52 4.70
N ARG A 68 -0.82 -12.10 4.35
CA ARG A 68 0.37 -12.58 5.02
C ARG A 68 0.97 -11.44 5.84
N PRO A 69 0.76 -11.48 7.16
CA PRO A 69 1.15 -10.39 8.07
C PRO A 69 2.66 -10.14 8.08
N SER A 70 3.44 -11.22 8.00
CA SER A 70 4.87 -11.14 8.24
C SER A 70 5.12 -10.57 9.63
N ARG A 71 4.96 -11.44 10.63
CA ARG A 71 4.92 -11.04 12.02
C ARG A 71 6.28 -10.57 12.56
N HIS A 72 7.25 -10.42 11.66
CA HIS A 72 8.52 -9.81 12.03
C HIS A 72 8.30 -8.32 12.29
N LEU A 73 7.30 -7.77 11.61
CA LEU A 73 6.94 -6.36 11.79
C LEU A 73 5.96 -6.23 12.95
N ASN A 74 4.70 -6.57 12.69
CA ASN A 74 3.64 -6.53 13.69
C ASN A 74 2.43 -7.26 13.13
N LYS A 75 2.10 -8.40 13.73
CA LYS A 75 1.13 -9.34 13.18
C LYS A 75 -0.19 -8.67 12.79
N ALA A 76 -0.88 -8.09 13.77
CA ALA A 76 -2.17 -7.51 13.50
C ALA A 76 -2.09 -5.98 13.47
N HIS A 77 -1.60 -5.48 12.34
CA HIS A 77 -1.51 -4.04 12.11
C HIS A 77 -1.12 -3.79 10.66
N TRP A 78 -0.14 -4.55 10.20
CA TRP A 78 0.29 -4.52 8.81
C TRP A 78 0.20 -5.92 8.21
N SER A 79 -0.47 -6.05 7.10
CA SER A 79 -0.54 -7.32 6.41
C SER A 79 -0.13 -7.13 4.95
N THR A 80 0.67 -8.04 4.45
CA THR A 80 1.24 -7.88 3.14
C THR A 80 0.61 -8.85 2.14
N VAL A 81 0.17 -8.31 1.01
CA VAL A 81 -0.34 -9.14 -0.07
C VAL A 81 0.80 -9.43 -1.04
N TYR A 82 1.32 -10.65 -0.96
CA TYR A 82 2.45 -11.03 -1.78
C TYR A 82 1.99 -11.51 -3.14
N LEU A 83 2.60 -10.95 -4.19
CA LEU A 83 2.29 -11.35 -5.56
C LEU A 83 2.94 -12.69 -5.89
N ASP A 84 3.00 -13.55 -4.90
CA ASP A 84 3.62 -14.87 -5.03
C ASP A 84 2.61 -15.87 -5.59
N GLY A 85 1.35 -15.48 -5.58
CA GLY A 85 0.30 -16.30 -6.15
C GLY A 85 -0.26 -15.70 -7.41
N SER A 86 -1.54 -15.94 -7.66
CA SER A 86 -2.20 -15.42 -8.85
C SER A 86 -2.69 -13.98 -8.63
N LEU A 87 -1.81 -13.03 -8.85
CA LEU A 87 -2.17 -11.61 -8.72
C LEU A 87 -1.92 -10.88 -10.04
N PRO A 88 -2.99 -10.42 -10.70
CA PRO A 88 -2.88 -9.66 -11.95
C PRO A 88 -2.39 -8.23 -11.72
N ASP A 89 -1.90 -7.60 -12.78
CA ASP A 89 -1.36 -6.24 -12.72
C ASP A 89 -2.42 -5.26 -12.24
N SER A 90 -3.66 -5.46 -12.71
CA SER A 90 -4.77 -4.57 -12.41
C SER A 90 -5.08 -4.58 -10.90
N GLN A 91 -4.79 -5.69 -10.24
CA GLN A 91 -5.07 -5.84 -8.82
C GLN A 91 -4.15 -4.96 -7.99
N ILE A 92 -2.92 -4.78 -8.48
CA ILE A 92 -1.92 -3.99 -7.77
C ILE A 92 -2.39 -2.56 -7.57
N TYR A 93 -3.08 -2.02 -8.58
CA TYR A 93 -3.60 -0.65 -8.52
C TYR A 93 -4.57 -0.48 -7.35
N TYR A 94 -5.52 -1.40 -7.24
CA TYR A 94 -6.55 -1.31 -6.22
C TYR A 94 -5.95 -1.43 -4.82
N LEU A 95 -5.04 -2.39 -4.65
CA LEU A 95 -4.42 -2.62 -3.35
C LEU A 95 -3.74 -1.36 -2.82
N VAL A 96 -3.05 -0.66 -3.70
CA VAL A 96 -2.33 0.55 -3.31
C VAL A 96 -3.28 1.73 -3.14
N ASP A 97 -4.08 2.01 -4.16
CA ASP A 97 -4.90 3.22 -4.18
C ASP A 97 -6.03 3.17 -3.16
N ALA A 98 -6.59 1.99 -2.93
CA ALA A 98 -7.66 1.85 -1.93
C ALA A 98 -7.15 2.26 -0.56
N SER A 99 -5.89 1.96 -0.29
CA SER A 99 -5.25 2.36 0.96
C SER A 99 -5.02 3.86 0.99
N TYR A 100 -4.82 4.45 -0.20
CA TYR A 100 -4.63 5.89 -0.33
C TYR A 100 -5.92 6.62 0.04
N GLN A 101 -7.05 6.13 -0.47
CA GLN A 101 -8.36 6.72 -0.14
C GLN A 101 -8.59 6.73 1.37
N GLN A 102 -8.09 5.70 2.04
CA GLN A 102 -8.23 5.57 3.49
C GLN A 102 -7.58 6.75 4.20
N ALA A 103 -6.36 7.08 3.79
CA ALA A 103 -5.63 8.18 4.40
C ALA A 103 -6.26 9.52 4.03
N VAL A 104 -6.67 9.66 2.78
CA VAL A 104 -7.24 10.90 2.27
C VAL A 104 -8.46 11.35 3.06
N ASN A 105 -9.38 10.43 3.34
CA ASN A 105 -10.62 10.80 4.01
C ASN A 105 -10.39 11.02 5.50
N LEU A 106 -9.26 10.53 6.00
CA LEU A 106 -8.92 10.68 7.41
C LEU A 106 -8.06 11.93 7.64
N LEU A 107 -7.70 12.60 6.55
CA LEU A 107 -6.90 13.82 6.65
C LEU A 107 -7.74 14.96 7.23
N PRO A 108 -7.12 15.78 8.11
CA PRO A 108 -7.78 16.94 8.73
C PRO A 108 -8.07 18.06 7.75
N GLU A 109 -8.65 19.14 8.27
CA GLU A 109 -9.09 20.31 7.50
C GLU A 109 -8.04 20.75 6.49
N GLU A 110 -6.91 21.20 7.02
CA GLU A 110 -5.82 21.77 6.22
C GLU A 110 -5.45 20.89 5.03
N LYS A 111 -5.19 19.63 5.32
CA LYS A 111 -4.72 18.69 4.31
C LYS A 111 -5.78 18.49 3.22
N ARG A 112 -7.00 18.23 3.65
CA ARG A 112 -8.12 18.05 2.75
C ARG A 112 -8.32 19.24 1.82
N LYS A 113 -8.23 20.45 2.36
CA LYS A 113 -8.44 21.67 1.60
C LYS A 113 -7.54 21.73 0.37
N LEU A 114 -6.28 21.39 0.56
CA LEU A 114 -5.30 21.44 -0.52
C LEU A 114 -5.62 20.42 -1.61
N LEU A 115 -6.12 19.26 -1.19
CA LEU A 115 -6.38 18.17 -2.13
C LEU A 115 -7.67 18.40 -2.91
N VAL A 116 -8.61 19.15 -2.34
CA VAL A 116 -9.89 19.38 -2.98
C VAL A 116 -9.78 20.47 -4.05
N GLN A 117 -9.00 21.49 -3.77
CA GLN A 117 -8.86 22.62 -4.68
C GLN A 117 -8.05 22.26 -5.91
N LEU A 118 -7.14 21.30 -5.76
CA LEU A 118 -6.31 20.86 -6.88
C LEU A 118 -7.01 19.73 -7.64
N MET A 1 3.02 -7.57 -12.02
CA MET A 1 2.98 -6.18 -11.55
C MET A 1 4.09 -5.96 -10.52
N THR A 2 5.09 -5.18 -10.90
CA THR A 2 6.23 -4.95 -10.02
C THR A 2 6.11 -3.63 -9.28
N ILE A 3 6.80 -3.54 -8.14
CA ILE A 3 6.77 -2.35 -7.31
C ILE A 3 7.40 -1.16 -8.02
N SER A 4 8.39 -1.43 -8.86
CA SER A 4 9.06 -0.39 -9.63
C SER A 4 8.05 0.42 -10.45
N GLU A 5 7.08 -0.27 -11.04
CA GLU A 5 6.04 0.38 -11.82
C GLU A 5 5.08 1.12 -10.89
N LEU A 6 4.76 0.46 -9.78
CA LEU A 6 3.83 1.00 -8.78
C LEU A 6 4.39 2.28 -8.16
N LEU A 7 5.71 2.30 -7.97
CA LEU A 7 6.39 3.43 -7.35
C LEU A 7 6.09 4.74 -8.05
N GLN A 8 6.06 4.73 -9.38
CA GLN A 8 5.80 5.96 -10.12
C GLN A 8 4.32 6.35 -9.99
N TYR A 9 3.45 5.35 -9.90
CA TYR A 9 2.02 5.60 -9.72
C TYR A 9 1.77 6.32 -8.40
N CYS A 10 2.61 6.04 -7.41
CA CYS A 10 2.48 6.67 -6.09
C CYS A 10 2.62 8.18 -6.21
N MET A 11 3.48 8.63 -7.13
CA MET A 11 3.74 10.05 -7.31
C MET A 11 2.59 10.72 -8.07
N ALA A 12 1.70 9.90 -8.61
CA ALA A 12 0.52 10.41 -9.31
C ALA A 12 -0.61 10.60 -8.32
N LYS A 13 -0.39 10.18 -7.09
CA LYS A 13 -1.36 10.37 -6.02
C LYS A 13 -0.96 11.61 -5.22
N PRO A 14 -1.72 12.71 -5.35
CA PRO A 14 -1.40 13.98 -4.70
C PRO A 14 -1.40 13.87 -3.18
N GLY A 15 -0.22 13.91 -2.58
CA GLY A 15 -0.11 13.87 -1.13
C GLY A 15 0.63 12.64 -0.64
N ALA A 16 1.01 11.77 -1.56
CA ALA A 16 1.76 10.57 -1.21
C ALA A 16 3.25 10.77 -1.42
N GLU A 17 4.01 10.68 -0.33
CA GLU A 17 5.45 10.80 -0.41
C GLU A 17 6.12 9.44 -0.23
N GLN A 18 7.24 9.24 -0.91
CA GLN A 18 8.01 8.02 -0.77
C GLN A 18 9.03 8.19 0.35
N SER A 19 8.93 7.35 1.36
CA SER A 19 9.86 7.38 2.46
C SER A 19 10.71 6.11 2.45
N VAL A 20 11.97 6.24 2.09
CA VAL A 20 12.85 5.09 1.94
C VAL A 20 13.70 4.89 3.20
N HIS A 21 13.97 3.64 3.53
CA HIS A 21 14.86 3.30 4.63
C HIS A 21 15.96 2.37 4.17
N ASN A 22 17.02 2.28 4.97
CA ASN A 22 18.22 1.56 4.57
C ASN A 22 18.07 0.05 4.83
N ASP A 23 19.16 -0.69 4.61
CA ASP A 23 19.24 -2.13 4.85
C ASP A 23 18.57 -2.93 3.73
N TRP A 24 17.27 -2.74 3.57
CA TRP A 24 16.52 -3.45 2.53
C TRP A 24 15.82 -2.47 1.58
N LYS A 25 16.07 -1.18 1.80
CA LYS A 25 15.61 -0.12 0.89
C LYS A 25 14.09 -0.15 0.71
N ALA A 26 13.38 -0.44 1.80
CA ALA A 26 11.93 -0.47 1.80
C ALA A 26 11.37 0.94 1.60
N THR A 27 10.30 1.04 0.82
CA THR A 27 9.70 2.33 0.53
C THR A 27 8.32 2.44 1.19
N GLN A 28 8.19 3.39 2.09
CA GLN A 28 6.93 3.63 2.78
C GLN A 28 6.20 4.81 2.15
N ILE A 29 4.91 4.65 1.90
CA ILE A 29 4.12 5.71 1.29
C ILE A 29 3.25 6.37 2.33
N LYS A 30 3.57 7.60 2.69
CA LYS A 30 2.83 8.27 3.75
C LYS A 30 2.68 9.76 3.47
N VAL A 31 1.64 10.34 4.06
CA VAL A 31 1.36 11.77 3.96
C VAL A 31 2.21 12.53 4.97
N GLU A 32 1.60 13.41 5.74
CA GLU A 32 2.28 14.07 6.86
C GLU A 32 2.99 13.02 7.72
N ASP A 33 2.20 12.20 8.38
CA ASP A 33 2.72 11.03 9.10
C ASP A 33 1.75 9.87 8.93
N VAL A 34 0.77 10.06 8.05
CA VAL A 34 -0.25 9.05 7.81
C VAL A 34 0.27 7.99 6.86
N LEU A 35 0.73 6.88 7.42
CA LEU A 35 1.20 5.74 6.62
C LEU A 35 0.02 4.85 6.27
N PHE A 36 -0.33 4.82 4.99
CA PHE A 36 -1.48 4.06 4.55
C PHE A 36 -1.07 2.83 3.75
N ALA A 37 0.20 2.79 3.35
CA ALA A 37 0.74 1.65 2.61
C ALA A 37 2.24 1.76 2.48
N MET A 38 2.92 0.64 2.41
CA MET A 38 4.36 0.62 2.16
C MET A 38 4.75 -0.60 1.35
N VAL A 39 5.61 -0.38 0.37
CA VAL A 39 6.03 -1.44 -0.54
C VAL A 39 7.45 -1.90 -0.23
N LYS A 40 7.65 -3.21 -0.29
CA LYS A 40 8.95 -3.78 0.03
C LYS A 40 9.35 -4.83 -1.01
N GLU A 41 10.51 -4.63 -1.63
CA GLU A 41 11.08 -5.67 -2.47
C GLU A 41 11.75 -6.70 -1.57
N VAL A 42 11.17 -7.88 -1.53
CA VAL A 42 11.68 -8.93 -0.69
C VAL A 42 11.85 -10.20 -1.52
N GLU A 43 13.09 -10.70 -1.55
CA GLU A 43 13.42 -11.88 -2.33
C GLU A 43 13.19 -11.60 -3.82
N ASN A 44 13.20 -10.29 -4.16
CA ASN A 44 12.95 -9.80 -5.53
C ASN A 44 11.50 -10.08 -5.93
N ARG A 45 10.66 -10.28 -4.93
CA ARG A 45 9.25 -10.48 -5.13
C ARG A 45 8.45 -9.32 -4.51
N PRO A 46 7.69 -8.61 -5.33
CA PRO A 46 6.93 -7.42 -4.89
C PRO A 46 5.89 -7.77 -3.83
N ALA A 47 6.04 -7.18 -2.64
CA ALA A 47 5.11 -7.38 -1.55
C ALA A 47 4.65 -6.05 -0.96
N VAL A 48 3.34 -5.89 -0.82
CA VAL A 48 2.76 -4.67 -0.29
C VAL A 48 1.89 -4.99 0.94
N SER A 49 1.66 -4.00 1.79
CA SER A 49 0.85 -4.21 2.98
C SER A 49 -0.20 -3.10 3.09
N LEU A 50 -1.45 -3.48 3.29
CA LEU A 50 -2.55 -2.51 3.38
C LEU A 50 -3.30 -2.63 4.70
N LYS A 51 -4.26 -3.58 4.75
CA LYS A 51 -5.15 -3.75 5.90
C LYS A 51 -6.10 -2.55 5.98
N THR A 52 -7.05 -2.59 6.92
CA THR A 52 -7.95 -1.47 7.18
C THR A 52 -8.81 -1.14 5.93
N SER A 53 -9.02 -2.14 5.10
CA SER A 53 -9.82 -1.99 3.89
C SER A 53 -10.73 -3.19 3.70
N PRO A 54 -12.04 -2.93 3.44
CA PRO A 54 -13.07 -3.98 3.37
C PRO A 54 -12.71 -5.14 2.43
N GLU A 55 -12.41 -4.80 1.17
CA GLU A 55 -12.14 -5.82 0.15
C GLU A 55 -10.90 -6.64 0.51
N LEU A 56 -9.87 -5.96 1.00
CA LEU A 56 -8.63 -6.62 1.36
C LEU A 56 -8.85 -7.54 2.55
N ALA A 57 -9.67 -7.09 3.50
CA ALA A 57 -9.99 -7.89 4.68
C ALA A 57 -10.71 -9.17 4.30
N GLU A 58 -11.56 -9.10 3.30
CA GLU A 58 -12.25 -10.27 2.80
C GLU A 58 -11.29 -11.17 2.03
N LEU A 59 -10.49 -10.54 1.19
CA LEU A 59 -9.50 -11.23 0.39
C LEU A 59 -8.60 -12.11 1.26
N LEU A 60 -8.11 -11.56 2.38
CA LEU A 60 -7.25 -12.30 3.29
C LEU A 60 -8.05 -13.36 4.06
N ARG A 61 -9.33 -13.10 4.27
CA ARG A 61 -10.20 -14.05 4.95
C ARG A 61 -10.40 -15.30 4.10
N GLN A 62 -10.54 -15.09 2.80
CA GLN A 62 -10.74 -16.19 1.87
C GLN A 62 -9.42 -16.81 1.42
N GLN A 63 -8.51 -15.99 0.91
CA GLN A 63 -7.23 -16.48 0.43
C GLN A 63 -6.25 -16.65 1.59
N HIS A 64 -5.65 -17.83 1.69
CA HIS A 64 -4.68 -18.10 2.75
C HIS A 64 -3.35 -18.53 2.13
N SER A 65 -3.36 -18.72 0.82
CA SER A 65 -2.16 -19.12 0.10
C SER A 65 -1.45 -17.90 -0.46
N ASP A 66 -2.22 -16.90 -0.85
CA ASP A 66 -1.68 -15.69 -1.48
C ASP A 66 -1.45 -14.61 -0.44
N VAL A 67 -2.48 -13.81 -0.17
CA VAL A 67 -2.43 -12.80 0.87
C VAL A 67 -2.56 -13.46 2.24
N ARG A 68 -1.59 -13.20 3.11
CA ARG A 68 -1.52 -13.87 4.39
C ARG A 68 -0.45 -13.23 5.28
N PRO A 69 -0.56 -13.40 6.61
CA PRO A 69 0.49 -13.00 7.54
C PRO A 69 1.70 -13.92 7.42
N SER A 70 2.61 -13.57 6.52
CA SER A 70 3.77 -14.40 6.23
C SER A 70 4.89 -14.17 7.24
N ARG A 71 4.55 -13.44 8.30
CA ARG A 71 5.47 -13.12 9.39
C ARG A 71 6.81 -12.58 8.85
N HIS A 72 6.75 -11.90 7.72
CA HIS A 72 7.93 -11.26 7.15
C HIS A 72 8.27 -10.00 7.94
N LEU A 73 7.30 -9.52 8.72
CA LEU A 73 7.50 -8.37 9.59
C LEU A 73 6.85 -8.64 10.95
N ASN A 74 5.54 -8.88 10.93
CA ASN A 74 4.79 -9.16 12.15
C ASN A 74 3.65 -10.13 11.84
N LYS A 75 3.02 -10.67 12.87
CA LYS A 75 1.94 -11.63 12.70
C LYS A 75 0.60 -10.94 12.49
N ALA A 76 0.26 -10.03 13.38
CA ALA A 76 -1.05 -9.39 13.35
C ALA A 76 -0.93 -7.89 13.58
N HIS A 77 -0.98 -7.15 12.47
CA HIS A 77 -0.94 -5.68 12.51
C HIS A 77 -1.13 -5.15 11.11
N TRP A 78 -0.39 -5.76 10.18
CA TRP A 78 -0.53 -5.46 8.77
C TRP A 78 -0.95 -6.73 8.04
N SER A 79 -1.10 -6.64 6.74
CA SER A 79 -1.40 -7.81 5.93
C SER A 79 -0.48 -7.83 4.72
N THR A 80 0.14 -8.96 4.46
CA THR A 80 1.10 -9.07 3.39
C THR A 80 0.42 -9.51 2.09
N VAL A 81 0.40 -8.63 1.11
CA VAL A 81 -0.16 -8.92 -0.19
C VAL A 81 0.96 -9.03 -1.21
N TYR A 82 1.08 -10.20 -1.82
CA TYR A 82 2.12 -10.43 -2.80
C TYR A 82 1.66 -10.05 -4.20
N LEU A 83 2.28 -9.02 -4.76
CA LEU A 83 1.99 -8.61 -6.13
C LEU A 83 2.44 -9.71 -7.08
N ASP A 84 3.43 -10.46 -6.63
CA ASP A 84 3.83 -11.68 -7.30
C ASP A 84 2.94 -12.81 -6.84
N GLY A 85 1.67 -12.75 -7.24
CA GLY A 85 0.70 -13.72 -6.80
C GLY A 85 -0.54 -13.74 -7.68
N SER A 86 -1.70 -13.90 -7.05
CA SER A 86 -2.94 -14.09 -7.77
C SER A 86 -3.60 -12.76 -8.15
N LEU A 87 -3.18 -11.67 -7.52
CA LEU A 87 -3.82 -10.37 -7.76
C LEU A 87 -3.38 -9.77 -9.10
N PRO A 88 -4.35 -9.40 -9.95
CA PRO A 88 -4.07 -8.79 -11.24
C PRO A 88 -3.74 -7.30 -11.13
N ASP A 89 -3.10 -6.76 -12.16
CA ASP A 89 -2.64 -5.37 -12.18
C ASP A 89 -3.75 -4.39 -11.78
N SER A 90 -4.90 -4.52 -12.43
CA SER A 90 -6.03 -3.62 -12.20
C SER A 90 -6.44 -3.55 -10.73
N GLN A 91 -6.47 -4.72 -10.09
CA GLN A 91 -6.89 -4.80 -8.68
C GLN A 91 -5.83 -4.15 -7.80
N ILE A 92 -4.57 -4.34 -8.16
CA ILE A 92 -3.45 -3.76 -7.43
C ILE A 92 -3.49 -2.23 -7.47
N TYR A 93 -3.83 -1.69 -8.64
CA TYR A 93 -3.99 -0.24 -8.78
C TYR A 93 -5.12 0.25 -7.89
N TYR A 94 -6.17 -0.56 -7.79
CA TYR A 94 -7.31 -0.24 -6.96
C TYR A 94 -6.90 -0.19 -5.48
N LEU A 95 -6.08 -1.16 -5.08
CA LEU A 95 -5.59 -1.22 -3.70
C LEU A 95 -4.86 0.04 -3.29
N VAL A 96 -3.84 0.41 -4.06
CA VAL A 96 -3.01 1.57 -3.74
C VAL A 96 -3.85 2.85 -3.66
N ASP A 97 -4.73 3.02 -4.64
CA ASP A 97 -5.56 4.21 -4.72
C ASP A 97 -6.60 4.22 -3.60
N ALA A 98 -7.03 3.04 -3.18
CA ALA A 98 -7.96 2.90 -2.07
C ALA A 98 -7.30 3.32 -0.75
N SER A 99 -6.04 2.92 -0.58
CA SER A 99 -5.27 3.32 0.60
C SER A 99 -5.12 4.84 0.65
N TYR A 100 -4.98 5.45 -0.51
CA TYR A 100 -4.92 6.90 -0.59
C TYR A 100 -6.29 7.50 -0.24
N GLN A 101 -7.34 6.93 -0.82
CA GLN A 101 -8.69 7.43 -0.62
C GLN A 101 -9.09 7.37 0.86
N GLN A 102 -8.73 6.29 1.54
CA GLN A 102 -9.07 6.13 2.95
C GLN A 102 -8.36 7.19 3.80
N ALA A 103 -7.16 7.59 3.37
CA ALA A 103 -6.43 8.64 4.07
C ALA A 103 -7.07 10.00 3.83
N VAL A 104 -7.70 10.17 2.66
CA VAL A 104 -8.31 11.44 2.28
C VAL A 104 -9.44 11.82 3.23
N ASN A 105 -10.24 10.85 3.67
CA ASN A 105 -11.37 11.14 4.56
C ASN A 105 -10.87 11.39 5.98
N LEU A 106 -9.64 10.97 6.27
CA LEU A 106 -9.03 11.23 7.55
C LEU A 106 -8.43 12.64 7.58
N LEU A 107 -7.98 13.09 6.41
CA LEU A 107 -7.43 14.42 6.26
C LEU A 107 -8.54 15.47 6.28
N PRO A 108 -8.31 16.62 6.93
CA PRO A 108 -9.31 17.67 7.06
C PRO A 108 -9.41 18.57 5.82
N GLU A 109 -10.27 19.58 5.93
CA GLU A 109 -10.48 20.58 4.87
C GLU A 109 -9.15 21.10 4.34
N GLU A 110 -8.30 21.53 5.27
CA GLU A 110 -7.00 22.11 4.96
C GLU A 110 -6.22 21.25 3.98
N LYS A 111 -6.08 19.96 4.28
CA LYS A 111 -5.31 19.06 3.45
C LYS A 111 -6.01 18.81 2.12
N ARG A 112 -7.32 18.61 2.15
CA ARG A 112 -8.08 18.38 0.93
C ARG A 112 -7.99 19.57 -0.01
N LYS A 113 -7.98 20.77 0.56
CA LYS A 113 -7.87 22.00 -0.22
C LYS A 113 -6.59 22.01 -1.06
N LEU A 114 -5.55 21.38 -0.53
CA LEU A 114 -4.28 21.29 -1.20
C LEU A 114 -4.28 20.17 -2.23
N LEU A 115 -4.79 19.01 -1.82
CA LEU A 115 -4.76 17.81 -2.66
C LEU A 115 -5.48 18.03 -4.00
N VAL A 116 -6.51 18.86 -3.99
CA VAL A 116 -7.26 19.15 -5.21
C VAL A 116 -6.40 19.95 -6.20
N GLN A 117 -5.67 20.91 -5.66
CA GLN A 117 -4.83 21.79 -6.47
C GLN A 117 -3.54 21.11 -6.92
N LEU A 118 -3.06 20.17 -6.12
CA LEU A 118 -1.79 19.49 -6.39
C LEU A 118 -1.89 18.54 -7.58
N MET A 1 5.48 -6.47 -13.74
CA MET A 1 5.28 -5.14 -13.12
C MET A 1 6.29 -4.95 -11.98
N THR A 2 7.09 -3.90 -12.08
CA THR A 2 8.12 -3.64 -11.08
C THR A 2 7.68 -2.57 -10.10
N ILE A 3 8.45 -2.40 -9.03
CA ILE A 3 8.14 -1.42 -7.99
C ILE A 3 8.33 -0.01 -8.54
N SER A 4 9.17 0.13 -9.57
CA SER A 4 9.40 1.41 -10.21
C SER A 4 8.09 1.97 -10.77
N GLU A 5 7.32 1.09 -11.42
CA GLU A 5 6.02 1.47 -11.96
C GLU A 5 5.10 1.96 -10.85
N LEU A 6 5.08 1.21 -9.76
CA LEU A 6 4.26 1.53 -8.60
C LEU A 6 4.70 2.85 -7.97
N LEU A 7 5.99 2.97 -7.72
CA LEU A 7 6.56 4.14 -7.05
C LEU A 7 6.19 5.42 -7.80
N GLN A 8 6.40 5.41 -9.12
CA GLN A 8 6.12 6.57 -9.95
C GLN A 8 4.63 6.94 -9.89
N TYR A 9 3.77 5.92 -9.95
CA TYR A 9 2.33 6.15 -9.94
C TYR A 9 1.87 6.66 -8.57
N CYS A 10 2.56 6.22 -7.51
CA CYS A 10 2.25 6.68 -6.17
C CYS A 10 2.59 8.16 -6.01
N MET A 11 3.66 8.59 -6.67
CA MET A 11 4.06 9.99 -6.63
C MET A 11 3.14 10.83 -7.51
N ALA A 12 2.34 10.17 -8.34
CA ALA A 12 1.37 10.84 -9.18
C ALA A 12 0.06 11.06 -8.43
N LYS A 13 0.04 10.63 -7.17
CA LYS A 13 -1.11 10.86 -6.30
C LYS A 13 -0.90 12.14 -5.51
N PRO A 14 -1.65 13.20 -5.81
CA PRO A 14 -1.51 14.49 -5.14
C PRO A 14 -1.77 14.39 -3.64
N GLY A 15 -0.72 14.60 -2.85
CA GLY A 15 -0.86 14.55 -1.41
C GLY A 15 -0.10 13.38 -0.81
N ALA A 16 0.31 12.46 -1.66
CA ALA A 16 1.06 11.30 -1.21
C ALA A 16 2.55 11.51 -1.44
N GLU A 17 3.34 11.31 -0.40
CA GLU A 17 4.77 11.43 -0.50
C GLU A 17 5.44 10.16 -0.04
N GLN A 18 6.58 9.84 -0.62
CA GLN A 18 7.25 8.60 -0.31
C GLN A 18 8.55 8.85 0.44
N SER A 19 8.94 7.89 1.26
CA SER A 19 10.23 7.92 1.91
C SER A 19 10.84 6.52 1.88
N VAL A 20 11.82 6.34 1.00
CA VAL A 20 12.49 5.06 0.88
C VAL A 20 13.80 5.07 1.65
N HIS A 21 13.94 4.14 2.56
CA HIS A 21 15.19 3.96 3.29
C HIS A 21 15.85 2.70 2.78
N ASN A 22 16.79 2.86 1.86
CA ASN A 22 17.37 1.72 1.15
C ASN A 22 18.17 0.84 2.09
N ASP A 23 17.93 -0.46 1.97
CA ASP A 23 18.54 -1.49 2.79
C ASP A 23 17.85 -2.81 2.45
N TRP A 24 16.54 -2.73 2.40
CA TRP A 24 15.70 -3.83 1.92
C TRP A 24 14.49 -3.26 1.17
N LYS A 25 14.73 -2.12 0.52
CA LYS A 25 13.71 -1.39 -0.26
C LYS A 25 12.51 -1.01 0.60
N ALA A 26 12.76 -0.56 1.83
CA ALA A 26 11.69 -0.12 2.70
C ALA A 26 11.19 1.26 2.29
N THR A 27 10.11 1.29 1.53
CA THR A 27 9.55 2.55 1.06
C THR A 27 8.23 2.85 1.77
N GLN A 28 8.19 3.96 2.50
CA GLN A 28 7.01 4.36 3.21
C GLN A 28 6.25 5.43 2.44
N ILE A 29 5.07 5.10 1.96
CA ILE A 29 4.23 6.04 1.23
C ILE A 29 3.18 6.61 2.18
N LYS A 30 3.26 7.90 2.44
CA LYS A 30 2.44 8.51 3.46
C LYS A 30 2.10 9.95 3.13
N VAL A 31 1.16 10.50 3.91
CA VAL A 31 0.84 11.92 3.85
C VAL A 31 1.75 12.66 4.83
N GLU A 32 1.19 13.53 5.67
CA GLU A 32 1.93 14.17 6.76
C GLU A 32 2.90 13.19 7.39
N ASP A 33 2.34 12.17 8.02
CA ASP A 33 3.10 11.02 8.50
C ASP A 33 2.16 9.82 8.56
N VAL A 34 1.05 9.94 7.84
CA VAL A 34 0.03 8.90 7.83
C VAL A 34 0.43 7.78 6.88
N LEU A 35 1.05 6.75 7.43
CA LEU A 35 1.50 5.63 6.63
C LEU A 35 0.34 4.69 6.32
N PHE A 36 -0.18 4.79 5.11
CA PHE A 36 -1.30 3.95 4.69
C PHE A 36 -0.81 2.73 3.92
N ALA A 37 0.34 2.85 3.27
CA ALA A 37 0.89 1.76 2.50
C ALA A 37 2.41 1.85 2.45
N MET A 38 3.07 0.74 2.72
CA MET A 38 4.54 0.70 2.67
C MET A 38 5.01 -0.53 1.90
N VAL A 39 5.78 -0.29 0.85
CA VAL A 39 6.25 -1.36 -0.02
C VAL A 39 7.70 -1.71 0.26
N LYS A 40 8.00 -3.00 0.22
CA LYS A 40 9.36 -3.49 0.43
C LYS A 40 9.67 -4.61 -0.56
N GLU A 41 10.95 -4.88 -0.76
CA GLU A 41 11.38 -6.00 -1.60
C GLU A 41 12.31 -6.88 -0.78
N VAL A 42 11.87 -8.09 -0.50
CA VAL A 42 12.65 -8.99 0.33
C VAL A 42 12.94 -10.30 -0.41
N GLU A 43 14.19 -10.45 -0.81
CA GLU A 43 14.69 -11.70 -1.41
C GLU A 43 13.92 -12.04 -2.68
N ASN A 44 13.75 -11.04 -3.54
CA ASN A 44 13.12 -11.20 -4.86
C ASN A 44 11.59 -11.23 -4.72
N ARG A 45 11.11 -11.07 -3.51
CA ARG A 45 9.68 -11.04 -3.25
C ARG A 45 9.19 -9.64 -2.91
N PRO A 46 8.47 -9.01 -3.85
CA PRO A 46 7.86 -7.70 -3.62
C PRO A 46 6.65 -7.81 -2.69
N ALA A 47 6.70 -7.09 -1.58
CA ALA A 47 5.65 -7.16 -0.58
C ALA A 47 5.17 -5.76 -0.20
N VAL A 48 3.87 -5.56 -0.24
CA VAL A 48 3.29 -4.28 0.12
C VAL A 48 2.40 -4.44 1.35
N SER A 49 2.60 -3.57 2.34
CA SER A 49 1.84 -3.64 3.56
C SER A 49 0.79 -2.54 3.61
N LEU A 50 -0.46 -2.94 3.65
CA LEU A 50 -1.60 -2.04 3.72
C LEU A 50 -2.12 -2.00 5.15
N LYS A 51 -2.93 -1.00 5.45
CA LYS A 51 -3.67 -0.99 6.71
C LYS A 51 -4.91 -1.87 6.57
N THR A 52 -5.41 -2.39 7.69
CA THR A 52 -6.59 -3.22 7.68
C THR A 52 -7.77 -2.51 7.01
N SER A 53 -8.20 -3.02 5.87
CA SER A 53 -9.29 -2.44 5.11
C SER A 53 -10.40 -3.48 4.94
N PRO A 54 -11.67 -3.02 4.87
CA PRO A 54 -12.83 -3.90 4.74
C PRO A 54 -12.68 -4.91 3.60
N GLU A 55 -12.28 -4.42 2.43
CA GLU A 55 -12.16 -5.26 1.25
C GLU A 55 -10.97 -6.22 1.37
N LEU A 56 -9.90 -5.77 2.01
CA LEU A 56 -8.73 -6.61 2.24
C LEU A 56 -9.08 -7.74 3.21
N ALA A 57 -9.85 -7.41 4.23
CA ALA A 57 -10.30 -8.40 5.20
C ALA A 57 -11.34 -9.32 4.57
N GLU A 58 -12.15 -8.76 3.69
CA GLU A 58 -13.16 -9.51 2.94
C GLU A 58 -12.51 -10.65 2.18
N LEU A 59 -11.52 -10.29 1.40
CA LEU A 59 -10.76 -11.25 0.60
C LEU A 59 -10.18 -12.36 1.46
N LEU A 60 -9.47 -11.98 2.52
CA LEU A 60 -8.80 -12.96 3.38
C LEU A 60 -9.79 -13.84 4.13
N ARG A 61 -10.96 -13.28 4.44
CA ARG A 61 -11.97 -13.99 5.21
C ARG A 61 -12.61 -15.10 4.38
N GLN A 62 -12.82 -14.81 3.09
CA GLN A 62 -13.49 -15.76 2.20
C GLN A 62 -12.48 -16.60 1.43
N GLN A 63 -11.45 -15.97 0.88
CA GLN A 63 -10.44 -16.67 0.10
C GLN A 63 -9.27 -17.07 0.99
N HIS A 64 -9.00 -18.36 1.05
CA HIS A 64 -7.99 -18.87 1.98
C HIS A 64 -6.64 -19.04 1.31
N SER A 65 -5.62 -18.42 1.89
CA SER A 65 -4.23 -18.56 1.44
C SER A 65 -4.01 -17.92 0.08
N ASP A 66 -2.83 -18.17 -0.49
CA ASP A 66 -2.40 -17.64 -1.80
C ASP A 66 -2.11 -16.14 -1.74
N VAL A 67 -2.93 -15.40 -1.00
CA VAL A 67 -2.64 -14.00 -0.73
C VAL A 67 -1.46 -13.90 0.24
N ARG A 68 -1.32 -14.93 1.08
CA ARG A 68 -0.22 -15.07 2.02
C ARG A 68 -0.36 -14.06 3.17
N PRO A 69 -0.59 -14.57 4.39
CA PRO A 69 -0.76 -13.71 5.58
C PRO A 69 0.51 -12.97 5.96
N SER A 70 0.33 -11.82 6.61
CA SER A 70 1.45 -11.01 7.05
C SER A 70 2.32 -11.79 8.04
N ARG A 71 3.63 -11.70 7.87
CA ARG A 71 4.56 -12.48 8.70
C ARG A 71 5.63 -11.60 9.34
N HIS A 72 6.21 -10.70 8.54
CA HIS A 72 7.35 -9.91 9.01
C HIS A 72 6.92 -8.67 9.81
N LEU A 73 5.70 -8.21 9.58
CA LEU A 73 5.22 -7.00 10.25
C LEU A 73 3.85 -7.24 10.88
N ASN A 74 3.82 -8.16 11.85
CA ASN A 74 2.61 -8.57 12.55
C ASN A 74 1.64 -9.27 11.59
N LYS A 75 0.77 -10.12 12.13
CA LYS A 75 -0.19 -10.85 11.30
C LYS A 75 -1.46 -10.03 11.08
N ALA A 76 -1.75 -9.11 12.00
CA ALA A 76 -2.97 -8.32 11.92
C ALA A 76 -2.67 -6.83 12.00
N HIS A 77 -3.69 -6.00 11.77
CA HIS A 77 -3.56 -4.54 11.71
C HIS A 77 -2.83 -4.13 10.43
N TRP A 78 -1.66 -4.69 10.22
CA TRP A 78 -0.96 -4.56 8.95
C TRP A 78 -1.29 -5.76 8.07
N SER A 79 -1.45 -5.54 6.79
CA SER A 79 -1.65 -6.63 5.87
C SER A 79 -0.63 -6.54 4.75
N THR A 80 0.12 -7.60 4.56
CA THR A 80 1.17 -7.60 3.57
C THR A 80 0.86 -8.58 2.44
N VAL A 81 0.64 -8.04 1.27
CA VAL A 81 0.32 -8.85 0.11
C VAL A 81 1.58 -9.22 -0.65
N TYR A 82 1.90 -10.51 -0.66
CA TYR A 82 3.04 -11.00 -1.40
C TYR A 82 2.62 -11.34 -2.83
N LEU A 83 3.02 -10.48 -3.77
CA LEU A 83 2.63 -10.64 -5.16
C LEU A 83 3.08 -11.98 -5.72
N ASP A 84 4.39 -12.24 -5.60
CA ASP A 84 5.01 -13.51 -6.00
C ASP A 84 4.77 -13.81 -7.49
N GLY A 85 4.32 -12.81 -8.23
CA GLY A 85 4.07 -12.97 -9.65
C GLY A 85 2.73 -13.65 -9.93
N SER A 86 1.91 -13.80 -8.91
CA SER A 86 0.62 -14.46 -9.05
C SER A 86 -0.52 -13.55 -8.60
N LEU A 87 -0.28 -12.25 -8.64
CA LEU A 87 -1.29 -11.29 -8.22
C LEU A 87 -1.78 -10.49 -9.42
N PRO A 88 -3.10 -10.53 -9.71
CA PRO A 88 -3.71 -9.82 -10.83
C PRO A 88 -3.27 -8.36 -10.93
N ASP A 89 -2.84 -7.98 -12.13
CA ASP A 89 -2.25 -6.66 -12.40
C ASP A 89 -3.14 -5.52 -11.92
N SER A 90 -4.42 -5.59 -12.25
CA SER A 90 -5.34 -4.49 -11.97
C SER A 90 -5.66 -4.40 -10.48
N GLN A 91 -5.60 -5.52 -9.79
CA GLN A 91 -5.85 -5.54 -8.35
C GLN A 91 -4.72 -4.86 -7.59
N ILE A 92 -3.51 -4.95 -8.13
CA ILE A 92 -2.35 -4.31 -7.52
C ILE A 92 -2.59 -2.81 -7.35
N TYR A 93 -3.05 -2.16 -8.42
CA TYR A 93 -3.37 -0.72 -8.37
C TYR A 93 -4.53 -0.48 -7.42
N TYR A 94 -5.50 -1.38 -7.45
CA TYR A 94 -6.71 -1.25 -6.65
C TYR A 94 -6.38 -1.22 -5.16
N LEU A 95 -5.43 -2.05 -4.76
CA LEU A 95 -5.00 -2.11 -3.37
C LEU A 95 -4.36 -0.78 -2.93
N VAL A 96 -3.59 -0.19 -3.84
CA VAL A 96 -2.91 1.07 -3.57
C VAL A 96 -3.93 2.19 -3.35
N ASP A 97 -4.83 2.36 -4.32
CA ASP A 97 -5.85 3.41 -4.25
C ASP A 97 -6.79 3.19 -3.07
N ALA A 98 -7.08 1.93 -2.75
CA ALA A 98 -7.93 1.61 -1.61
C ALA A 98 -7.32 2.13 -0.31
N SER A 99 -6.00 2.02 -0.20
CA SER A 99 -5.30 2.49 0.98
C SER A 99 -5.15 4.02 0.95
N TYR A 100 -4.88 4.55 -0.23
CA TYR A 100 -4.72 6.00 -0.41
C TYR A 100 -6.03 6.74 -0.15
N GLN A 101 -7.12 6.24 -0.74
CA GLN A 101 -8.42 6.89 -0.66
C GLN A 101 -8.87 7.04 0.79
N GLN A 102 -8.80 5.94 1.54
CA GLN A 102 -9.27 5.94 2.92
C GLN A 102 -8.45 6.91 3.79
N ALA A 103 -7.17 7.05 3.46
CA ALA A 103 -6.29 7.94 4.20
C ALA A 103 -6.66 9.39 3.97
N VAL A 104 -7.05 9.71 2.73
CA VAL A 104 -7.47 11.06 2.38
C VAL A 104 -8.74 11.45 3.12
N ASN A 105 -9.62 10.48 3.30
CA ASN A 105 -10.87 10.70 4.02
C ASN A 105 -10.62 10.92 5.51
N LEU A 106 -9.43 10.56 5.97
CA LEU A 106 -9.09 10.71 7.38
C LEU A 106 -8.32 12.01 7.62
N LEU A 107 -8.01 12.71 6.54
CA LEU A 107 -7.26 13.95 6.61
C LEU A 107 -8.19 15.13 6.90
N PRO A 108 -7.71 16.14 7.65
CA PRO A 108 -8.50 17.31 8.02
C PRO A 108 -8.73 18.26 6.85
N GLU A 109 -9.65 19.21 7.05
CA GLU A 109 -10.02 20.22 6.05
C GLU A 109 -8.80 20.82 5.38
N GLU A 110 -7.92 21.41 6.20
CA GLU A 110 -6.75 22.16 5.73
C GLU A 110 -5.96 21.38 4.68
N LYS A 111 -5.66 20.13 4.97
CA LYS A 111 -4.86 19.30 4.08
C LYS A 111 -5.63 18.92 2.83
N ARG A 112 -6.90 18.58 3.00
CA ARG A 112 -7.74 18.19 1.88
C ARG A 112 -7.97 19.34 0.91
N LYS A 113 -7.89 20.58 1.40
CA LYS A 113 -8.07 21.76 0.56
C LYS A 113 -7.10 21.74 -0.62
N LEU A 114 -5.87 21.36 -0.34
CA LEU A 114 -4.85 21.26 -1.36
C LEU A 114 -5.16 20.11 -2.32
N LEU A 115 -5.54 18.99 -1.74
CA LEU A 115 -5.79 17.76 -2.51
C LEU A 115 -6.93 17.95 -3.52
N VAL A 116 -7.89 18.79 -3.18
CA VAL A 116 -9.03 19.03 -4.05
C VAL A 116 -8.68 20.03 -5.17
N GLN A 117 -7.83 20.99 -4.84
CA GLN A 117 -7.45 22.03 -5.78
C GLN A 117 -6.49 21.49 -6.83
N LEU A 118 -5.71 20.48 -6.47
CA LEU A 118 -4.76 19.88 -7.38
C LEU A 118 -5.48 19.03 -8.42
N MET A 1 3.87 -6.23 -14.35
CA MET A 1 4.10 -4.85 -13.88
C MET A 1 4.51 -4.86 -12.42
N THR A 2 5.40 -3.97 -12.03
CA THR A 2 5.92 -3.93 -10.67
C THR A 2 5.47 -2.67 -9.95
N ILE A 3 5.93 -2.52 -8.71
CA ILE A 3 5.64 -1.34 -7.92
C ILE A 3 6.34 -0.12 -8.49
N SER A 4 7.43 -0.35 -9.23
CA SER A 4 8.21 0.72 -9.83
C SER A 4 7.36 1.59 -10.75
N GLU A 5 6.39 0.97 -11.42
CA GLU A 5 5.48 1.69 -12.30
C GLU A 5 4.48 2.49 -11.47
N LEU A 6 4.07 1.90 -10.35
CA LEU A 6 3.09 2.51 -9.47
C LEU A 6 3.70 3.66 -8.70
N LEU A 7 4.99 3.56 -8.41
CA LEU A 7 5.71 4.60 -7.69
C LEU A 7 5.58 5.95 -8.39
N GLN A 8 5.76 5.96 -9.71
CA GLN A 8 5.64 7.19 -10.47
C GLN A 8 4.20 7.67 -10.51
N TYR A 9 3.25 6.74 -10.55
CA TYR A 9 1.85 7.09 -10.57
C TYR A 9 1.43 7.69 -9.23
N CYS A 10 2.05 7.23 -8.16
CA CYS A 10 1.80 7.77 -6.83
C CYS A 10 2.29 9.22 -6.73
N MET A 11 3.17 9.60 -7.65
CA MET A 11 3.68 10.97 -7.68
C MET A 11 2.65 11.88 -8.35
N ALA A 12 1.64 11.26 -8.96
CA ALA A 12 0.52 11.99 -9.54
C ALA A 12 -0.62 12.07 -8.52
N LYS A 13 -0.39 11.43 -7.38
CA LYS A 13 -1.33 11.49 -6.27
C LYS A 13 -0.87 12.52 -5.26
N PRO A 14 -1.56 13.67 -5.22
CA PRO A 14 -1.16 14.80 -4.38
C PRO A 14 -1.08 14.45 -2.89
N GLY A 15 0.12 14.56 -2.33
CA GLY A 15 0.29 14.34 -0.91
C GLY A 15 1.17 13.13 -0.60
N ALA A 16 1.27 12.21 -1.56
CA ALA A 16 2.05 10.99 -1.34
C ALA A 16 3.53 11.22 -1.60
N GLU A 17 4.33 10.99 -0.57
CA GLU A 17 5.78 11.09 -0.69
C GLU A 17 6.40 9.72 -0.41
N GLN A 18 7.56 9.45 -0.99
CA GLN A 18 8.19 8.16 -0.89
C GLN A 18 9.60 8.25 -0.29
N SER A 19 9.87 7.40 0.69
CA SER A 19 11.18 7.37 1.31
C SER A 19 11.60 5.93 1.63
N VAL A 20 12.79 5.55 1.20
CA VAL A 20 13.34 4.24 1.51
C VAL A 20 14.17 4.32 2.78
N HIS A 21 13.93 3.42 3.72
CA HIS A 21 14.59 3.48 5.02
C HIS A 21 15.47 2.25 5.21
N ASN A 22 16.40 2.33 6.16
CA ASN A 22 17.36 1.26 6.42
C ASN A 22 16.66 -0.06 6.76
N ASP A 23 15.44 0.03 7.29
CA ASP A 23 14.69 -1.16 7.68
C ASP A 23 14.31 -1.98 6.46
N TRP A 24 15.07 -3.05 6.22
CA TRP A 24 14.79 -4.01 5.15
C TRP A 24 14.91 -3.36 3.76
N LYS A 25 15.41 -2.12 3.73
CA LYS A 25 15.49 -1.34 2.49
C LYS A 25 14.11 -1.18 1.87
N ALA A 26 13.10 -1.15 2.73
CA ALA A 26 11.73 -0.98 2.29
C ALA A 26 11.41 0.49 2.04
N THR A 27 10.68 0.75 0.97
CA THR A 27 10.28 2.10 0.64
C THR A 27 8.85 2.35 1.10
N GLN A 28 8.68 3.32 1.99
CA GLN A 28 7.38 3.61 2.56
C GLN A 28 6.73 4.76 1.82
N ILE A 29 5.45 4.60 1.53
CA ILE A 29 4.68 5.64 0.86
C ILE A 29 3.69 6.24 1.85
N LYS A 30 3.90 7.51 2.16
CA LYS A 30 3.06 8.18 3.15
C LYS A 30 2.78 9.61 2.74
N VAL A 31 1.85 10.23 3.46
CA VAL A 31 1.57 11.65 3.30
C VAL A 31 2.62 12.44 4.07
N GLU A 32 2.21 13.44 4.84
CA GLU A 32 3.14 14.14 5.71
C GLU A 32 3.78 13.15 6.70
N ASP A 33 2.97 12.56 7.56
CA ASP A 33 3.44 11.53 8.48
C ASP A 33 2.39 10.42 8.59
N VAL A 34 1.49 10.38 7.62
CA VAL A 34 0.45 9.36 7.59
C VAL A 34 0.86 8.24 6.65
N LEU A 35 1.34 7.14 7.22
CA LEU A 35 1.81 6.00 6.44
C LEU A 35 0.63 5.08 6.11
N PHE A 36 0.44 4.80 4.83
CA PHE A 36 -0.66 3.95 4.40
C PHE A 36 -0.17 2.81 3.51
N ALA A 37 1.01 2.97 2.91
CA ALA A 37 1.53 1.96 2.01
C ALA A 37 3.03 1.77 2.21
N MET A 38 3.51 0.56 1.94
CA MET A 38 4.93 0.26 2.03
C MET A 38 5.27 -0.90 1.11
N VAL A 39 6.42 -0.83 0.45
CA VAL A 39 6.87 -1.91 -0.41
C VAL A 39 8.11 -2.58 0.17
N LYS A 40 8.02 -3.88 0.35
CA LYS A 40 9.10 -4.66 0.95
C LYS A 40 9.42 -5.88 0.10
N GLU A 41 10.69 -6.14 -0.12
CA GLU A 41 11.10 -7.29 -0.92
C GLU A 41 11.53 -8.44 -0.01
N VAL A 42 10.99 -9.62 -0.29
CA VAL A 42 11.43 -10.84 0.36
C VAL A 42 11.23 -12.00 -0.62
N GLU A 43 12.16 -12.96 -0.61
CA GLU A 43 12.14 -14.06 -1.58
C GLU A 43 12.34 -13.50 -2.99
N ASN A 44 12.89 -12.28 -3.05
CA ASN A 44 13.08 -11.54 -4.30
C ASN A 44 11.75 -11.18 -4.95
N ARG A 45 10.68 -11.22 -4.16
CA ARG A 45 9.36 -10.81 -4.62
C ARG A 45 8.91 -9.55 -3.89
N PRO A 46 8.40 -8.56 -4.63
CA PRO A 46 7.92 -7.31 -4.05
C PRO A 46 6.55 -7.47 -3.41
N ALA A 47 6.43 -7.00 -2.17
CA ALA A 47 5.17 -7.07 -1.44
C ALA A 47 4.72 -5.69 -1.01
N VAL A 48 3.42 -5.45 -1.06
CA VAL A 48 2.87 -4.17 -0.66
C VAL A 48 1.93 -4.33 0.53
N SER A 49 2.06 -3.48 1.52
CA SER A 49 1.19 -3.51 2.68
C SER A 49 0.31 -2.27 2.68
N LEU A 50 -1.00 -2.47 2.86
CA LEU A 50 -1.97 -1.40 2.70
C LEU A 50 -2.49 -0.91 4.04
N LYS A 51 -1.62 -0.90 5.05
CA LYS A 51 -1.98 -0.45 6.39
C LYS A 51 -3.23 -1.20 6.86
N THR A 52 -3.15 -2.53 6.79
CA THR A 52 -4.26 -3.41 7.13
C THR A 52 -5.33 -3.37 6.04
N SER A 53 -6.05 -2.23 5.97
CA SER A 53 -7.16 -2.05 5.04
C SER A 53 -8.32 -3.00 5.35
N PRO A 54 -9.47 -2.45 5.76
CA PRO A 54 -10.66 -3.25 6.10
C PRO A 54 -11.16 -4.08 4.92
N GLU A 55 -10.75 -3.69 3.72
CA GLU A 55 -11.12 -4.40 2.51
C GLU A 55 -10.28 -5.67 2.35
N LEU A 56 -8.98 -5.53 2.54
CA LEU A 56 -8.05 -6.65 2.39
C LEU A 56 -8.19 -7.64 3.53
N ALA A 57 -8.48 -7.13 4.73
CA ALA A 57 -8.66 -7.96 5.90
C ALA A 57 -9.78 -8.98 5.70
N GLU A 58 -10.87 -8.53 5.09
CA GLU A 58 -12.00 -9.41 4.80
C GLU A 58 -11.60 -10.51 3.83
N LEU A 59 -11.00 -10.11 2.73
CA LEU A 59 -10.55 -11.04 1.70
C LEU A 59 -9.67 -12.13 2.30
N LEU A 60 -8.75 -11.72 3.18
CA LEU A 60 -7.83 -12.65 3.83
C LEU A 60 -8.59 -13.62 4.74
N ARG A 61 -9.60 -13.13 5.42
CA ARG A 61 -10.43 -13.96 6.29
C ARG A 61 -11.20 -15.00 5.48
N GLN A 62 -11.86 -14.54 4.43
CA GLN A 62 -12.69 -15.40 3.59
C GLN A 62 -11.86 -16.48 2.91
N GLN A 63 -10.96 -16.09 2.02
CA GLN A 63 -10.13 -17.04 1.31
C GLN A 63 -8.66 -16.68 1.40
N HIS A 64 -7.95 -17.34 2.30
CA HIS A 64 -6.53 -17.08 2.50
C HIS A 64 -5.69 -18.21 1.91
N SER A 65 -5.86 -18.43 0.62
CA SER A 65 -5.10 -19.42 -0.12
C SER A 65 -4.51 -18.75 -1.35
N ASP A 66 -3.34 -19.24 -1.79
CA ASP A 66 -2.61 -18.68 -2.94
C ASP A 66 -1.97 -17.33 -2.56
N VAL A 67 -2.72 -16.48 -1.88
CA VAL A 67 -2.19 -15.24 -1.35
C VAL A 67 -1.40 -15.53 -0.08
N ARG A 68 -0.31 -14.81 0.12
CA ARG A 68 0.60 -15.08 1.23
C ARG A 68 0.57 -13.97 2.27
N PRO A 69 -0.10 -14.20 3.41
CA PRO A 69 -0.11 -13.26 4.53
C PRO A 69 1.16 -13.40 5.39
N SER A 70 2.17 -12.62 5.06
CA SER A 70 3.45 -12.73 5.74
C SER A 70 3.80 -11.42 6.45
N ARG A 71 3.74 -11.45 7.77
CA ARG A 71 4.10 -10.30 8.59
C ARG A 71 4.69 -10.78 9.92
N HIS A 72 6.01 -10.67 10.06
CA HIS A 72 6.69 -11.17 11.26
C HIS A 72 6.43 -10.27 12.46
N LEU A 73 6.24 -8.98 12.21
CA LEU A 73 5.94 -8.02 13.29
C LEU A 73 4.70 -8.46 14.04
N ASN A 74 3.56 -8.34 13.41
CA ASN A 74 2.31 -8.87 13.93
C ASN A 74 1.38 -9.20 12.77
N LYS A 75 1.17 -10.50 12.58
CA LYS A 75 0.37 -11.00 11.47
C LYS A 75 -1.07 -10.48 11.53
N ALA A 76 -1.60 -10.34 12.73
CA ALA A 76 -2.99 -9.91 12.90
C ALA A 76 -3.11 -8.40 13.06
N HIS A 77 -2.11 -7.66 12.58
CA HIS A 77 -2.16 -6.22 12.61
C HIS A 77 -2.01 -5.64 11.21
N TRP A 78 -0.89 -5.93 10.56
CA TRP A 78 -0.66 -5.48 9.21
C TRP A 78 -0.98 -6.57 8.21
N SER A 79 -1.34 -6.17 7.00
CA SER A 79 -1.60 -7.11 5.94
C SER A 79 -0.74 -6.77 4.74
N THR A 80 0.01 -7.75 4.27
CA THR A 80 0.97 -7.53 3.19
C THR A 80 0.67 -8.46 2.02
N VAL A 81 0.44 -7.87 0.85
CA VAL A 81 0.08 -8.63 -0.32
C VAL A 81 1.27 -8.77 -1.27
N TYR A 82 1.54 -10.00 -1.69
CA TYR A 82 2.65 -10.28 -2.59
C TYR A 82 2.17 -10.36 -4.03
N LEU A 83 2.88 -9.68 -4.92
CA LEU A 83 2.50 -9.64 -6.33
C LEU A 83 3.00 -10.88 -7.07
N ASP A 84 2.86 -12.03 -6.44
CA ASP A 84 3.34 -13.28 -7.01
C ASP A 84 2.27 -13.91 -7.90
N GLY A 85 2.03 -13.27 -9.04
CA GLY A 85 1.12 -13.82 -10.05
C GLY A 85 -0.35 -13.65 -9.70
N SER A 86 -0.66 -13.75 -8.42
CA SER A 86 -2.05 -13.72 -7.94
C SER A 86 -2.78 -12.44 -8.33
N LEU A 87 -2.08 -11.31 -8.28
CA LEU A 87 -2.72 -10.02 -8.50
C LEU A 87 -2.46 -9.52 -9.92
N PRO A 88 -3.54 -9.33 -10.70
CA PRO A 88 -3.46 -8.74 -12.02
C PRO A 88 -3.06 -7.26 -11.94
N ASP A 89 -2.55 -6.70 -13.03
CA ASP A 89 -2.03 -5.35 -13.02
C ASP A 89 -3.14 -4.34 -12.72
N SER A 90 -4.36 -4.67 -13.14
CA SER A 90 -5.52 -3.82 -12.90
C SER A 90 -5.78 -3.70 -11.39
N GLN A 91 -5.62 -4.81 -10.68
CA GLN A 91 -5.85 -4.83 -9.24
C GLN A 91 -4.79 -4.05 -8.50
N ILE A 92 -3.57 -4.04 -9.03
CA ILE A 92 -2.47 -3.32 -8.41
C ILE A 92 -2.80 -1.83 -8.32
N TYR A 93 -3.45 -1.29 -9.36
CA TYR A 93 -3.88 0.09 -9.36
C TYR A 93 -4.90 0.33 -8.25
N TYR A 94 -5.89 -0.56 -8.17
CA TYR A 94 -6.96 -0.43 -7.20
C TYR A 94 -6.43 -0.52 -5.77
N LEU A 95 -5.55 -1.49 -5.53
CA LEU A 95 -5.00 -1.70 -4.19
C LEU A 95 -4.34 -0.43 -3.66
N VAL A 96 -3.40 0.10 -4.41
CA VAL A 96 -2.65 1.29 -3.99
C VAL A 96 -3.59 2.49 -3.81
N ASP A 97 -4.49 2.68 -4.76
CA ASP A 97 -5.42 3.80 -4.71
C ASP A 97 -6.40 3.66 -3.56
N ALA A 98 -6.80 2.41 -3.27
CA ALA A 98 -7.72 2.13 -2.16
C ALA A 98 -7.13 2.63 -0.86
N SER A 99 -5.91 2.18 -0.54
CA SER A 99 -5.23 2.62 0.67
C SER A 99 -5.01 4.13 0.65
N TYR A 100 -4.84 4.68 -0.54
CA TYR A 100 -4.68 6.11 -0.71
C TYR A 100 -5.98 6.84 -0.34
N GLN A 101 -7.10 6.33 -0.85
CA GLN A 101 -8.41 6.90 -0.55
C GLN A 101 -8.67 6.91 0.96
N GLN A 102 -8.34 5.79 1.60
CA GLN A 102 -8.52 5.65 3.04
C GLN A 102 -7.70 6.71 3.78
N ALA A 103 -6.44 6.86 3.38
CA ALA A 103 -5.55 7.85 3.99
C ALA A 103 -6.08 9.26 3.81
N VAL A 104 -6.53 9.58 2.60
CA VAL A 104 -7.08 10.91 2.32
C VAL A 104 -8.32 11.18 3.17
N ASN A 105 -9.14 10.16 3.36
CA ASN A 105 -10.34 10.29 4.17
C ASN A 105 -10.02 10.49 5.65
N LEU A 106 -8.79 10.15 6.03
CA LEU A 106 -8.36 10.33 7.41
C LEU A 106 -7.76 11.71 7.61
N LEU A 107 -7.54 12.43 6.53
CA LEU A 107 -6.95 13.76 6.58
C LEU A 107 -8.02 14.81 6.83
N PRO A 108 -7.66 15.91 7.53
CA PRO A 108 -8.59 17.01 7.81
C PRO A 108 -8.95 17.80 6.56
N GLU A 109 -9.93 18.68 6.73
CA GLU A 109 -10.43 19.51 5.67
C GLU A 109 -9.31 20.24 4.94
N GLU A 110 -8.38 20.78 5.70
CA GLU A 110 -7.24 21.53 5.16
C GLU A 110 -6.56 20.76 4.03
N LYS A 111 -6.22 19.50 4.30
CA LYS A 111 -5.52 18.68 3.32
C LYS A 111 -6.45 18.25 2.20
N ARG A 112 -7.64 17.76 2.55
CA ARG A 112 -8.55 17.19 1.57
C ARG A 112 -8.94 18.20 0.50
N LYS A 113 -9.14 19.46 0.89
CA LYS A 113 -9.46 20.51 -0.05
C LYS A 113 -8.30 20.75 -1.01
N LEU A 114 -7.10 20.85 -0.45
CA LEU A 114 -5.91 21.12 -1.22
C LEU A 114 -5.60 20.01 -2.22
N LEU A 115 -5.80 18.76 -1.79
CA LEU A 115 -5.53 17.62 -2.65
C LEU A 115 -6.41 17.62 -3.89
N VAL A 116 -7.61 18.19 -3.76
CA VAL A 116 -8.53 18.29 -4.89
C VAL A 116 -8.12 19.45 -5.81
N GLN A 117 -7.50 20.46 -5.22
CA GLN A 117 -7.08 21.65 -5.94
C GLN A 117 -5.90 21.36 -6.86
N LEU A 118 -5.08 20.39 -6.47
CA LEU A 118 -3.92 20.02 -7.25
C LEU A 118 -4.30 19.10 -8.40
N MET A 1 2.84 -3.94 -15.05
CA MET A 1 3.57 -2.69 -14.74
C MET A 1 4.88 -3.01 -14.04
N THR A 2 5.84 -2.10 -14.15
CA THR A 2 7.05 -2.18 -13.36
C THR A 2 6.86 -1.40 -12.07
N ILE A 3 7.79 -1.55 -11.14
CA ILE A 3 7.73 -0.81 -9.89
C ILE A 3 7.85 0.70 -10.17
N SER A 4 8.59 1.05 -11.21
CA SER A 4 8.75 2.44 -11.62
C SER A 4 7.39 3.03 -12.01
N GLU A 5 6.60 2.26 -12.75
CA GLU A 5 5.27 2.70 -13.17
C GLU A 5 4.36 2.88 -11.95
N LEU A 6 4.50 2.00 -10.98
CA LEU A 6 3.72 2.07 -9.76
C LEU A 6 4.09 3.33 -8.97
N LEU A 7 5.40 3.57 -8.85
CA LEU A 7 5.89 4.76 -8.15
C LEU A 7 5.39 6.03 -8.83
N GLN A 8 5.44 6.06 -10.16
CA GLN A 8 4.98 7.20 -10.93
C GLN A 8 3.49 7.43 -10.73
N TYR A 9 2.74 6.34 -10.61
CA TYR A 9 1.30 6.43 -10.39
C TYR A 9 1.02 7.05 -9.02
N CYS A 10 1.89 6.77 -8.06
CA CYS A 10 1.76 7.33 -6.72
C CYS A 10 2.08 8.83 -6.72
N MET A 11 2.88 9.26 -7.68
CA MET A 11 3.24 10.66 -7.82
C MET A 11 2.06 11.47 -8.36
N ALA A 12 1.13 10.78 -9.01
CA ALA A 12 -0.07 11.41 -9.53
C ALA A 12 -1.07 11.66 -8.40
N LYS A 13 -0.93 10.89 -7.33
CA LYS A 13 -1.78 11.04 -6.15
C LYS A 13 -1.20 12.11 -5.24
N PRO A 14 -1.94 13.21 -5.02
CA PRO A 14 -1.48 14.32 -4.18
C PRO A 14 -1.35 13.93 -2.72
N GLY A 15 -0.28 14.38 -2.08
CA GLY A 15 -0.09 14.12 -0.67
C GLY A 15 0.66 12.83 -0.42
N ALA A 16 0.67 11.94 -1.40
CA ALA A 16 1.38 10.68 -1.29
C ALA A 16 2.85 10.88 -1.61
N GLU A 17 3.70 10.67 -0.61
CA GLU A 17 5.12 10.86 -0.79
C GLU A 17 5.85 9.53 -0.56
N GLN A 18 6.96 9.36 -1.26
CA GLN A 18 7.73 8.12 -1.17
C GLN A 18 8.80 8.22 -0.09
N SER A 19 8.81 7.24 0.80
CA SER A 19 9.85 7.14 1.82
C SER A 19 10.70 5.90 1.55
N VAL A 20 12.00 6.00 1.79
CA VAL A 20 12.87 4.83 1.67
C VAL A 20 13.47 4.46 3.03
N HIS A 21 13.06 3.33 3.55
CA HIS A 21 13.53 2.84 4.83
C HIS A 21 14.53 1.72 4.64
N ASN A 22 15.79 1.98 4.97
CA ASN A 22 16.85 0.97 4.89
C ASN A 22 16.49 -0.19 5.82
N ASP A 23 17.16 -1.35 5.64
CA ASP A 23 16.80 -2.63 6.29
C ASP A 23 15.82 -3.38 5.38
N TRP A 24 14.99 -2.63 4.68
CA TRP A 24 14.14 -3.18 3.64
C TRP A 24 14.54 -2.59 2.29
N LYS A 25 14.90 -1.30 2.30
CA LYS A 25 15.40 -0.59 1.11
C LYS A 25 14.28 -0.42 0.08
N ALA A 26 13.06 -0.64 0.50
CA ALA A 26 11.91 -0.52 -0.38
C ALA A 26 11.22 0.82 -0.18
N THR A 27 10.17 1.07 -0.95
CA THR A 27 9.49 2.35 -0.93
C THR A 27 8.19 2.31 -0.13
N GLN A 28 8.01 3.31 0.73
CA GLN A 28 6.77 3.47 1.48
C GLN A 28 5.98 4.64 0.89
N ILE A 29 4.67 4.51 0.84
CA ILE A 29 3.81 5.59 0.39
C ILE A 29 2.94 6.07 1.54
N LYS A 30 3.20 7.27 2.02
CA LYS A 30 2.46 7.80 3.16
C LYS A 30 2.10 9.27 2.96
N VAL A 31 1.13 9.73 3.75
CA VAL A 31 0.74 11.12 3.78
C VAL A 31 1.32 11.77 5.05
N GLU A 32 0.49 12.52 5.76
CA GLU A 32 0.88 13.15 7.03
C GLU A 32 1.65 12.16 7.91
N ASP A 33 0.96 11.17 8.42
CA ASP A 33 1.59 10.08 9.16
C ASP A 33 0.94 8.76 8.75
N VAL A 34 0.02 8.84 7.81
CA VAL A 34 -0.76 7.68 7.41
C VAL A 34 0.02 6.84 6.40
N LEU A 35 0.67 5.80 6.90
CA LEU A 35 1.35 4.85 6.03
C LEU A 35 0.36 3.76 5.64
N PHE A 36 -0.25 3.92 4.48
CA PHE A 36 -1.30 3.02 4.05
C PHE A 36 -0.78 1.94 3.10
N ALA A 37 0.36 2.20 2.48
CA ALA A 37 0.92 1.25 1.52
C ALA A 37 2.44 1.22 1.61
N MET A 38 2.99 0.03 1.80
CA MET A 38 4.43 -0.16 1.83
C MET A 38 4.80 -1.50 1.20
N VAL A 39 5.62 -1.43 0.15
CA VAL A 39 6.07 -2.63 -0.54
C VAL A 39 7.33 -3.18 0.12
N LYS A 40 7.46 -4.50 0.16
CA LYS A 40 8.64 -5.15 0.72
C LYS A 40 9.01 -6.37 -0.10
N GLU A 41 10.28 -6.49 -0.44
CA GLU A 41 10.75 -7.70 -1.07
C GLU A 41 11.12 -8.71 0.00
N VAL A 42 10.35 -9.79 0.08
CA VAL A 42 10.54 -10.79 1.11
C VAL A 42 10.36 -12.17 0.50
N GLU A 43 11.24 -13.10 0.89
CA GLU A 43 11.27 -14.45 0.32
C GLU A 43 11.64 -14.35 -1.16
N ASN A 44 12.49 -13.36 -1.47
CA ASN A 44 13.04 -13.13 -2.81
C ASN A 44 12.00 -12.53 -3.77
N ARG A 45 10.75 -12.43 -3.32
CA ARG A 45 9.69 -11.93 -4.18
C ARG A 45 9.14 -10.60 -3.67
N PRO A 46 8.85 -9.66 -4.59
CA PRO A 46 8.25 -8.37 -4.23
C PRO A 46 6.79 -8.52 -3.80
N ALA A 47 6.53 -8.15 -2.56
CA ALA A 47 5.19 -8.26 -1.99
C ALA A 47 4.75 -6.93 -1.40
N VAL A 48 3.44 -6.74 -1.34
CA VAL A 48 2.90 -5.47 -0.86
C VAL A 48 2.11 -5.69 0.43
N SER A 49 2.08 -4.66 1.26
CA SER A 49 1.32 -4.72 2.49
C SER A 49 0.54 -3.44 2.68
N LEU A 50 -0.78 -3.56 2.72
CA LEU A 50 -1.65 -2.42 3.01
C LEU A 50 -1.96 -2.42 4.50
N LYS A 51 -2.06 -1.24 5.08
CA LYS A 51 -2.34 -1.15 6.50
C LYS A 51 -3.81 -1.38 6.77
N THR A 52 -4.15 -2.64 7.03
CA THR A 52 -5.52 -3.07 7.31
C THR A 52 -6.38 -3.02 6.05
N SER A 53 -6.93 -1.83 5.74
CA SER A 53 -7.81 -1.60 4.57
C SER A 53 -9.07 -2.48 4.59
N PRO A 54 -10.15 -2.03 3.92
CA PRO A 54 -11.39 -2.80 3.82
C PRO A 54 -11.23 -4.02 2.90
N GLU A 55 -10.51 -3.83 1.81
CA GLU A 55 -10.31 -4.88 0.82
C GLU A 55 -9.52 -6.05 1.39
N LEU A 56 -8.39 -5.76 2.04
CA LEU A 56 -7.58 -6.81 2.64
C LEU A 56 -8.33 -7.48 3.79
N ALA A 57 -9.15 -6.70 4.50
CA ALA A 57 -9.98 -7.25 5.55
C ALA A 57 -10.84 -8.39 5.01
N GLU A 58 -11.57 -8.10 3.94
CA GLU A 58 -12.38 -9.11 3.27
C GLU A 58 -11.52 -10.28 2.81
N LEU A 59 -10.42 -9.97 2.16
CA LEU A 59 -9.52 -10.97 1.60
C LEU A 59 -8.97 -11.90 2.68
N LEU A 60 -8.86 -11.39 3.90
CA LEU A 60 -8.38 -12.19 5.03
C LEU A 60 -9.39 -13.28 5.40
N ARG A 61 -10.67 -13.01 5.18
CA ARG A 61 -11.71 -14.00 5.43
C ARG A 61 -11.72 -15.06 4.34
N GLN A 62 -11.73 -14.60 3.09
CA GLN A 62 -11.88 -15.47 1.94
C GLN A 62 -10.60 -16.27 1.67
N GLN A 63 -9.45 -15.65 1.91
CA GLN A 63 -8.15 -16.30 1.73
C GLN A 63 -7.97 -16.77 0.29
N HIS A 64 -7.08 -17.76 0.10
CA HIS A 64 -6.82 -18.37 -1.21
C HIS A 64 -6.12 -17.38 -2.14
N SER A 65 -5.56 -16.34 -1.56
CA SER A 65 -4.80 -15.35 -2.30
C SER A 65 -3.33 -15.43 -1.95
N ASP A 66 -2.98 -16.43 -1.15
CA ASP A 66 -1.61 -16.65 -0.69
C ASP A 66 -1.10 -15.43 0.07
N VAL A 67 -1.96 -14.89 0.93
CA VAL A 67 -1.61 -13.75 1.77
C VAL A 67 -1.24 -14.23 3.17
N ARG A 68 -0.16 -13.68 3.71
CA ARG A 68 0.27 -14.07 5.04
C ARG A 68 0.35 -12.87 5.97
N PRO A 69 -0.30 -12.97 7.14
CA PRO A 69 -0.15 -11.98 8.20
C PRO A 69 1.27 -12.02 8.75
N SER A 70 2.00 -10.93 8.56
CA SER A 70 3.43 -10.92 8.86
C SER A 70 3.67 -10.71 10.35
N ARG A 71 4.20 -11.74 11.00
CA ARG A 71 4.57 -11.66 12.41
C ARG A 71 5.82 -10.80 12.56
N HIS A 72 6.62 -10.76 11.50
CA HIS A 72 7.83 -9.94 11.48
C HIS A 72 7.46 -8.45 11.48
N LEU A 73 6.28 -8.14 10.95
CA LEU A 73 5.80 -6.77 10.92
C LEU A 73 4.76 -6.52 12.01
N ASN A 74 3.55 -6.99 11.77
CA ASN A 74 2.46 -6.84 12.72
C ASN A 74 1.30 -7.73 12.29
N LYS A 75 1.14 -8.83 13.03
CA LYS A 75 0.31 -9.95 12.60
C LYS A 75 -1.11 -9.58 12.17
N ALA A 76 -1.84 -8.88 13.03
CA ALA A 76 -3.27 -8.68 12.83
C ALA A 76 -3.60 -7.35 12.16
N HIS A 77 -2.59 -6.63 11.66
CA HIS A 77 -2.85 -5.34 11.02
C HIS A 77 -2.03 -5.14 9.75
N TRP A 78 -0.92 -5.84 9.65
CA TRP A 78 -0.12 -5.82 8.43
C TRP A 78 -0.11 -7.22 7.81
N SER A 79 -0.50 -7.28 6.54
CA SER A 79 -0.52 -8.54 5.83
C SER A 79 0.29 -8.43 4.55
N THR A 80 1.04 -9.47 4.24
CA THR A 80 1.90 -9.45 3.08
C THR A 80 1.28 -10.24 1.93
N VAL A 81 0.94 -9.54 0.87
CA VAL A 81 0.35 -10.16 -0.31
C VAL A 81 1.30 -10.00 -1.49
N TYR A 82 1.53 -11.07 -2.22
CA TYR A 82 2.52 -11.08 -3.29
C TYR A 82 1.93 -10.60 -4.61
N LEU A 83 2.42 -9.46 -5.10
CA LEU A 83 2.02 -8.96 -6.40
C LEU A 83 2.58 -9.85 -7.50
N ASP A 84 3.73 -10.43 -7.22
CA ASP A 84 4.40 -11.33 -8.16
C ASP A 84 3.84 -12.74 -8.01
N GLY A 85 2.66 -12.95 -8.55
CA GLY A 85 2.07 -14.27 -8.56
C GLY A 85 0.61 -14.27 -8.14
N SER A 86 0.35 -13.86 -6.90
CA SER A 86 -0.99 -13.93 -6.35
C SER A 86 -1.93 -12.91 -6.99
N LEU A 87 -1.49 -11.66 -7.05
CA LEU A 87 -2.32 -10.59 -7.59
C LEU A 87 -2.06 -10.38 -9.07
N PRO A 88 -3.14 -10.22 -9.85
CA PRO A 88 -3.03 -9.78 -11.23
C PRO A 88 -2.59 -8.33 -11.30
N ASP A 89 -1.88 -7.98 -12.36
CA ASP A 89 -1.31 -6.64 -12.53
C ASP A 89 -2.40 -5.56 -12.50
N SER A 90 -3.59 -5.94 -12.92
CA SER A 90 -4.72 -5.01 -12.99
C SER A 90 -5.21 -4.63 -11.58
N GLN A 91 -5.05 -5.54 -10.63
CA GLN A 91 -5.52 -5.33 -9.28
C GLN A 91 -4.70 -4.27 -8.54
N ILE A 92 -3.41 -4.20 -8.90
CA ILE A 92 -2.48 -3.29 -8.22
C ILE A 92 -2.99 -1.85 -8.22
N TYR A 93 -3.58 -1.43 -9.33
CA TYR A 93 -4.12 -0.07 -9.45
C TYR A 93 -5.14 0.21 -8.36
N TYR A 94 -6.09 -0.71 -8.19
CA TYR A 94 -7.19 -0.51 -7.27
C TYR A 94 -6.74 -0.61 -5.83
N LEU A 95 -5.80 -1.50 -5.56
CA LEU A 95 -5.27 -1.68 -4.21
C LEU A 95 -4.68 -0.38 -3.67
N VAL A 96 -3.91 0.30 -4.50
CA VAL A 96 -3.29 1.57 -4.10
C VAL A 96 -4.35 2.67 -4.01
N ASP A 97 -5.25 2.72 -4.97
CA ASP A 97 -6.27 3.76 -5.02
C ASP A 97 -7.23 3.66 -3.83
N ALA A 98 -7.61 2.44 -3.47
CA ALA A 98 -8.52 2.21 -2.36
C ALA A 98 -7.84 2.53 -1.02
N SER A 99 -6.60 2.12 -0.88
CA SER A 99 -5.86 2.37 0.36
C SER A 99 -5.57 3.86 0.50
N TYR A 100 -5.47 4.55 -0.64
CA TYR A 100 -5.30 5.99 -0.64
C TYR A 100 -6.61 6.68 -0.22
N GLN A 101 -7.72 6.11 -0.65
CA GLN A 101 -9.04 6.66 -0.34
C GLN A 101 -9.22 6.77 1.18
N GLN A 102 -9.02 5.64 1.87
CA GLN A 102 -9.19 5.61 3.32
C GLN A 102 -8.24 6.58 4.01
N ALA A 103 -7.06 6.78 3.44
CA ALA A 103 -6.07 7.70 4.00
C ALA A 103 -6.59 9.14 3.96
N VAL A 104 -7.21 9.51 2.84
CA VAL A 104 -7.76 10.86 2.67
C VAL A 104 -8.86 11.12 3.68
N ASN A 105 -9.64 10.09 3.98
CA ASN A 105 -10.76 10.22 4.92
C ASN A 105 -10.24 10.43 6.34
N LEU A 106 -8.97 10.13 6.55
CA LEU A 106 -8.35 10.28 7.86
C LEU A 106 -7.58 11.60 7.95
N LEU A 107 -7.48 12.30 6.83
CA LEU A 107 -6.70 13.52 6.78
C LEU A 107 -7.53 14.72 7.25
N PRO A 108 -6.87 15.72 7.86
CA PRO A 108 -7.54 16.92 8.37
C PRO A 108 -8.21 17.74 7.28
N GLU A 109 -9.11 18.63 7.68
CA GLU A 109 -9.89 19.45 6.77
C GLU A 109 -8.97 20.27 5.87
N GLU A 110 -7.97 20.88 6.50
CA GLU A 110 -7.05 21.79 5.84
C GLU A 110 -6.31 21.09 4.70
N LYS A 111 -5.83 19.87 4.95
CA LYS A 111 -5.05 19.14 3.97
C LYS A 111 -5.90 18.60 2.83
N ARG A 112 -7.13 18.22 3.14
CA ARG A 112 -8.04 17.72 2.11
C ARG A 112 -8.29 18.79 1.04
N LYS A 113 -8.30 20.04 1.45
CA LYS A 113 -8.46 21.16 0.53
C LYS A 113 -7.28 21.23 -0.44
N LEU A 114 -6.09 20.95 0.08
CA LEU A 114 -4.86 21.00 -0.69
C LEU A 114 -4.79 19.88 -1.72
N LEU A 115 -5.23 18.69 -1.31
CA LEU A 115 -5.19 17.51 -2.17
C LEU A 115 -6.02 17.72 -3.43
N VAL A 116 -7.11 18.45 -3.30
CA VAL A 116 -7.97 18.75 -4.45
C VAL A 116 -7.26 19.74 -5.39
N GLN A 117 -6.55 20.69 -4.80
CA GLN A 117 -5.84 21.71 -5.53
C GLN A 117 -4.73 21.10 -6.38
N LEU A 118 -3.95 20.21 -5.79
CA LEU A 118 -2.78 19.64 -6.45
C LEU A 118 -3.19 18.54 -7.44
N MET A 1 2.50 -6.78 -12.13
CA MET A 1 3.21 -5.49 -12.24
C MET A 1 4.50 -5.50 -11.42
N THR A 2 5.40 -4.60 -11.73
CA THR A 2 6.66 -4.50 -11.01
C THR A 2 6.61 -3.40 -9.96
N ILE A 3 7.61 -3.39 -9.08
CA ILE A 3 7.66 -2.44 -7.97
C ILE A 3 7.71 -0.99 -8.48
N SER A 4 8.52 -0.77 -9.52
CA SER A 4 8.73 0.57 -10.05
C SER A 4 7.43 1.16 -10.60
N GLU A 5 6.64 0.32 -11.26
CA GLU A 5 5.36 0.75 -11.81
C GLU A 5 4.40 1.15 -10.69
N LEU A 6 4.43 0.37 -9.62
CA LEU A 6 3.59 0.63 -8.46
C LEU A 6 4.01 1.94 -7.79
N LEU A 7 5.32 2.14 -7.65
CA LEU A 7 5.86 3.35 -7.08
C LEU A 7 5.50 4.57 -7.92
N GLN A 8 5.51 4.39 -9.24
CA GLN A 8 5.10 5.44 -10.16
C GLN A 8 3.63 5.80 -9.94
N TYR A 9 2.81 4.79 -9.77
CA TYR A 9 1.38 4.98 -9.56
C TYR A 9 1.11 5.70 -8.25
N CYS A 10 1.95 5.43 -7.25
CA CYS A 10 1.81 6.06 -5.95
C CYS A 10 2.26 7.52 -6.01
N MET A 11 3.15 7.83 -6.95
CA MET A 11 3.62 9.20 -7.14
C MET A 11 2.56 10.03 -7.86
N ALA A 12 1.56 9.34 -8.40
CA ALA A 12 0.46 10.01 -9.06
C ALA A 12 -0.63 10.34 -8.05
N LYS A 13 -0.33 10.12 -6.78
CA LYS A 13 -1.24 10.43 -5.69
C LYS A 13 -0.72 11.61 -4.90
N PRO A 14 -1.34 12.79 -5.06
CA PRO A 14 -0.92 14.02 -4.39
C PRO A 14 -0.89 13.86 -2.88
N GLY A 15 0.21 14.30 -2.26
CA GLY A 15 0.33 14.24 -0.83
C GLY A 15 1.24 13.11 -0.38
N ALA A 16 1.32 12.06 -1.19
CA ALA A 16 2.14 10.91 -0.87
C ALA A 16 3.61 11.22 -1.15
N GLU A 17 4.46 10.91 -0.19
CA GLU A 17 5.88 11.16 -0.32
C GLU A 17 6.67 9.87 -0.15
N GLN A 18 7.82 9.82 -0.81
CA GLN A 18 8.67 8.66 -0.78
C GLN A 18 9.66 8.73 0.37
N SER A 19 9.62 7.74 1.23
CA SER A 19 10.54 7.67 2.35
C SER A 19 11.33 6.36 2.28
N VAL A 20 12.59 6.46 1.88
CA VAL A 20 13.46 5.29 1.81
C VAL A 20 14.36 5.22 3.03
N HIS A 21 14.25 4.12 3.77
CA HIS A 21 15.06 3.92 4.95
C HIS A 21 15.96 2.72 4.74
N ASN A 22 17.22 2.84 5.15
CA ASN A 22 18.22 1.78 4.95
C ASN A 22 17.98 0.58 5.85
N ASP A 23 16.78 0.50 6.41
CA ASP A 23 16.34 -0.66 7.19
C ASP A 23 16.32 -1.89 6.29
N TRP A 24 15.54 -1.81 5.22
CA TRP A 24 15.54 -2.81 4.16
C TRP A 24 15.88 -2.14 2.85
N LYS A 25 16.17 -0.83 2.93
CA LYS A 25 16.30 0.04 1.76
C LYS A 25 14.99 0.06 0.98
N ALA A 26 13.91 -0.24 1.69
CA ALA A 26 12.60 -0.34 1.10
C ALA A 26 11.92 1.02 1.07
N THR A 27 10.97 1.17 0.17
CA THR A 27 10.26 2.43 0.02
C THR A 27 9.01 2.45 0.89
N GLN A 28 8.98 3.37 1.83
CA GLN A 28 7.81 3.57 2.67
C GLN A 28 7.03 4.77 2.15
N ILE A 29 5.78 4.53 1.79
CA ILE A 29 4.96 5.57 1.19
C ILE A 29 3.97 6.11 2.22
N LYS A 30 4.12 7.39 2.55
CA LYS A 30 3.27 8.02 3.53
C LYS A 30 2.71 9.32 2.99
N VAL A 31 1.60 9.76 3.56
CA VAL A 31 1.09 11.09 3.31
C VAL A 31 1.74 12.04 4.32
N GLU A 32 0.95 12.91 4.93
CA GLU A 32 1.44 13.76 6.00
C GLU A 32 2.07 12.92 7.11
N ASP A 33 1.24 12.16 7.80
CA ASP A 33 1.70 11.26 8.86
C ASP A 33 1.05 9.89 8.71
N VAL A 34 0.30 9.73 7.63
CA VAL A 34 -0.45 8.49 7.40
C VAL A 34 0.33 7.56 6.47
N LEU A 35 0.87 6.49 7.03
CA LEU A 35 1.51 5.46 6.23
C LEU A 35 0.50 4.35 5.97
N PHE A 36 0.00 4.28 4.75
CA PHE A 36 -1.04 3.32 4.41
C PHE A 36 -0.45 2.04 3.83
N ALA A 37 0.64 2.17 3.09
CA ALA A 37 1.29 1.02 2.47
C ALA A 37 2.76 1.29 2.22
N MET A 38 3.59 0.29 2.48
CA MET A 38 5.03 0.40 2.22
C MET A 38 5.53 -0.87 1.58
N VAL A 39 6.32 -0.74 0.52
CA VAL A 39 6.81 -1.90 -0.19
C VAL A 39 8.07 -2.45 0.47
N LYS A 40 7.89 -3.49 1.28
CA LYS A 40 9.03 -4.16 1.89
C LYS A 40 9.42 -5.33 1.02
N GLU A 41 10.50 -5.17 0.32
CA GLU A 41 10.93 -6.15 -0.68
C GLU A 41 11.81 -7.21 -0.04
N VAL A 42 11.55 -8.46 -0.40
CA VAL A 42 12.33 -9.57 0.14
C VAL A 42 12.74 -10.52 -0.98
N GLU A 43 14.05 -10.71 -1.11
CA GLU A 43 14.61 -11.64 -2.10
C GLU A 43 14.28 -11.20 -3.52
N ASN A 44 14.13 -9.88 -3.70
CA ASN A 44 13.82 -9.26 -5.00
C ASN A 44 12.42 -9.65 -5.45
N ARG A 45 11.58 -10.03 -4.50
CA ARG A 45 10.19 -10.33 -4.78
C ARG A 45 9.31 -9.14 -4.42
N PRO A 46 8.48 -8.69 -5.37
CA PRO A 46 7.55 -7.57 -5.15
C PRO A 46 6.55 -7.87 -4.04
N ALA A 47 6.71 -7.18 -2.92
CA ALA A 47 5.83 -7.35 -1.79
C ALA A 47 5.51 -6.01 -1.16
N VAL A 48 4.23 -5.71 -1.02
CA VAL A 48 3.80 -4.45 -0.44
C VAL A 48 3.02 -4.70 0.86
N SER A 49 3.42 -4.01 1.92
CA SER A 49 2.79 -4.18 3.22
C SER A 49 1.74 -3.08 3.44
N LEU A 50 0.49 -3.50 3.52
CA LEU A 50 -0.61 -2.58 3.76
C LEU A 50 -1.01 -2.61 5.22
N LYS A 51 -1.57 -1.51 5.71
CA LYS A 51 -2.08 -1.45 7.07
C LYS A 51 -3.56 -1.81 7.10
N THR A 52 -3.98 -2.61 6.11
CA THR A 52 -5.37 -3.07 5.99
C THR A 52 -6.30 -1.95 5.51
N SER A 53 -7.04 -2.23 4.45
CA SER A 53 -8.02 -1.30 3.91
C SER A 53 -9.40 -1.95 3.94
N PRO A 54 -10.49 -1.17 3.83
CA PRO A 54 -11.86 -1.69 3.90
C PRO A 54 -12.10 -2.86 2.93
N GLU A 55 -12.01 -2.60 1.63
CA GLU A 55 -12.17 -3.65 0.62
C GLU A 55 -11.08 -4.71 0.75
N LEU A 56 -9.91 -4.30 1.23
CA LEU A 56 -8.81 -5.24 1.44
C LEU A 56 -9.19 -6.27 2.52
N ALA A 57 -9.82 -5.79 3.59
CA ALA A 57 -10.27 -6.67 4.67
C ALA A 57 -11.34 -7.62 4.16
N GLU A 58 -12.18 -7.12 3.25
CA GLU A 58 -13.21 -7.93 2.62
C GLU A 58 -12.55 -9.08 1.87
N LEU A 59 -11.59 -8.71 1.03
CA LEU A 59 -10.81 -9.66 0.24
C LEU A 59 -10.08 -10.67 1.14
N LEU A 60 -9.58 -10.18 2.27
CA LEU A 60 -8.85 -11.00 3.23
C LEU A 60 -9.78 -12.04 3.88
N ARG A 61 -11.00 -11.64 4.19
CA ARG A 61 -11.95 -12.52 4.86
C ARG A 61 -12.39 -13.67 3.97
N GLN A 62 -12.80 -13.35 2.75
CA GLN A 62 -13.30 -14.37 1.82
C GLN A 62 -12.17 -15.05 1.07
N GLN A 63 -11.00 -14.43 1.08
CA GLN A 63 -9.83 -14.96 0.38
C GLN A 63 -10.13 -15.18 -1.10
N HIS A 64 -10.58 -14.13 -1.78
CA HIS A 64 -10.79 -14.20 -3.23
C HIS A 64 -9.46 -14.07 -3.97
N SER A 65 -8.45 -13.68 -3.21
CA SER A 65 -7.08 -13.64 -3.69
C SER A 65 -6.15 -13.93 -2.52
N ASP A 66 -5.14 -14.76 -2.75
CA ASP A 66 -4.26 -15.17 -1.65
C ASP A 66 -3.21 -14.10 -1.36
N VAL A 67 -3.31 -13.52 -0.18
CA VAL A 67 -2.34 -12.55 0.28
C VAL A 67 -1.38 -13.20 1.28
N ARG A 68 -1.85 -14.29 1.90
CA ARG A 68 -1.11 -14.99 2.95
C ARG A 68 -0.75 -14.08 4.12
N PRO A 69 -1.58 -14.09 5.17
CA PRO A 69 -1.33 -13.31 6.38
C PRO A 69 -0.18 -13.87 7.20
N SER A 70 1.03 -13.66 6.73
CA SER A 70 2.21 -14.12 7.41
C SER A 70 3.35 -13.12 7.19
N ARG A 71 3.76 -12.45 8.26
CA ARG A 71 4.82 -11.46 8.20
C ARG A 71 5.48 -11.35 9.56
N HIS A 72 6.81 -11.29 9.57
CA HIS A 72 7.58 -11.28 10.80
C HIS A 72 7.34 -10.00 11.61
N LEU A 73 6.89 -8.96 10.91
CA LEU A 73 6.58 -7.67 11.55
C LEU A 73 5.38 -7.83 12.47
N ASN A 74 4.19 -7.87 11.87
CA ASN A 74 2.95 -8.10 12.60
C ASN A 74 1.86 -8.50 11.61
N LYS A 75 1.68 -9.80 11.46
CA LYS A 75 0.73 -10.34 10.48
C LYS A 75 -0.72 -10.02 10.85
N ALA A 76 -0.96 -9.74 12.12
CA ALA A 76 -2.32 -9.53 12.61
C ALA A 76 -2.79 -8.09 12.46
N HIS A 77 -1.95 -7.26 11.83
CA HIS A 77 -2.31 -5.86 11.63
C HIS A 77 -1.75 -5.34 10.30
N TRP A 78 -0.54 -5.75 9.99
CA TRP A 78 0.06 -5.44 8.71
C TRP A 78 -0.06 -6.65 7.80
N SER A 79 -0.45 -6.41 6.56
CA SER A 79 -0.59 -7.50 5.61
C SER A 79 0.24 -7.20 4.37
N THR A 80 1.09 -8.13 4.01
CA THR A 80 1.98 -7.96 2.89
C THR A 80 1.49 -8.77 1.69
N VAL A 81 1.25 -8.09 0.59
CA VAL A 81 0.77 -8.73 -0.61
C VAL A 81 1.94 -9.28 -1.42
N TYR A 82 2.04 -10.59 -1.47
CA TYR A 82 3.09 -11.24 -2.23
C TYR A 82 2.62 -11.45 -3.67
N LEU A 83 3.04 -10.56 -4.55
CA LEU A 83 2.63 -10.61 -5.95
C LEU A 83 3.76 -11.16 -6.82
N ASP A 84 4.50 -12.13 -6.28
CA ASP A 84 5.63 -12.70 -6.98
C ASP A 84 5.18 -13.70 -8.03
N GLY A 85 4.03 -14.32 -7.82
CA GLY A 85 3.51 -15.28 -8.78
C GLY A 85 2.00 -15.33 -8.76
N SER A 86 1.39 -14.23 -8.37
CA SER A 86 -0.06 -14.14 -8.29
C SER A 86 -0.46 -12.67 -8.16
N LEU A 87 -1.72 -12.43 -7.83
CA LEU A 87 -2.27 -11.09 -7.68
C LEU A 87 -2.24 -10.32 -9.00
N PRO A 88 -3.38 -10.30 -9.72
CA PRO A 88 -3.51 -9.59 -10.99
C PRO A 88 -3.26 -8.09 -10.84
N ASP A 89 -2.80 -7.46 -11.91
CA ASP A 89 -2.47 -6.04 -11.90
C ASP A 89 -3.66 -5.21 -11.48
N SER A 90 -4.81 -5.50 -12.08
CA SER A 90 -6.03 -4.76 -11.82
C SER A 90 -6.46 -4.94 -10.36
N GLN A 91 -6.15 -6.09 -9.78
CA GLN A 91 -6.50 -6.37 -8.39
C GLN A 91 -5.69 -5.48 -7.46
N ILE A 92 -4.39 -5.39 -7.75
CA ILE A 92 -3.50 -4.52 -6.98
C ILE A 92 -3.86 -3.06 -7.20
N TYR A 93 -4.14 -2.72 -8.45
CA TYR A 93 -4.59 -1.38 -8.84
C TYR A 93 -5.76 -0.94 -7.97
N TYR A 94 -6.70 -1.87 -7.76
CA TYR A 94 -7.88 -1.64 -6.96
C TYR A 94 -7.53 -1.46 -5.48
N LEU A 95 -6.63 -2.31 -4.98
CA LEU A 95 -6.30 -2.34 -3.56
C LEU A 95 -5.46 -1.12 -3.14
N VAL A 96 -4.53 -0.72 -3.98
CA VAL A 96 -3.64 0.40 -3.66
C VAL A 96 -4.42 1.70 -3.51
N ASP A 97 -5.35 1.96 -4.41
CA ASP A 97 -6.15 3.17 -4.36
C ASP A 97 -7.07 3.17 -3.13
N ALA A 98 -7.51 1.98 -2.75
CA ALA A 98 -8.35 1.84 -1.55
C ALA A 98 -7.56 2.16 -0.30
N SER A 99 -6.26 1.89 -0.35
CA SER A 99 -5.37 2.19 0.75
C SER A 99 -5.12 3.69 0.85
N TYR A 100 -5.06 4.35 -0.29
CA TYR A 100 -4.93 5.80 -0.33
C TYR A 100 -6.25 6.45 0.08
N GLN A 101 -7.36 5.83 -0.32
CA GLN A 101 -8.69 6.31 0.01
C GLN A 101 -8.85 6.53 1.51
N GLN A 102 -8.52 5.51 2.28
CA GLN A 102 -8.64 5.58 3.74
C GLN A 102 -7.76 6.69 4.30
N ALA A 103 -6.60 6.91 3.66
CA ALA A 103 -5.67 7.94 4.09
C ALA A 103 -6.28 9.33 3.93
N VAL A 104 -6.99 9.53 2.83
CA VAL A 104 -7.66 10.80 2.57
C VAL A 104 -8.76 11.06 3.60
N ASN A 105 -9.35 9.99 4.10
CA ASN A 105 -10.39 10.10 5.12
C ASN A 105 -9.77 10.39 6.49
N LEU A 106 -8.50 9.99 6.64
CA LEU A 106 -7.78 10.22 7.89
C LEU A 106 -7.13 11.60 7.89
N LEU A 107 -7.08 12.23 6.71
CA LEU A 107 -6.52 13.56 6.58
C LEU A 107 -7.55 14.62 6.95
N PRO A 108 -7.14 15.64 7.71
CA PRO A 108 -8.01 16.75 8.08
C PRO A 108 -8.45 17.58 6.87
N GLU A 109 -9.39 18.50 7.10
CA GLU A 109 -9.94 19.33 6.04
C GLU A 109 -8.84 20.08 5.29
N GLU A 110 -7.92 20.67 6.07
CA GLU A 110 -6.81 21.44 5.52
C GLU A 110 -6.11 20.71 4.40
N LYS A 111 -5.77 19.45 4.66
CA LYS A 111 -5.03 18.64 3.71
C LYS A 111 -5.91 18.31 2.50
N ARG A 112 -7.14 17.89 2.80
CA ARG A 112 -8.10 17.53 1.75
C ARG A 112 -8.38 18.69 0.82
N LYS A 113 -8.48 19.90 1.37
CA LYS A 113 -8.76 21.09 0.58
C LYS A 113 -7.67 21.33 -0.46
N LEU A 114 -6.44 20.99 -0.11
CA LEU A 114 -5.31 21.12 -1.00
C LEU A 114 -5.38 20.08 -2.10
N LEU A 115 -5.71 18.85 -1.72
CA LEU A 115 -5.76 17.72 -2.64
C LEU A 115 -6.80 17.91 -3.73
N VAL A 116 -7.84 18.68 -3.41
CA VAL A 116 -8.93 18.91 -4.37
C VAL A 116 -8.42 19.57 -5.64
N GLN A 117 -7.48 20.48 -5.49
CA GLN A 117 -6.96 21.26 -6.61
C GLN A 117 -6.02 20.45 -7.49
N LEU A 118 -5.35 19.47 -6.91
CA LEU A 118 -4.33 18.70 -7.62
C LEU A 118 -4.95 17.55 -8.41
N MET A 1 2.20 -5.45 -14.47
CA MET A 1 2.64 -4.27 -13.68
C MET A 1 4.05 -4.46 -13.16
N THR A 2 4.86 -3.41 -13.28
CA THR A 2 6.22 -3.45 -12.77
C THR A 2 6.38 -2.41 -11.67
N ILE A 3 7.43 -2.55 -10.87
CA ILE A 3 7.68 -1.64 -9.75
C ILE A 3 7.78 -0.20 -10.24
N SER A 4 8.38 -0.01 -11.42
CA SER A 4 8.59 1.32 -11.97
C SER A 4 7.27 2.06 -12.19
N GLU A 5 6.34 1.43 -12.91
CA GLU A 5 5.04 2.04 -13.17
C GLU A 5 4.25 2.23 -11.87
N LEU A 6 4.33 1.22 -11.00
CA LEU A 6 3.62 1.24 -9.73
C LEU A 6 4.10 2.42 -8.89
N LEU A 7 5.41 2.55 -8.76
CA LEU A 7 6.03 3.63 -7.99
C LEU A 7 5.67 4.98 -8.58
N GLN A 8 5.80 5.08 -9.89
CA GLN A 8 5.53 6.32 -10.60
C GLN A 8 4.07 6.75 -10.42
N TYR A 9 3.15 5.78 -10.49
CA TYR A 9 1.74 6.06 -10.30
C TYR A 9 1.46 6.56 -8.88
N CYS A 10 2.10 5.93 -7.90
CA CYS A 10 1.88 6.30 -6.50
C CYS A 10 2.29 7.74 -6.24
N MET A 11 3.47 8.11 -6.73
CA MET A 11 3.98 9.46 -6.54
C MET A 11 3.19 10.46 -7.38
N ALA A 12 2.49 9.95 -8.39
CA ALA A 12 1.69 10.80 -9.25
C ALA A 12 0.38 11.18 -8.57
N LYS A 13 0.08 10.49 -7.48
CA LYS A 13 -1.10 10.80 -6.69
C LYS A 13 -0.74 11.86 -5.65
N PRO A 14 -1.44 13.00 -5.67
CA PRO A 14 -1.13 14.16 -4.82
C PRO A 14 -1.04 13.80 -3.34
N GLY A 15 0.05 14.22 -2.70
CA GLY A 15 0.19 14.04 -1.27
C GLY A 15 1.18 12.94 -0.92
N ALA A 16 1.58 12.16 -1.92
CA ALA A 16 2.49 11.05 -1.70
C ALA A 16 3.94 11.53 -1.49
N GLU A 17 4.38 11.50 -0.24
CA GLU A 17 5.77 11.79 0.09
C GLU A 17 6.46 10.49 0.45
N GLN A 18 7.55 10.18 -0.23
CA GLN A 18 8.21 8.90 -0.08
C GLN A 18 9.29 8.93 0.99
N SER A 19 9.13 8.10 1.99
CA SER A 19 10.12 7.95 3.05
C SER A 19 10.69 6.53 3.03
N VAL A 20 11.98 6.39 2.77
CA VAL A 20 12.57 5.06 2.64
C VAL A 20 13.16 4.56 3.94
N HIS A 21 12.66 3.42 4.38
CA HIS A 21 13.23 2.69 5.50
C HIS A 21 14.35 1.80 4.95
N ASN A 22 15.56 1.96 5.46
CA ASN A 22 16.70 1.22 4.92
C ASN A 22 16.64 -0.24 5.37
N ASP A 23 17.81 -0.89 5.47
CA ASP A 23 17.92 -2.30 5.90
C ASP A 23 17.46 -3.24 4.79
N TRP A 24 16.17 -3.24 4.50
CA TRP A 24 15.64 -4.06 3.41
C TRP A 24 15.12 -3.20 2.27
N LYS A 25 15.26 -1.87 2.42
CA LYS A 25 14.81 -0.91 1.43
C LYS A 25 13.28 -0.95 1.29
N ALA A 26 12.62 -0.16 2.13
CA ALA A 26 11.17 -0.10 2.14
C ALA A 26 10.69 1.32 1.94
N THR A 27 10.16 1.61 0.76
CA THR A 27 9.67 2.93 0.46
C THR A 27 8.26 3.11 1.01
N GLN A 28 8.12 4.03 1.94
CA GLN A 28 6.83 4.30 2.56
C GLN A 28 6.11 5.41 1.81
N ILE A 29 4.94 5.09 1.29
CA ILE A 29 4.11 6.07 0.63
C ILE A 29 3.18 6.69 1.65
N LYS A 30 3.46 7.94 1.98
CA LYS A 30 2.83 8.59 3.11
C LYS A 30 2.49 10.04 2.79
N VAL A 31 1.38 10.52 3.33
CA VAL A 31 1.04 11.93 3.26
C VAL A 31 1.82 12.71 4.33
N GLU A 32 1.17 13.62 5.03
CA GLU A 32 1.80 14.34 6.15
C GLU A 32 2.41 13.34 7.13
N ASP A 33 1.57 12.48 7.69
CA ASP A 33 2.04 11.36 8.50
C ASP A 33 0.97 10.28 8.58
N VAL A 34 0.78 9.56 7.48
CA VAL A 34 -0.15 8.45 7.40
C VAL A 34 0.38 7.43 6.42
N LEU A 35 0.69 6.24 6.89
CA LEU A 35 1.19 5.18 6.02
C LEU A 35 0.05 4.25 5.64
N PHE A 36 -0.35 4.32 4.39
CA PHE A 36 -1.47 3.52 3.90
C PHE A 36 -0.99 2.37 3.01
N ALA A 37 0.20 2.53 2.44
CA ALA A 37 0.78 1.51 1.57
C ALA A 37 2.26 1.75 1.39
N MET A 38 3.03 0.68 1.28
CA MET A 38 4.47 0.82 1.07
C MET A 38 5.06 -0.46 0.45
N VAL A 39 5.96 -0.27 -0.51
CA VAL A 39 6.65 -1.39 -1.15
C VAL A 39 7.93 -1.70 -0.39
N LYS A 40 8.17 -2.97 -0.15
CA LYS A 40 9.31 -3.41 0.63
C LYS A 40 9.91 -4.65 -0.01
N GLU A 41 11.20 -4.81 0.10
CA GLU A 41 11.82 -6.05 -0.32
C GLU A 41 12.05 -6.91 0.93
N VAL A 42 11.30 -7.99 1.02
CA VAL A 42 11.39 -8.88 2.16
C VAL A 42 11.22 -10.32 1.70
N GLU A 43 11.97 -11.23 2.32
CA GLU A 43 12.02 -12.63 1.88
C GLU A 43 12.58 -12.68 0.46
N ASN A 44 13.39 -11.66 0.13
CA ASN A 44 13.94 -11.48 -1.21
C ASN A 44 12.81 -11.45 -2.25
N ARG A 45 11.69 -10.86 -1.84
CA ARG A 45 10.50 -10.83 -2.66
C ARG A 45 9.85 -9.45 -2.61
N PRO A 46 9.42 -8.91 -3.76
CA PRO A 46 8.74 -7.62 -3.83
C PRO A 46 7.37 -7.69 -3.16
N ALA A 47 7.23 -7.01 -2.03
CA ALA A 47 5.98 -7.06 -1.27
C ALA A 47 5.42 -5.67 -1.01
N VAL A 48 4.14 -5.52 -1.25
CA VAL A 48 3.44 -4.27 -0.98
C VAL A 48 2.40 -4.51 0.11
N SER A 49 2.35 -3.62 1.08
CA SER A 49 1.46 -3.81 2.21
C SER A 49 0.46 -2.67 2.29
N LEU A 50 -0.78 -3.03 2.55
CA LEU A 50 -1.86 -2.06 2.69
C LEU A 50 -2.23 -1.92 4.17
N LYS A 51 -2.57 -0.70 4.56
CA LYS A 51 -3.15 -0.46 5.87
C LYS A 51 -4.46 -1.23 5.99
N THR A 52 -4.71 -1.81 7.17
CA THR A 52 -5.89 -2.64 7.43
C THR A 52 -7.15 -2.08 6.79
N SER A 53 -7.56 -2.71 5.70
CA SER A 53 -8.77 -2.33 5.00
C SER A 53 -9.83 -3.41 5.22
N PRO A 54 -11.11 -3.02 5.32
CA PRO A 54 -12.21 -3.95 5.56
C PRO A 54 -12.20 -5.13 4.60
N GLU A 55 -12.29 -4.84 3.30
CA GLU A 55 -12.39 -5.87 2.28
C GLU A 55 -11.11 -6.71 2.22
N LEU A 56 -9.97 -6.10 2.54
CA LEU A 56 -8.70 -6.81 2.56
C LEU A 56 -8.69 -7.83 3.71
N ALA A 57 -9.17 -7.41 4.87
CA ALA A 57 -9.26 -8.30 6.03
C ALA A 57 -10.35 -9.35 5.83
N GLU A 58 -11.40 -8.95 5.12
CA GLU A 58 -12.48 -9.86 4.76
C GLU A 58 -11.95 -11.02 3.92
N LEU A 59 -11.10 -10.69 2.95
CA LEU A 59 -10.49 -11.68 2.07
C LEU A 59 -9.66 -12.68 2.88
N LEU A 60 -8.93 -12.16 3.87
CA LEU A 60 -8.07 -12.96 4.72
C LEU A 60 -8.86 -14.02 5.50
N ARG A 61 -10.12 -13.71 5.81
CA ARG A 61 -10.94 -14.60 6.61
C ARG A 61 -11.44 -15.79 5.80
N GLN A 62 -11.65 -15.59 4.50
CA GLN A 62 -12.14 -16.67 3.65
C GLN A 62 -11.00 -17.41 2.97
N GLN A 63 -10.07 -16.67 2.37
CA GLN A 63 -8.97 -17.27 1.64
C GLN A 63 -7.77 -17.45 2.54
N HIS A 64 -6.89 -18.39 2.20
CA HIS A 64 -5.75 -18.71 3.06
C HIS A 64 -4.65 -19.47 2.31
N SER A 65 -4.81 -19.70 1.01
CA SER A 65 -3.80 -20.41 0.24
C SER A 65 -3.29 -19.55 -0.92
N ASP A 66 -3.57 -18.27 -0.84
CA ASP A 66 -3.20 -17.33 -1.91
C ASP A 66 -2.77 -16.00 -1.31
N VAL A 67 -3.69 -15.34 -0.62
CA VAL A 67 -3.39 -14.11 0.08
C VAL A 67 -2.37 -14.36 1.20
N ARG A 68 -1.38 -13.48 1.29
CA ARG A 68 -0.29 -13.65 2.24
C ARG A 68 -0.47 -12.72 3.44
N PRO A 69 -0.61 -13.28 4.65
CA PRO A 69 -0.71 -12.50 5.87
C PRO A 69 0.66 -12.08 6.39
N SER A 70 1.53 -11.67 5.47
CA SER A 70 2.91 -11.29 5.79
C SER A 70 3.62 -12.46 6.49
N ARG A 71 4.66 -12.16 7.26
CA ARG A 71 5.34 -13.15 8.04
C ARG A 71 5.76 -12.57 9.40
N HIS A 72 6.90 -11.89 9.43
CA HIS A 72 7.41 -11.33 10.67
C HIS A 72 7.04 -9.86 10.83
N LEU A 73 6.62 -9.22 9.75
CA LEU A 73 6.24 -7.81 9.80
C LEU A 73 5.05 -7.60 10.74
N ASN A 74 3.85 -7.93 10.27
CA ASN A 74 2.67 -7.82 11.09
C ASN A 74 1.53 -8.62 10.46
N LYS A 75 0.72 -9.24 11.30
CA LYS A 75 -0.33 -10.13 10.82
C LYS A 75 -1.63 -9.40 10.50
N ALA A 76 -2.01 -8.42 11.32
CA ALA A 76 -3.34 -7.81 11.22
C ALA A 76 -3.28 -6.30 10.95
N HIS A 77 -2.22 -5.65 11.41
CA HIS A 77 -2.09 -4.21 11.27
C HIS A 77 -1.78 -3.84 9.83
N TRP A 78 -1.29 -4.82 9.07
CA TRP A 78 -1.00 -4.64 7.66
C TRP A 78 -1.47 -5.84 6.87
N SER A 79 -1.64 -5.67 5.57
CA SER A 79 -1.88 -6.78 4.68
C SER A 79 -0.84 -6.74 3.56
N THR A 80 -0.13 -7.84 3.38
CA THR A 80 1.04 -7.83 2.51
C THR A 80 0.88 -8.74 1.30
N VAL A 81 0.89 -8.14 0.13
CA VAL A 81 0.79 -8.88 -1.11
C VAL A 81 2.15 -8.97 -1.78
N TYR A 82 2.64 -10.18 -1.97
CA TYR A 82 3.89 -10.39 -2.69
C TYR A 82 3.59 -10.52 -4.18
N LEU A 83 4.39 -9.86 -5.00
CA LEU A 83 4.18 -9.90 -6.45
C LEU A 83 4.76 -11.19 -7.03
N ASP A 84 4.02 -12.28 -6.84
CA ASP A 84 4.43 -13.58 -7.36
C ASP A 84 4.02 -13.71 -8.82
N GLY A 85 2.81 -14.22 -9.05
CA GLY A 85 2.33 -14.41 -10.40
C GLY A 85 0.82 -14.42 -10.46
N SER A 86 0.20 -13.56 -9.67
CA SER A 86 -1.25 -13.46 -9.62
C SER A 86 -1.65 -12.01 -9.36
N LEU A 87 -2.93 -11.78 -9.06
CA LEU A 87 -3.47 -10.45 -8.84
C LEU A 87 -3.25 -9.57 -10.08
N PRO A 88 -4.23 -9.55 -11.00
CA PRO A 88 -4.14 -8.78 -12.24
C PRO A 88 -3.94 -7.29 -11.99
N ASP A 89 -3.41 -6.60 -12.99
CA ASP A 89 -3.12 -5.16 -12.90
C ASP A 89 -4.35 -4.39 -12.43
N SER A 90 -5.53 -4.86 -12.83
CA SER A 90 -6.78 -4.23 -12.46
C SER A 90 -6.95 -4.19 -10.94
N GLN A 91 -6.68 -5.32 -10.28
CA GLN A 91 -6.77 -5.41 -8.84
C GLN A 91 -5.71 -4.54 -8.17
N ILE A 92 -4.55 -4.44 -8.82
CA ILE A 92 -3.44 -3.64 -8.31
C ILE A 92 -3.84 -2.16 -8.25
N TYR A 93 -4.60 -1.70 -9.25
CA TYR A 93 -5.12 -0.34 -9.25
C TYR A 93 -5.98 -0.10 -8.00
N TYR A 94 -6.85 -1.06 -7.72
CA TYR A 94 -7.72 -1.00 -6.54
C TYR A 94 -6.87 -0.91 -5.27
N LEU A 95 -5.90 -1.82 -5.14
CA LEU A 95 -5.07 -1.91 -3.95
C LEU A 95 -4.44 -0.55 -3.60
N VAL A 96 -3.85 0.10 -4.59
CA VAL A 96 -3.12 1.35 -4.35
C VAL A 96 -4.07 2.51 -4.09
N ASP A 97 -5.15 2.60 -4.88
CA ASP A 97 -6.06 3.74 -4.78
C ASP A 97 -6.93 3.62 -3.53
N ALA A 98 -7.35 2.39 -3.21
CA ALA A 98 -8.20 2.17 -2.04
C ALA A 98 -7.49 2.58 -0.75
N SER A 99 -6.23 2.21 -0.61
CA SER A 99 -5.45 2.59 0.56
C SER A 99 -5.24 4.11 0.57
N TYR A 100 -5.07 4.68 -0.61
CA TYR A 100 -4.92 6.12 -0.74
C TYR A 100 -6.17 6.84 -0.23
N GLN A 101 -7.35 6.37 -0.65
CA GLN A 101 -8.60 6.93 -0.17
C GLN A 101 -8.71 6.80 1.35
N GLN A 102 -8.18 5.71 1.89
CA GLN A 102 -8.19 5.48 3.34
C GLN A 102 -7.50 6.62 4.07
N ALA A 103 -6.42 7.13 3.48
CA ALA A 103 -5.70 8.26 4.05
C ALA A 103 -6.47 9.56 3.83
N VAL A 104 -6.96 9.74 2.60
CA VAL A 104 -7.66 10.95 2.19
C VAL A 104 -8.85 11.28 3.09
N ASN A 105 -9.66 10.26 3.42
CA ASN A 105 -10.87 10.50 4.19
C ASN A 105 -10.55 10.70 5.67
N LEU A 106 -9.34 10.32 6.09
CA LEU A 106 -8.92 10.50 7.48
C LEU A 106 -8.34 11.89 7.67
N LEU A 107 -7.94 12.52 6.58
CA LEU A 107 -7.37 13.86 6.63
C LEU A 107 -8.46 14.91 6.85
N PRO A 108 -8.19 15.92 7.68
CA PRO A 108 -9.13 17.02 7.94
C PRO A 108 -9.27 17.97 6.76
N GLU A 109 -10.18 18.93 6.88
CA GLU A 109 -10.48 19.89 5.82
C GLU A 109 -9.23 20.55 5.25
N GLU A 110 -8.43 21.12 6.14
CA GLU A 110 -7.22 21.82 5.77
C GLU A 110 -6.28 20.92 4.96
N LYS A 111 -6.11 19.69 5.43
CA LYS A 111 -5.24 18.73 4.77
C LYS A 111 -5.79 18.35 3.40
N ARG A 112 -7.10 18.22 3.30
CA ARG A 112 -7.75 17.82 2.05
C ARG A 112 -7.67 18.93 1.02
N LYS A 113 -7.59 20.17 1.47
CA LYS A 113 -7.48 21.31 0.58
C LYS A 113 -6.20 21.24 -0.23
N LEU A 114 -5.14 20.78 0.41
CA LEU A 114 -3.87 20.60 -0.26
C LEU A 114 -3.99 19.59 -1.40
N LEU A 115 -4.73 18.53 -1.15
CA LEU A 115 -4.95 17.47 -2.14
C LEU A 115 -5.77 17.99 -3.32
N VAL A 116 -6.58 19.02 -3.07
CA VAL A 116 -7.38 19.62 -4.13
C VAL A 116 -6.54 20.58 -4.96
N GLN A 117 -5.62 21.28 -4.30
CA GLN A 117 -4.78 22.27 -4.96
C GLN A 117 -3.72 21.62 -5.86
N LEU A 118 -3.13 20.53 -5.40
CA LEU A 118 -2.05 19.86 -6.13
C LEU A 118 -2.55 19.27 -7.45
N MET A 1 3.51 -6.99 -14.29
CA MET A 1 3.28 -5.59 -13.86
C MET A 1 4.50 -5.08 -13.11
N THR A 2 5.14 -4.05 -13.66
CA THR A 2 6.38 -3.53 -13.09
C THR A 2 6.12 -2.56 -11.93
N ILE A 3 7.03 -2.59 -10.95
CA ILE A 3 6.88 -1.76 -9.76
C ILE A 3 6.98 -0.28 -10.13
N SER A 4 7.72 0.01 -11.20
CA SER A 4 7.88 1.37 -11.68
C SER A 4 6.53 2.01 -11.99
N GLU A 5 5.63 1.24 -12.59
CA GLU A 5 4.31 1.73 -12.93
C GLU A 5 3.50 2.00 -11.67
N LEU A 6 3.65 1.12 -10.68
CA LEU A 6 2.97 1.27 -9.41
C LEU A 6 3.45 2.53 -8.69
N LEU A 7 4.76 2.70 -8.64
CA LEU A 7 5.37 3.86 -8.00
C LEU A 7 4.92 5.16 -8.66
N GLN A 8 4.89 5.19 -9.98
CA GLN A 8 4.49 6.38 -10.71
C GLN A 8 3.01 6.67 -10.47
N TYR A 9 2.21 5.63 -10.33
CA TYR A 9 0.80 5.77 -10.04
C TYR A 9 0.60 6.41 -8.67
N CYS A 10 1.51 6.13 -7.75
CA CYS A 10 1.47 6.72 -6.42
C CYS A 10 1.87 8.19 -6.49
N MET A 11 2.87 8.50 -7.30
CA MET A 11 3.36 9.86 -7.46
C MET A 11 2.31 10.75 -8.13
N ALA A 12 1.37 10.11 -8.82
CA ALA A 12 0.30 10.83 -9.50
C ALA A 12 -0.78 11.26 -8.51
N LYS A 13 -0.65 10.80 -7.27
CA LYS A 13 -1.58 11.18 -6.21
C LYS A 13 -1.03 12.38 -5.45
N PRO A 14 -1.71 13.53 -5.52
CA PRO A 14 -1.25 14.77 -4.90
C PRO A 14 -1.21 14.70 -3.38
N GLY A 15 0.00 14.59 -2.84
CA GLY A 15 0.17 14.56 -1.40
C GLY A 15 0.99 13.38 -0.94
N ALA A 16 1.06 12.35 -1.78
CA ALA A 16 1.78 11.13 -1.44
C ALA A 16 3.28 11.38 -1.34
N GLU A 17 3.86 10.92 -0.24
CA GLU A 17 5.29 11.02 -0.02
C GLU A 17 5.89 9.63 0.15
N GLN A 18 6.88 9.32 -0.66
CA GLN A 18 7.47 8.00 -0.64
C GLN A 18 8.83 8.02 0.02
N SER A 19 8.98 7.25 1.08
CA SER A 19 10.22 7.21 1.83
C SER A 19 10.78 5.81 1.88
N VAL A 20 11.96 5.61 1.30
CA VAL A 20 12.61 4.32 1.30
C VAL A 20 13.34 4.10 2.62
N HIS A 21 13.13 2.93 3.20
CA HIS A 21 13.82 2.56 4.43
C HIS A 21 15.10 1.81 4.09
N ASN A 22 16.24 2.38 4.47
CA ASN A 22 17.54 1.81 4.13
C ASN A 22 17.71 0.40 4.70
N ASP A 23 17.06 0.14 5.84
CA ASP A 23 17.21 -1.13 6.54
C ASP A 23 16.35 -2.23 5.92
N TRP A 24 15.55 -1.87 4.92
CA TRP A 24 14.72 -2.84 4.21
C TRP A 24 14.88 -2.72 2.70
N LYS A 25 15.41 -1.58 2.25
CA LYS A 25 15.51 -1.26 0.81
C LYS A 25 14.13 -1.23 0.19
N ALA A 26 13.14 -0.88 1.00
CA ALA A 26 11.75 -0.89 0.57
C ALA A 26 11.13 0.50 0.75
N THR A 27 10.14 0.80 -0.08
CA THR A 27 9.55 2.13 -0.09
C THR A 27 8.24 2.16 0.71
N GLN A 28 8.23 2.96 1.76
CA GLN A 28 7.04 3.14 2.57
C GLN A 28 6.34 4.43 2.17
N ILE A 29 5.05 4.34 1.89
CA ILE A 29 4.32 5.46 1.33
C ILE A 29 3.45 6.14 2.38
N LYS A 30 3.76 7.39 2.67
CA LYS A 30 3.03 8.16 3.67
C LYS A 30 2.43 9.40 3.03
N VAL A 31 1.58 10.08 3.77
CA VAL A 31 1.13 11.41 3.38
C VAL A 31 2.10 12.42 3.98
N GLU A 32 1.57 13.46 4.61
CA GLU A 32 2.42 14.38 5.36
C GLU A 32 3.16 13.62 6.48
N ASP A 33 2.46 12.73 7.13
CA ASP A 33 3.09 11.82 8.11
C ASP A 33 2.28 10.53 8.27
N VAL A 34 1.04 10.50 7.79
CA VAL A 34 0.18 9.33 7.94
C VAL A 34 0.64 8.21 7.01
N LEU A 35 1.03 7.08 7.62
CA LEU A 35 1.46 5.91 6.86
C LEU A 35 0.27 4.99 6.60
N PHE A 36 -0.12 4.87 5.34
CA PHE A 36 -1.28 4.05 4.99
C PHE A 36 -0.84 2.70 4.45
N ALA A 37 0.14 2.68 3.55
CA ALA A 37 0.60 1.45 2.93
C ALA A 37 2.07 1.54 2.58
N MET A 38 2.70 0.40 2.35
CA MET A 38 4.13 0.36 2.06
C MET A 38 4.50 -0.90 1.28
N VAL A 39 5.24 -0.72 0.20
CA VAL A 39 5.73 -1.85 -0.58
C VAL A 39 7.10 -2.28 -0.05
N LYS A 40 7.19 -3.50 0.47
CA LYS A 40 8.40 -3.95 1.14
C LYS A 40 8.70 -5.39 0.76
N GLU A 41 9.77 -5.58 0.00
CA GLU A 41 10.17 -6.91 -0.42
C GLU A 41 10.83 -7.67 0.72
N VAL A 42 10.15 -8.72 1.18
CA VAL A 42 10.67 -9.55 2.22
C VAL A 42 11.06 -10.90 1.63
N GLU A 43 12.27 -11.37 1.97
CA GLU A 43 12.78 -12.63 1.45
C GLU A 43 13.07 -12.51 -0.05
N ASN A 44 13.27 -11.26 -0.48
CA ASN A 44 13.47 -10.93 -1.91
C ASN A 44 12.22 -11.33 -2.71
N ARG A 45 11.08 -11.29 -2.05
CA ARG A 45 9.82 -11.64 -2.70
C ARG A 45 8.92 -10.41 -2.78
N PRO A 46 8.64 -9.93 -4.01
CA PRO A 46 7.84 -8.73 -4.24
C PRO A 46 6.47 -8.79 -3.56
N ALA A 47 6.21 -7.80 -2.71
CA ALA A 47 4.98 -7.78 -1.92
C ALA A 47 4.70 -6.40 -1.34
N VAL A 48 3.43 -6.00 -1.33
CA VAL A 48 3.05 -4.70 -0.81
C VAL A 48 2.17 -4.87 0.44
N SER A 49 2.45 -4.08 1.47
CA SER A 49 1.78 -4.22 2.75
C SER A 49 0.72 -3.14 2.93
N LEU A 50 -0.53 -3.57 3.02
CA LEU A 50 -1.64 -2.68 3.31
C LEU A 50 -2.04 -2.87 4.76
N LYS A 51 -2.83 -1.95 5.30
CA LYS A 51 -3.40 -2.16 6.63
C LYS A 51 -4.76 -2.84 6.50
N THR A 52 -5.48 -2.94 7.60
CA THR A 52 -6.76 -3.62 7.63
C THR A 52 -7.77 -2.95 6.68
N SER A 53 -7.90 -3.52 5.48
CA SER A 53 -8.83 -3.02 4.49
C SER A 53 -9.96 -4.03 4.32
N PRO A 54 -11.21 -3.55 4.15
CA PRO A 54 -12.41 -4.39 4.11
C PRO A 54 -12.31 -5.56 3.13
N GLU A 55 -12.25 -5.25 1.85
CA GLU A 55 -12.26 -6.28 0.81
C GLU A 55 -10.99 -7.13 0.85
N LEU A 56 -9.88 -6.53 1.28
CA LEU A 56 -8.62 -7.26 1.41
C LEU A 56 -8.71 -8.29 2.53
N ALA A 57 -9.17 -7.86 3.70
CA ALA A 57 -9.28 -8.74 4.86
C ALA A 57 -10.32 -9.82 4.62
N GLU A 58 -11.47 -9.43 4.07
CA GLU A 58 -12.56 -10.38 3.81
C GLU A 58 -12.11 -11.55 2.96
N LEU A 59 -11.28 -11.28 1.97
CA LEU A 59 -10.80 -12.33 1.09
C LEU A 59 -9.99 -13.36 1.87
N LEU A 60 -9.00 -12.89 2.62
CA LEU A 60 -8.11 -13.78 3.35
C LEU A 60 -8.81 -14.38 4.58
N ARG A 61 -9.77 -13.65 5.13
CA ARG A 61 -10.48 -14.10 6.33
C ARG A 61 -11.29 -15.35 6.05
N GLN A 62 -11.97 -15.38 4.91
CA GLN A 62 -12.75 -16.54 4.51
C GLN A 62 -11.87 -17.55 3.78
N GLN A 63 -11.11 -17.06 2.79
CA GLN A 63 -10.28 -17.92 1.98
C GLN A 63 -8.81 -17.76 2.35
N HIS A 64 -8.36 -18.56 3.30
CA HIS A 64 -6.98 -18.50 3.75
C HIS A 64 -6.10 -19.40 2.89
N SER A 65 -5.79 -18.93 1.69
CA SER A 65 -4.98 -19.68 0.76
C SER A 65 -4.09 -18.76 -0.07
N ASP A 66 -2.99 -19.32 -0.58
CA ASP A 66 -2.11 -18.67 -1.56
C ASP A 66 -1.23 -17.58 -0.92
N VAL A 67 -1.87 -16.61 -0.27
CA VAL A 67 -1.17 -15.43 0.26
C VAL A 67 -0.05 -15.81 1.24
N ARG A 68 -0.37 -16.68 2.20
CA ARG A 68 0.55 -17.10 3.26
C ARG A 68 0.88 -15.94 4.21
N PRO A 69 1.21 -16.25 5.48
CA PRO A 69 1.54 -15.22 6.48
C PRO A 69 2.77 -14.41 6.07
N SER A 70 2.56 -13.14 5.75
CA SER A 70 3.65 -12.27 5.34
C SER A 70 4.33 -11.65 6.55
N ARG A 71 5.46 -12.22 6.95
CA ARG A 71 6.17 -11.76 8.13
C ARG A 71 6.95 -10.48 7.85
N HIS A 72 6.26 -9.35 7.90
CA HIS A 72 6.91 -8.06 7.84
C HIS A 72 7.10 -7.52 9.25
N LEU A 73 6.02 -7.55 10.03
CA LEU A 73 6.05 -7.18 11.43
C LEU A 73 5.10 -8.09 12.19
N ASN A 74 3.83 -8.00 11.83
CA ASN A 74 2.81 -8.85 12.41
C ASN A 74 2.32 -9.87 11.38
N LYS A 75 1.78 -10.98 11.87
CA LYS A 75 1.25 -12.01 10.98
C LYS A 75 -0.18 -11.66 10.53
N ALA A 76 -0.93 -10.99 11.40
CA ALA A 76 -2.32 -10.67 11.10
C ALA A 76 -2.74 -9.32 11.70
N HIS A 77 -2.63 -8.28 10.88
CA HIS A 77 -3.13 -6.95 11.20
C HIS A 77 -2.88 -6.07 9.99
N TRP A 78 -1.62 -6.01 9.58
CA TRP A 78 -1.27 -5.57 8.25
C TRP A 78 -1.51 -6.73 7.30
N SER A 79 -1.83 -6.44 6.06
CA SER A 79 -2.07 -7.48 5.08
C SER A 79 -1.20 -7.24 3.87
N THR A 80 -0.44 -8.24 3.51
CA THR A 80 0.54 -8.09 2.44
C THR A 80 0.12 -8.86 1.20
N VAL A 81 0.04 -8.13 0.08
CA VAL A 81 -0.28 -8.73 -1.19
C VAL A 81 1.01 -9.02 -1.95
N TYR A 82 1.36 -10.29 -2.07
CA TYR A 82 2.53 -10.70 -2.83
C TYR A 82 2.35 -10.37 -4.30
N LEU A 83 3.00 -9.30 -4.74
CA LEU A 83 2.94 -8.88 -6.14
C LEU A 83 3.62 -9.93 -7.02
N ASP A 84 4.50 -10.71 -6.38
CA ASP A 84 5.15 -11.85 -7.02
C ASP A 84 4.13 -12.86 -7.54
N GLY A 85 2.97 -12.91 -6.89
CA GLY A 85 1.93 -13.85 -7.28
C GLY A 85 1.34 -13.52 -8.63
N SER A 86 1.66 -12.34 -9.14
CA SER A 86 1.20 -11.86 -10.44
C SER A 86 -0.30 -11.61 -10.43
N LEU A 87 -0.69 -10.41 -10.03
CA LEU A 87 -2.08 -10.00 -10.01
C LEU A 87 -2.37 -9.10 -11.20
N PRO A 88 -3.62 -9.09 -11.69
CA PRO A 88 -4.03 -8.22 -12.80
C PRO A 88 -3.67 -6.75 -12.55
N ASP A 89 -3.30 -6.05 -13.61
CA ASP A 89 -2.88 -4.65 -13.50
C ASP A 89 -3.98 -3.78 -12.91
N SER A 90 -5.24 -4.12 -13.22
CA SER A 90 -6.38 -3.38 -12.70
C SER A 90 -6.45 -3.46 -11.17
N GLN A 91 -5.97 -4.55 -10.61
CA GLN A 91 -5.99 -4.73 -9.17
C GLN A 91 -5.07 -3.73 -8.47
N ILE A 92 -3.96 -3.41 -9.12
CA ILE A 92 -3.00 -2.46 -8.57
C ILE A 92 -3.61 -1.07 -8.45
N TYR A 93 -4.40 -0.69 -9.44
CA TYR A 93 -5.10 0.60 -9.41
C TYR A 93 -5.97 0.69 -8.17
N TYR A 94 -6.67 -0.40 -7.86
CA TYR A 94 -7.52 -0.46 -6.69
C TYR A 94 -6.69 -0.42 -5.41
N LEU A 95 -5.69 -1.29 -5.33
CA LEU A 95 -4.87 -1.43 -4.13
C LEU A 95 -4.29 -0.10 -3.67
N VAL A 96 -3.72 0.64 -4.61
CA VAL A 96 -3.08 1.91 -4.27
C VAL A 96 -4.12 2.98 -3.94
N ASP A 97 -5.13 3.11 -4.79
CA ASP A 97 -6.10 4.19 -4.65
C ASP A 97 -6.95 4.03 -3.41
N ALA A 98 -7.42 2.81 -3.15
CA ALA A 98 -8.27 2.54 -1.99
C ALA A 98 -7.52 2.81 -0.69
N SER A 99 -6.25 2.45 -0.66
CA SER A 99 -5.43 2.68 0.52
C SER A 99 -5.19 4.17 0.73
N TYR A 100 -4.98 4.88 -0.37
CA TYR A 100 -4.73 6.32 -0.31
C TYR A 100 -6.01 7.06 0.07
N GLN A 101 -7.14 6.59 -0.48
CA GLN A 101 -8.44 7.19 -0.21
C GLN A 101 -8.71 7.22 1.29
N GLN A 102 -8.39 6.12 1.97
CA GLN A 102 -8.57 6.03 3.42
C GLN A 102 -7.77 7.11 4.14
N ALA A 103 -6.54 7.33 3.68
CA ALA A 103 -5.67 8.33 4.29
C ALA A 103 -6.18 9.75 4.02
N VAL A 104 -6.74 9.96 2.83
CA VAL A 104 -7.29 11.25 2.46
C VAL A 104 -8.44 11.64 3.38
N ASN A 105 -9.27 10.67 3.74
CA ASN A 105 -10.42 10.92 4.60
C ASN A 105 -9.99 11.17 6.04
N LEU A 106 -8.77 10.80 6.37
CA LEU A 106 -8.23 11.02 7.71
C LEU A 106 -7.65 12.44 7.82
N LEU A 107 -7.52 13.10 6.69
CA LEU A 107 -6.98 14.45 6.65
C LEU A 107 -8.08 15.49 6.70
N PRO A 108 -7.82 16.63 7.36
CA PRO A 108 -8.78 17.73 7.46
C PRO A 108 -9.04 18.41 6.11
N GLU A 109 -10.20 19.04 6.00
CA GLU A 109 -10.63 19.71 4.76
C GLU A 109 -9.54 20.63 4.22
N GLU A 110 -9.09 21.56 5.06
CA GLU A 110 -8.08 22.54 4.68
C GLU A 110 -6.87 21.88 4.01
N LYS A 111 -6.35 20.85 4.65
CA LYS A 111 -5.14 20.17 4.18
C LYS A 111 -5.36 19.54 2.82
N ARG A 112 -6.51 18.91 2.65
CA ARG A 112 -6.85 18.25 1.40
C ARG A 112 -6.96 19.27 0.26
N LYS A 113 -7.51 20.43 0.56
CA LYS A 113 -7.67 21.48 -0.44
C LYS A 113 -6.31 21.98 -0.92
N LEU A 114 -5.33 21.92 -0.03
CA LEU A 114 -3.97 22.27 -0.37
C LEU A 114 -3.40 21.26 -1.36
N LEU A 115 -3.72 19.99 -1.13
CA LEU A 115 -3.26 18.91 -2.00
C LEU A 115 -3.86 19.05 -3.40
N VAL A 116 -5.06 19.62 -3.48
CA VAL A 116 -5.75 19.81 -4.76
C VAL A 116 -4.95 20.76 -5.67
N GLN A 117 -4.21 21.66 -5.06
CA GLN A 117 -3.41 22.63 -5.78
C GLN A 117 -2.16 21.98 -6.39
N LEU A 118 -1.71 20.89 -5.77
CA LEU A 118 -0.52 20.19 -6.22
C LEU A 118 -0.77 19.49 -7.56
N MET A 1 1.81 -7.24 -15.31
CA MET A 1 2.12 -5.92 -14.73
C MET A 1 2.76 -6.10 -13.36
N THR A 2 3.72 -5.24 -13.05
CA THR A 2 4.41 -5.29 -11.77
C THR A 2 4.16 -4.03 -10.95
N ILE A 3 4.58 -4.05 -9.69
CA ILE A 3 4.35 -2.92 -8.80
C ILE A 3 5.21 -1.71 -9.19
N SER A 4 6.28 -1.97 -9.93
CA SER A 4 7.16 -0.91 -10.41
C SER A 4 6.38 0.10 -11.26
N GLU A 5 5.41 -0.41 -12.02
CA GLU A 5 4.56 0.43 -12.85
C GLU A 5 3.58 1.23 -11.99
N LEU A 6 3.19 0.64 -10.86
CA LEU A 6 2.33 1.30 -9.91
C LEU A 6 3.09 2.38 -9.15
N LEU A 7 4.39 2.15 -8.96
CA LEU A 7 5.26 3.10 -8.29
C LEU A 7 5.21 4.45 -8.99
N GLN A 8 5.25 4.43 -10.32
CA GLN A 8 5.14 5.64 -11.10
C GLN A 8 3.78 6.31 -10.89
N TYR A 9 2.76 5.50 -10.68
CA TYR A 9 1.40 5.99 -10.47
C TYR A 9 1.25 6.64 -9.10
N CYS A 10 1.98 6.13 -8.12
CA CYS A 10 1.96 6.69 -6.77
C CYS A 10 2.43 8.15 -6.77
N MET A 11 3.35 8.46 -7.68
CA MET A 11 3.89 9.80 -7.78
C MET A 11 2.90 10.74 -8.48
N ALA A 12 1.82 10.17 -9.01
CA ALA A 12 0.78 10.97 -9.64
C ALA A 12 -0.24 11.44 -8.61
N LYS A 13 -0.15 10.87 -7.42
CA LYS A 13 -1.01 11.27 -6.31
C LYS A 13 -0.39 12.45 -5.57
N PRO A 14 -1.08 13.60 -5.55
CA PRO A 14 -0.58 14.80 -4.88
C PRO A 14 -0.53 14.64 -3.36
N GLY A 15 0.55 15.12 -2.75
CA GLY A 15 0.66 15.08 -1.30
C GLY A 15 1.36 13.82 -0.81
N ALA A 16 1.36 12.79 -1.64
CA ALA A 16 1.97 11.52 -1.27
C ALA A 16 3.44 11.50 -1.67
N GLU A 17 4.32 11.43 -0.68
CA GLU A 17 5.73 11.33 -0.93
C GLU A 17 6.29 10.05 -0.35
N GLN A 18 7.50 9.69 -0.74
CA GLN A 18 8.11 8.45 -0.30
C GLN A 18 9.24 8.72 0.68
N SER A 19 9.35 7.87 1.68
CA SER A 19 10.45 7.95 2.64
C SER A 19 11.08 6.57 2.81
N VAL A 20 12.39 6.50 2.64
CA VAL A 20 13.11 5.25 2.80
C VAL A 20 13.86 5.22 4.13
N HIS A 21 13.86 4.06 4.78
CA HIS A 21 14.60 3.89 6.02
C HIS A 21 15.64 2.80 5.86
N ASN A 22 16.84 3.07 6.38
CA ASN A 22 17.99 2.18 6.17
C ASN A 22 17.92 0.94 7.06
N ASP A 23 17.41 -0.13 6.49
CA ASP A 23 17.38 -1.44 7.13
C ASP A 23 16.97 -2.48 6.09
N TRP A 24 15.71 -2.42 5.69
CA TRP A 24 15.19 -3.27 4.61
C TRP A 24 15.31 -2.53 3.28
N LYS A 25 15.67 -1.25 3.36
CA LYS A 25 15.64 -0.35 2.20
C LYS A 25 14.21 -0.23 1.70
N ALA A 26 13.28 -0.44 2.63
CA ALA A 26 11.86 -0.39 2.33
C ALA A 26 11.42 1.02 1.97
N THR A 27 10.59 1.12 0.95
CA THR A 27 10.08 2.41 0.55
C THR A 27 8.69 2.61 1.13
N GLN A 28 8.55 3.61 1.98
CA GLN A 28 7.29 3.86 2.67
C GLN A 28 6.63 5.13 2.13
N ILE A 29 5.47 4.94 1.51
CA ILE A 29 4.74 6.04 0.90
C ILE A 29 3.71 6.59 1.87
N LYS A 30 3.84 7.84 2.22
CA LYS A 30 2.97 8.45 3.22
C LYS A 30 2.62 9.88 2.85
N VAL A 31 1.67 10.44 3.56
CA VAL A 31 1.34 11.85 3.42
C VAL A 31 2.30 12.65 4.29
N GLU A 32 1.78 13.60 5.08
CA GLU A 32 2.59 14.34 6.02
C GLU A 32 3.39 13.39 6.92
N ASP A 33 2.67 12.63 7.73
CA ASP A 33 3.30 11.55 8.48
C ASP A 33 2.34 10.36 8.55
N VAL A 34 1.29 10.40 7.71
CA VAL A 34 0.31 9.33 7.67
C VAL A 34 0.75 8.26 6.67
N LEU A 35 1.25 7.14 7.19
CA LEU A 35 1.67 6.03 6.36
C LEU A 35 0.47 5.15 6.01
N PHE A 36 0.28 4.89 4.73
CA PHE A 36 -0.84 4.06 4.30
C PHE A 36 -0.36 2.79 3.60
N ALA A 37 0.83 2.84 3.01
CA ALA A 37 1.36 1.70 2.27
C ALA A 37 2.88 1.78 2.16
N MET A 38 3.52 0.62 2.19
CA MET A 38 4.97 0.54 2.07
C MET A 38 5.38 -0.76 1.39
N VAL A 39 6.33 -0.67 0.48
CA VAL A 39 6.74 -1.82 -0.33
C VAL A 39 8.15 -2.29 0.04
N LYS A 40 8.33 -3.60 0.08
CA LYS A 40 9.62 -4.21 0.40
C LYS A 40 9.81 -5.43 -0.49
N GLU A 41 10.98 -5.59 -1.07
CA GLU A 41 11.30 -6.82 -1.76
C GLU A 41 11.81 -7.84 -0.77
N VAL A 42 11.02 -8.87 -0.54
CA VAL A 42 11.38 -9.92 0.41
C VAL A 42 11.30 -11.27 -0.28
N GLU A 43 12.33 -12.10 -0.08
CA GLU A 43 12.45 -13.39 -0.75
C GLU A 43 12.54 -13.20 -2.27
N ASN A 44 12.92 -11.98 -2.67
CA ASN A 44 12.98 -11.57 -4.08
C ASN A 44 11.56 -11.50 -4.66
N ARG A 45 10.59 -11.22 -3.79
CA ARG A 45 9.22 -10.96 -4.20
C ARG A 45 8.83 -9.55 -3.80
N PRO A 46 8.26 -8.78 -4.73
CA PRO A 46 7.74 -7.44 -4.43
C PRO A 46 6.51 -7.51 -3.54
N ALA A 47 6.68 -7.13 -2.29
CA ALA A 47 5.61 -7.28 -1.31
C ALA A 47 5.25 -5.93 -0.68
N VAL A 48 3.97 -5.59 -0.74
CA VAL A 48 3.50 -4.33 -0.19
C VAL A 48 2.56 -4.60 0.99
N SER A 49 2.70 -3.81 2.04
CA SER A 49 1.89 -4.01 3.22
C SER A 49 0.90 -2.87 3.40
N LEU A 50 -0.38 -3.25 3.46
CA LEU A 50 -1.46 -2.30 3.69
C LEU A 50 -1.86 -2.37 5.17
N LYS A 51 -2.52 -1.32 5.65
CA LYS A 51 -3.11 -1.37 6.98
C LYS A 51 -4.28 -2.34 6.97
N THR A 52 -5.29 -2.02 6.17
CA THR A 52 -6.44 -2.88 6.01
C THR A 52 -7.36 -2.32 4.93
N SER A 53 -8.16 -3.21 4.35
CA SER A 53 -9.15 -2.83 3.35
C SER A 53 -10.26 -3.88 3.35
N PRO A 54 -11.50 -3.46 3.08
CA PRO A 54 -12.65 -4.36 3.09
C PRO A 54 -12.44 -5.61 2.23
N GLU A 55 -11.97 -5.41 1.01
CA GLU A 55 -11.74 -6.52 0.09
C GLU A 55 -10.49 -7.32 0.45
N LEU A 56 -9.51 -6.65 1.06
CA LEU A 56 -8.30 -7.32 1.53
C LEU A 56 -8.63 -8.30 2.65
N ALA A 57 -9.43 -7.85 3.62
CA ALA A 57 -9.85 -8.70 4.71
C ALA A 57 -10.78 -9.81 4.21
N GLU A 58 -11.51 -9.50 3.14
CA GLU A 58 -12.38 -10.46 2.49
C GLU A 58 -11.55 -11.60 1.91
N LEU A 59 -10.53 -11.22 1.15
CA LEU A 59 -9.60 -12.17 0.53
C LEU A 59 -8.98 -13.07 1.59
N LEU A 60 -8.63 -12.51 2.74
CA LEU A 60 -8.02 -13.28 3.83
C LEU A 60 -8.96 -14.38 4.33
N ARG A 61 -10.26 -14.13 4.23
CA ARG A 61 -11.25 -15.11 4.63
C ARG A 61 -11.40 -16.20 3.58
N GLN A 62 -11.21 -15.83 2.32
CA GLN A 62 -11.40 -16.77 1.22
C GLN A 62 -10.08 -17.46 0.87
N GLN A 63 -9.21 -16.74 0.18
CA GLN A 63 -7.93 -17.26 -0.23
C GLN A 63 -7.00 -17.45 0.96
N HIS A 64 -6.21 -18.49 0.92
CA HIS A 64 -5.24 -18.79 1.97
C HIS A 64 -4.10 -19.63 1.40
N SER A 65 -3.95 -19.59 0.08
CA SER A 65 -2.89 -20.29 -0.61
C SER A 65 -1.78 -19.32 -0.98
N ASP A 66 -2.17 -18.24 -1.63
CA ASP A 66 -1.24 -17.18 -2.01
C ASP A 66 -1.18 -16.12 -0.93
N VAL A 67 -2.31 -15.46 -0.67
CA VAL A 67 -2.38 -14.49 0.40
C VAL A 67 -2.71 -15.17 1.73
N ARG A 68 -1.90 -14.88 2.75
CA ARG A 68 -2.14 -15.38 4.10
C ARG A 68 -1.38 -14.52 5.11
N PRO A 69 -1.96 -14.29 6.30
CA PRO A 69 -1.32 -13.52 7.36
C PRO A 69 -0.10 -14.24 7.94
N SER A 70 1.06 -13.64 7.79
CA SER A 70 2.29 -14.23 8.28
C SER A 70 3.33 -13.13 8.51
N ARG A 71 4.60 -13.54 8.56
CA ARG A 71 5.74 -12.64 8.78
C ARG A 71 5.81 -12.22 10.25
N HIS A 72 7.00 -11.83 10.67
CA HIS A 72 7.28 -11.49 12.06
C HIS A 72 6.57 -10.19 12.48
N LEU A 73 6.12 -9.42 11.49
CA LEU A 73 5.40 -8.18 11.76
C LEU A 73 4.01 -8.47 12.34
N ASN A 74 3.25 -7.40 12.61
CA ASN A 74 1.90 -7.53 13.15
C ASN A 74 0.94 -8.01 12.06
N LYS A 75 0.75 -9.32 11.99
CA LYS A 75 -0.12 -9.91 10.99
C LYS A 75 -1.58 -9.60 11.28
N ALA A 76 -1.87 -9.31 12.56
CA ALA A 76 -3.22 -8.97 12.97
C ALA A 76 -3.45 -7.46 12.92
N HIS A 77 -2.62 -6.75 12.16
CA HIS A 77 -2.77 -5.31 12.01
C HIS A 77 -2.33 -4.85 10.63
N TRP A 78 -1.33 -5.52 10.07
CA TRP A 78 -0.85 -5.20 8.73
C TRP A 78 -0.99 -6.42 7.83
N SER A 79 -1.20 -6.18 6.55
CA SER A 79 -1.29 -7.26 5.59
C SER A 79 -0.30 -7.03 4.46
N THR A 80 0.54 -8.01 4.21
CA THR A 80 1.55 -7.91 3.18
C THR A 80 1.22 -8.84 2.02
N VAL A 81 1.02 -8.25 0.85
CA VAL A 81 0.67 -9.01 -0.35
C VAL A 81 1.86 -9.13 -1.28
N TYR A 82 2.16 -10.34 -1.70
CA TYR A 82 3.23 -10.58 -2.66
C TYR A 82 2.70 -10.43 -4.08
N LEU A 83 3.15 -9.39 -4.76
CA LEU A 83 2.64 -9.07 -6.09
C LEU A 83 3.56 -9.62 -7.17
N ASP A 84 3.92 -10.89 -7.04
CA ASP A 84 4.83 -11.51 -7.99
C ASP A 84 4.07 -12.35 -9.02
N GLY A 85 3.32 -11.66 -9.87
CA GLY A 85 2.57 -12.32 -10.92
C GLY A 85 1.31 -13.02 -10.44
N SER A 86 1.15 -13.10 -9.13
CA SER A 86 0.04 -13.82 -8.54
C SER A 86 -1.27 -13.02 -8.61
N LEU A 87 -1.21 -11.75 -8.27
CA LEU A 87 -2.40 -10.90 -8.25
C LEU A 87 -2.61 -10.24 -9.61
N PRO A 88 -3.86 -10.11 -10.05
CA PRO A 88 -4.20 -9.42 -11.30
C PRO A 88 -4.06 -7.90 -11.18
N ASP A 89 -4.03 -7.24 -12.33
CA ASP A 89 -3.82 -5.79 -12.40
C ASP A 89 -4.78 -5.02 -11.51
N SER A 90 -6.07 -5.35 -11.59
CA SER A 90 -7.12 -4.60 -10.92
C SER A 90 -6.95 -4.61 -9.40
N GLN A 91 -6.44 -5.72 -8.87
CA GLN A 91 -6.21 -5.86 -7.45
C GLN A 91 -5.05 -4.97 -7.01
N ILE A 92 -4.02 -4.91 -7.83
CA ILE A 92 -2.84 -4.11 -7.52
C ILE A 92 -3.18 -2.62 -7.50
N TYR A 93 -4.00 -2.19 -8.46
CA TYR A 93 -4.46 -0.79 -8.50
C TYR A 93 -5.23 -0.46 -7.24
N TYR A 94 -6.11 -1.38 -6.83
CA TYR A 94 -6.94 -1.19 -5.65
C TYR A 94 -6.09 -0.97 -4.41
N LEU A 95 -5.02 -1.76 -4.27
CA LEU A 95 -4.15 -1.68 -3.10
C LEU A 95 -3.60 -0.27 -2.90
N VAL A 96 -3.16 0.35 -3.98
CA VAL A 96 -2.55 1.66 -3.92
C VAL A 96 -3.61 2.76 -3.76
N ASP A 97 -4.61 2.72 -4.62
CA ASP A 97 -5.60 3.80 -4.68
C ASP A 97 -6.46 3.84 -3.42
N ALA A 98 -6.89 2.67 -2.94
CA ALA A 98 -7.76 2.60 -1.77
C ALA A 98 -7.07 3.09 -0.51
N SER A 99 -5.83 2.64 -0.32
CA SER A 99 -5.06 3.03 0.86
C SER A 99 -4.84 4.54 0.88
N TYR A 100 -4.53 5.12 -0.27
CA TYR A 100 -4.35 6.56 -0.38
C TYR A 100 -5.65 7.30 -0.12
N GLN A 101 -6.73 6.82 -0.74
CA GLN A 101 -8.04 7.49 -0.66
C GLN A 101 -8.49 7.63 0.79
N GLN A 102 -8.53 6.52 1.52
CA GLN A 102 -9.04 6.54 2.89
C GLN A 102 -8.18 7.41 3.80
N ALA A 103 -6.88 7.47 3.53
CA ALA A 103 -5.96 8.27 4.34
C ALA A 103 -6.22 9.75 4.12
N VAL A 104 -6.55 10.12 2.89
CA VAL A 104 -6.85 11.51 2.54
C VAL A 104 -8.13 11.97 3.24
N ASN A 105 -9.10 11.07 3.35
CA ASN A 105 -10.38 11.38 3.99
C ASN A 105 -10.19 11.65 5.48
N LEU A 106 -9.09 11.14 6.04
CA LEU A 106 -8.82 11.27 7.46
C LEU A 106 -8.09 12.57 7.78
N LEU A 107 -7.73 13.31 6.74
CA LEU A 107 -7.00 14.56 6.93
C LEU A 107 -7.95 15.72 7.21
N PRO A 108 -7.48 16.72 7.99
CA PRO A 108 -8.30 17.86 8.39
C PRO A 108 -8.63 18.81 7.23
N GLU A 109 -9.47 19.80 7.54
CA GLU A 109 -9.94 20.79 6.57
C GLU A 109 -8.78 21.43 5.80
N GLU A 110 -7.79 21.90 6.55
CA GLU A 110 -6.65 22.61 5.98
C GLU A 110 -5.95 21.77 4.91
N LYS A 111 -5.60 20.54 5.26
CA LYS A 111 -4.87 19.66 4.36
C LYS A 111 -5.74 19.28 3.16
N ARG A 112 -6.95 18.83 3.46
CA ARG A 112 -7.91 18.46 2.43
C ARG A 112 -8.09 19.54 1.37
N LYS A 113 -8.13 20.79 1.81
CA LYS A 113 -8.32 21.93 0.90
C LYS A 113 -7.30 21.93 -0.22
N LEU A 114 -6.03 21.84 0.15
CA LEU A 114 -4.94 21.84 -0.79
C LEU A 114 -5.02 20.64 -1.74
N LEU A 115 -5.37 19.50 -1.18
CA LEU A 115 -5.47 18.26 -1.93
C LEU A 115 -6.60 18.34 -2.96
N VAL A 116 -7.60 19.17 -2.70
CA VAL A 116 -8.69 19.37 -3.64
C VAL A 116 -8.26 20.27 -4.79
N GLN A 117 -7.48 21.30 -4.47
CA GLN A 117 -7.02 22.27 -5.44
C GLN A 117 -6.15 21.63 -6.51
N LEU A 118 -5.19 20.84 -6.08
CA LEU A 118 -4.20 20.27 -6.99
C LEU A 118 -4.77 19.07 -7.72
N MET A 1 3.84 -5.78 -15.05
CA MET A 1 4.12 -4.37 -14.73
C MET A 1 5.28 -4.27 -13.76
N THR A 2 6.13 -3.29 -13.96
CA THR A 2 7.34 -3.14 -13.17
C THR A 2 7.12 -2.16 -12.02
N ILE A 3 7.95 -2.27 -10.99
CA ILE A 3 7.84 -1.41 -9.82
C ILE A 3 8.05 0.06 -10.19
N SER A 4 8.94 0.30 -11.15
CA SER A 4 9.20 1.65 -11.62
C SER A 4 7.93 2.32 -12.14
N GLU A 5 7.09 1.54 -12.82
CA GLU A 5 5.82 2.04 -13.34
C GLU A 5 4.85 2.32 -12.20
N LEU A 6 4.81 1.39 -11.25
CA LEU A 6 3.92 1.51 -10.10
C LEU A 6 4.32 2.70 -9.23
N LEU A 7 5.63 2.90 -9.10
CA LEU A 7 6.17 4.02 -8.34
C LEU A 7 5.68 5.33 -8.92
N GLN A 8 5.82 5.49 -10.23
CA GLN A 8 5.40 6.70 -10.92
C GLN A 8 3.88 6.87 -10.82
N TYR A 9 3.16 5.76 -10.77
CA TYR A 9 1.71 5.79 -10.61
C TYR A 9 1.34 6.38 -9.25
N CYS A 10 2.16 6.09 -8.24
CA CYS A 10 1.94 6.61 -6.90
C CYS A 10 2.25 8.09 -6.82
N MET A 11 3.30 8.51 -7.54
CA MET A 11 3.69 9.92 -7.57
C MET A 11 2.70 10.75 -8.39
N ALA A 12 1.78 10.07 -9.06
CA ALA A 12 0.73 10.74 -9.81
C ALA A 12 -0.43 11.09 -8.88
N LYS A 13 -0.33 10.66 -7.63
CA LYS A 13 -1.34 10.94 -6.63
C LYS A 13 -0.90 12.10 -5.75
N PRO A 14 -1.71 13.17 -5.68
CA PRO A 14 -1.38 14.36 -4.89
C PRO A 14 -1.32 14.07 -3.39
N GLY A 15 -0.25 14.50 -2.75
CA GLY A 15 -0.12 14.36 -1.31
C GLY A 15 0.73 13.18 -0.90
N ALA A 16 0.96 12.26 -1.83
CA ALA A 16 1.73 11.06 -1.53
C ALA A 16 3.22 11.30 -1.75
N GLU A 17 4.04 10.78 -0.86
CA GLU A 17 5.49 10.90 -0.99
C GLU A 17 6.18 9.64 -0.51
N GLN A 18 7.47 9.50 -0.84
CA GLN A 18 8.22 8.29 -0.56
C GLN A 18 8.90 8.34 0.81
N SER A 19 9.04 7.18 1.41
CA SER A 19 9.81 7.02 2.64
C SER A 19 10.50 5.65 2.61
N VAL A 20 11.54 5.46 3.42
CA VAL A 20 12.23 4.17 3.45
C VAL A 20 12.85 3.92 4.83
N HIS A 21 12.93 2.64 5.18
CA HIS A 21 13.61 2.21 6.40
C HIS A 21 14.48 1.00 6.11
N ASN A 22 15.64 0.93 6.76
CA ASN A 22 16.62 -0.10 6.48
C ASN A 22 16.29 -1.41 7.21
N ASP A 23 16.03 -2.43 6.41
CA ASP A 23 15.75 -3.78 6.90
C ASP A 23 15.49 -4.69 5.70
N TRP A 24 14.40 -4.39 5.02
CA TRP A 24 14.01 -5.09 3.79
C TRP A 24 13.73 -4.10 2.68
N LYS A 25 14.28 -2.88 2.84
CA LYS A 25 14.08 -1.78 1.90
C LYS A 25 12.61 -1.56 1.61
N ALA A 26 11.92 -0.98 2.57
CA ALA A 26 10.49 -0.73 2.44
C ALA A 26 10.25 0.69 1.94
N THR A 27 9.85 0.82 0.68
CA THR A 27 9.46 2.10 0.16
C THR A 27 8.03 2.39 0.59
N GLN A 28 7.87 3.42 1.40
CA GLN A 28 6.60 3.70 2.03
C GLN A 28 5.92 4.89 1.38
N ILE A 29 4.62 4.78 1.18
CA ILE A 29 3.85 5.84 0.59
C ILE A 29 2.89 6.41 1.62
N LYS A 30 3.15 7.62 2.07
CA LYS A 30 2.32 8.25 3.06
C LYS A 30 2.08 9.72 2.75
N VAL A 31 1.10 10.29 3.41
CA VAL A 31 0.82 11.72 3.32
C VAL A 31 1.57 12.43 4.45
N GLU A 32 0.87 13.32 5.17
CA GLU A 32 1.42 13.97 6.37
C GLU A 32 2.22 12.97 7.20
N ASP A 33 1.49 12.04 7.82
CA ASP A 33 2.11 10.91 8.49
C ASP A 33 1.20 9.68 8.39
N VAL A 34 0.19 9.79 7.54
CA VAL A 34 -0.76 8.71 7.34
C VAL A 34 -0.19 7.68 6.37
N LEU A 35 0.31 6.58 6.91
CA LEU A 35 0.83 5.49 6.09
C LEU A 35 -0.29 4.53 5.75
N PHE A 36 -0.50 4.28 4.47
CA PHE A 36 -1.55 3.39 4.02
C PHE A 36 -1.00 2.15 3.34
N ALA A 37 0.15 2.29 2.70
CA ALA A 37 0.78 1.17 1.99
C ALA A 37 2.26 1.39 1.77
N MET A 38 3.02 0.31 1.74
CA MET A 38 4.45 0.36 1.45
C MET A 38 4.88 -0.87 0.66
N VAL A 39 5.82 -0.68 -0.25
CA VAL A 39 6.29 -1.74 -1.12
C VAL A 39 7.70 -2.21 -0.74
N LYS A 40 7.89 -3.51 -0.71
CA LYS A 40 9.17 -4.10 -0.33
C LYS A 40 9.59 -5.10 -1.40
N GLU A 41 10.88 -5.42 -1.45
CA GLU A 41 11.36 -6.47 -2.32
C GLU A 41 12.02 -7.54 -1.48
N VAL A 42 11.39 -8.70 -1.43
CA VAL A 42 11.86 -9.79 -0.60
C VAL A 42 11.62 -11.12 -1.30
N GLU A 43 12.55 -12.06 -1.12
CA GLU A 43 12.47 -13.37 -1.75
C GLU A 43 12.49 -13.25 -3.27
N ASN A 44 13.09 -12.15 -3.74
CA ASN A 44 13.19 -11.84 -5.17
C ASN A 44 11.83 -11.53 -5.76
N ARG A 45 10.92 -11.12 -4.89
CA ARG A 45 9.56 -10.79 -5.31
C ARG A 45 9.08 -9.49 -4.68
N PRO A 46 8.52 -8.59 -5.49
CA PRO A 46 7.94 -7.34 -5.01
C PRO A 46 6.65 -7.59 -4.24
N ALA A 47 6.59 -7.07 -3.04
CA ALA A 47 5.41 -7.26 -2.19
C ALA A 47 4.99 -5.95 -1.56
N VAL A 48 3.68 -5.72 -1.49
CA VAL A 48 3.17 -4.49 -0.91
C VAL A 48 2.34 -4.80 0.33
N SER A 49 2.45 -3.94 1.33
CA SER A 49 1.74 -4.14 2.59
C SER A 49 0.64 -3.10 2.77
N LEU A 50 -0.58 -3.56 2.98
CA LEU A 50 -1.70 -2.69 3.29
C LEU A 50 -2.14 -2.95 4.72
N LYS A 51 -2.85 -2.01 5.31
CA LYS A 51 -3.40 -2.22 6.64
C LYS A 51 -4.80 -2.80 6.50
N THR A 52 -5.12 -3.81 7.31
CA THR A 52 -6.37 -4.54 7.17
C THR A 52 -7.59 -3.62 7.26
N SER A 53 -8.13 -3.27 6.11
CA SER A 53 -9.33 -2.47 6.01
C SER A 53 -10.54 -3.39 5.92
N PRO A 54 -11.77 -2.87 6.09
CA PRO A 54 -13.00 -3.68 6.06
C PRO A 54 -13.03 -4.70 4.93
N GLU A 55 -12.85 -4.24 3.70
CA GLU A 55 -12.87 -5.13 2.54
C GLU A 55 -11.57 -5.92 2.41
N LEU A 56 -10.45 -5.25 2.67
CA LEU A 56 -9.13 -5.88 2.52
C LEU A 56 -8.96 -7.05 3.50
N ALA A 57 -9.56 -6.93 4.67
CA ALA A 57 -9.48 -7.98 5.68
C ALA A 57 -10.21 -9.23 5.22
N GLU A 58 -11.21 -9.04 4.37
CA GLU A 58 -11.99 -10.15 3.83
C GLU A 58 -11.17 -10.93 2.82
N LEU A 59 -10.40 -10.22 2.01
CA LEU A 59 -9.47 -10.87 1.09
C LEU A 59 -8.54 -11.82 1.85
N LEU A 60 -8.04 -11.37 2.98
CA LEU A 60 -7.18 -12.18 3.84
C LEU A 60 -7.99 -13.32 4.47
N ARG A 61 -9.22 -13.00 4.84
CA ARG A 61 -10.13 -13.94 5.48
C ARG A 61 -10.42 -15.13 4.56
N GLN A 62 -10.68 -14.83 3.28
CA GLN A 62 -11.04 -15.86 2.32
C GLN A 62 -9.81 -16.46 1.65
N GLN A 63 -8.92 -15.62 1.14
CA GLN A 63 -7.76 -16.10 0.40
C GLN A 63 -6.53 -16.16 1.28
N HIS A 64 -6.15 -17.37 1.67
CA HIS A 64 -5.02 -17.58 2.56
C HIS A 64 -3.72 -17.74 1.74
N SER A 65 -3.84 -17.67 0.44
CA SER A 65 -2.70 -17.91 -0.44
C SER A 65 -2.02 -16.61 -0.88
N ASP A 66 -2.81 -15.58 -1.15
CA ASP A 66 -2.29 -14.36 -1.75
C ASP A 66 -1.65 -13.43 -0.72
N VAL A 67 -2.09 -13.52 0.52
CA VAL A 67 -1.67 -12.57 1.54
C VAL A 67 -0.90 -13.24 2.69
N ARG A 68 0.08 -12.51 3.22
CA ARG A 68 0.81 -12.95 4.40
C ARG A 68 0.64 -11.93 5.53
N PRO A 69 0.50 -12.41 6.78
CA PRO A 69 0.20 -11.56 7.95
C PRO A 69 1.37 -10.66 8.38
N SER A 70 2.51 -10.79 7.69
CA SER A 70 3.68 -9.96 7.95
C SER A 70 4.25 -10.23 9.36
N ARG A 71 4.86 -11.40 9.53
CA ARG A 71 5.36 -11.83 10.84
C ARG A 71 6.67 -11.12 11.23
N HIS A 72 7.00 -10.05 10.52
CA HIS A 72 8.23 -9.31 10.80
C HIS A 72 7.93 -8.13 11.72
N LEU A 73 6.65 -7.78 11.82
CA LEU A 73 6.23 -6.65 12.65
C LEU A 73 5.21 -7.10 13.68
N ASN A 74 4.13 -7.70 13.20
CA ASN A 74 3.02 -8.09 14.05
C ASN A 74 2.66 -9.55 13.83
N LYS A 75 1.58 -9.99 14.47
CA LYS A 75 1.01 -11.30 14.19
C LYS A 75 0.11 -11.20 12.97
N ALA A 76 -0.88 -10.31 13.02
CA ALA A 76 -1.73 -10.04 11.88
C ALA A 76 -2.44 -8.69 12.01
N HIS A 77 -1.85 -7.66 11.44
CA HIS A 77 -2.48 -6.33 11.35
C HIS A 77 -2.19 -5.74 9.99
N TRP A 78 -0.91 -5.59 9.68
CA TRP A 78 -0.49 -5.24 8.34
C TRP A 78 -0.45 -6.50 7.48
N SER A 79 -0.80 -6.37 6.21
CA SER A 79 -0.89 -7.54 5.35
C SER A 79 -0.03 -7.34 4.11
N THR A 80 0.82 -8.32 3.83
CA THR A 80 1.73 -8.24 2.72
C THR A 80 1.30 -9.19 1.61
N VAL A 81 1.02 -8.64 0.44
CA VAL A 81 0.67 -9.45 -0.73
C VAL A 81 1.80 -9.37 -1.76
N TYR A 82 2.08 -10.49 -2.39
CA TYR A 82 3.14 -10.56 -3.40
C TYR A 82 2.59 -10.14 -4.75
N LEU A 83 3.26 -9.21 -5.40
CA LEU A 83 2.81 -8.69 -6.69
C LEU A 83 3.25 -9.60 -7.83
N ASP A 84 3.75 -10.77 -7.47
CA ASP A 84 4.19 -11.76 -8.44
C ASP A 84 3.57 -13.11 -8.11
N GLY A 85 2.43 -13.38 -8.71
CA GLY A 85 1.76 -14.64 -8.49
C GLY A 85 0.43 -14.44 -7.79
N SER A 86 0.44 -13.59 -6.78
CA SER A 86 -0.76 -13.27 -6.03
C SER A 86 -1.38 -11.99 -6.58
N LEU A 87 -2.68 -12.04 -6.87
CA LEU A 87 -3.41 -10.89 -7.41
C LEU A 87 -2.92 -10.47 -8.80
N PRO A 88 -3.82 -10.38 -9.78
CA PRO A 88 -3.50 -9.91 -11.13
C PRO A 88 -3.04 -8.45 -11.12
N ASP A 89 -2.37 -8.04 -12.18
CA ASP A 89 -1.81 -6.70 -12.26
C ASP A 89 -2.90 -5.62 -12.25
N SER A 90 -4.12 -6.02 -12.60
CA SER A 90 -5.26 -5.10 -12.56
C SER A 90 -5.63 -4.78 -11.11
N GLN A 91 -5.49 -5.77 -10.23
CA GLN A 91 -5.82 -5.61 -8.82
C GLN A 91 -4.83 -4.68 -8.13
N ILE A 92 -3.59 -4.68 -8.61
CA ILE A 92 -2.53 -3.85 -8.03
C ILE A 92 -2.94 -2.37 -8.00
N TYR A 93 -3.65 -1.92 -9.03
CA TYR A 93 -4.14 -0.54 -9.09
C TYR A 93 -5.06 -0.26 -7.91
N TYR A 94 -5.97 -1.20 -7.66
CA TYR A 94 -6.90 -1.11 -6.54
C TYR A 94 -6.16 -1.02 -5.21
N LEU A 95 -5.14 -1.85 -5.05
CA LEU A 95 -4.37 -1.90 -3.80
C LEU A 95 -3.81 -0.54 -3.43
N VAL A 96 -3.32 0.19 -4.43
CA VAL A 96 -2.73 1.50 -4.20
C VAL A 96 -3.81 2.55 -3.98
N ASP A 97 -4.79 2.58 -4.88
CA ASP A 97 -5.79 3.63 -4.86
C ASP A 97 -6.74 3.51 -3.67
N ALA A 98 -7.15 2.30 -3.35
CA ALA A 98 -8.08 2.08 -2.23
C ALA A 98 -7.48 2.58 -0.93
N SER A 99 -6.20 2.31 -0.73
CA SER A 99 -5.48 2.76 0.44
C SER A 99 -5.40 4.28 0.46
N TYR A 100 -5.15 4.87 -0.71
CA TYR A 100 -5.05 6.31 -0.85
C TYR A 100 -6.40 6.98 -0.60
N GLN A 101 -7.47 6.40 -1.13
CA GLN A 101 -8.81 6.94 -0.95
C GLN A 101 -9.17 7.02 0.53
N GLN A 102 -8.85 5.97 1.28
CA GLN A 102 -9.10 5.96 2.72
C GLN A 102 -8.31 7.06 3.40
N ALA A 103 -7.05 7.21 2.99
CA ALA A 103 -6.17 8.22 3.57
C ALA A 103 -6.72 9.63 3.37
N VAL A 104 -7.23 9.90 2.17
CA VAL A 104 -7.80 11.22 1.87
C VAL A 104 -8.96 11.57 2.80
N ASN A 105 -9.74 10.56 3.15
CA ASN A 105 -10.88 10.76 4.03
C ASN A 105 -10.45 10.92 5.48
N LEU A 106 -9.23 10.51 5.78
CA LEU A 106 -8.67 10.65 7.11
C LEU A 106 -7.91 11.97 7.23
N LEU A 107 -7.61 12.57 6.09
CA LEU A 107 -6.92 13.85 6.06
C LEU A 107 -7.85 14.98 6.43
N PRO A 108 -7.40 15.90 7.29
CA PRO A 108 -8.19 17.05 7.72
C PRO A 108 -8.46 18.05 6.59
N GLU A 109 -9.38 18.97 6.87
CA GLU A 109 -9.80 20.00 5.91
C GLU A 109 -8.61 20.70 5.26
N GLU A 110 -7.71 21.20 6.09
CA GLU A 110 -6.55 21.97 5.63
C GLU A 110 -5.76 21.21 4.56
N LYS A 111 -5.60 19.92 4.78
CA LYS A 111 -4.83 19.07 3.87
C LYS A 111 -5.60 18.83 2.57
N ARG A 112 -6.88 18.53 2.72
CA ARG A 112 -7.74 18.26 1.57
C ARG A 112 -7.81 19.45 0.62
N LYS A 113 -7.71 20.67 1.17
CA LYS A 113 -7.71 21.87 0.36
C LYS A 113 -6.54 21.84 -0.61
N LEU A 114 -5.37 21.47 -0.09
CA LEU A 114 -4.16 21.41 -0.86
C LEU A 114 -4.27 20.38 -1.98
N LEU A 115 -4.90 19.25 -1.65
CA LEU A 115 -5.10 18.17 -2.61
C LEU A 115 -5.90 18.65 -3.83
N VAL A 116 -6.75 19.65 -3.62
CA VAL A 116 -7.54 20.22 -4.70
C VAL A 116 -6.71 21.23 -5.49
N GLN A 117 -5.83 21.92 -4.80
CA GLN A 117 -5.01 22.96 -5.40
C GLN A 117 -3.93 22.39 -6.33
N LEU A 118 -3.37 21.25 -5.92
CA LEU A 118 -2.27 20.63 -6.67
C LEU A 118 -2.72 20.19 -8.06
N MET A 1 1.91 -5.43 -14.56
CA MET A 1 2.21 -4.11 -13.98
C MET A 1 3.09 -4.30 -12.75
N THR A 2 4.33 -3.88 -12.87
CA THR A 2 5.32 -4.17 -11.84
C THR A 2 5.60 -2.95 -10.97
N ILE A 3 6.43 -3.15 -9.95
CA ILE A 3 6.77 -2.11 -8.98
C ILE A 3 7.29 -0.84 -9.65
N SER A 4 8.00 -1.01 -10.76
CA SER A 4 8.53 0.11 -11.51
C SER A 4 7.41 1.05 -11.97
N GLU A 5 6.34 0.46 -12.49
CA GLU A 5 5.18 1.21 -12.96
C GLU A 5 4.33 1.66 -11.78
N LEU A 6 4.15 0.76 -10.82
CA LEU A 6 3.38 1.02 -9.61
C LEU A 6 3.87 2.27 -8.91
N LEU A 7 5.20 2.32 -8.72
CA LEU A 7 5.83 3.43 -8.01
C LEU A 7 5.46 4.77 -8.66
N GLN A 8 5.57 4.83 -9.98
CA GLN A 8 5.29 6.04 -10.72
C GLN A 8 3.82 6.42 -10.63
N TYR A 9 2.95 5.42 -10.63
CA TYR A 9 1.51 5.65 -10.54
C TYR A 9 1.15 6.26 -9.19
N CYS A 10 1.76 5.76 -8.13
CA CYS A 10 1.52 6.27 -6.78
C CYS A 10 2.00 7.71 -6.65
N MET A 11 3.10 8.03 -7.32
CA MET A 11 3.68 9.37 -7.24
C MET A 11 2.93 10.35 -8.12
N ALA A 12 2.04 9.83 -8.97
CA ALA A 12 1.28 10.67 -9.89
C ALA A 12 0.09 11.30 -9.18
N LYS A 13 -0.18 10.87 -7.97
CA LYS A 13 -1.30 11.39 -7.20
C LYS A 13 -0.80 12.16 -5.98
N PRO A 14 -1.12 13.47 -5.91
CA PRO A 14 -0.72 14.33 -4.81
C PRO A 14 -1.15 13.80 -3.44
N GLY A 15 -0.32 14.02 -2.44
CA GLY A 15 -0.59 13.50 -1.12
C GLY A 15 0.34 12.37 -0.76
N ALA A 16 0.92 11.74 -1.78
CA ALA A 16 1.82 10.62 -1.58
C ALA A 16 3.26 11.06 -1.63
N GLU A 17 4.00 10.79 -0.56
CA GLU A 17 5.42 11.07 -0.49
C GLU A 17 6.20 9.76 -0.58
N GLN A 18 7.33 9.80 -1.28
CA GLN A 18 8.16 8.64 -1.41
C GLN A 18 9.17 8.60 -0.28
N SER A 19 9.36 7.42 0.30
CA SER A 19 10.35 7.26 1.36
C SER A 19 10.98 5.87 1.31
N VAL A 20 12.30 5.83 1.18
CA VAL A 20 13.03 4.58 1.25
C VAL A 20 13.49 4.34 2.68
N HIS A 21 13.19 3.16 3.20
CA HIS A 21 13.58 2.82 4.55
C HIS A 21 14.83 1.96 4.51
N ASN A 22 15.99 2.58 4.69
CA ASN A 22 17.26 1.87 4.71
C ASN A 22 17.29 0.88 5.86
N ASP A 23 17.05 -0.38 5.51
CA ASP A 23 16.90 -1.47 6.46
C ASP A 23 16.45 -2.69 5.66
N TRP A 24 15.25 -2.58 5.10
CA TRP A 24 14.77 -3.53 4.12
C TRP A 24 15.21 -3.07 2.74
N LYS A 25 15.46 -1.76 2.64
CA LYS A 25 15.72 -1.09 1.37
C LYS A 25 14.51 -1.28 0.47
N ALA A 26 13.45 -0.57 0.83
CA ALA A 26 12.18 -0.68 0.14
C ALA A 26 11.44 0.65 0.22
N THR A 27 10.27 0.72 -0.40
CA THR A 27 9.55 1.98 -0.49
C THR A 27 8.32 2.00 0.40
N GLN A 28 8.22 3.05 1.20
CA GLN A 28 7.04 3.32 1.99
C GLN A 28 6.27 4.47 1.37
N ILE A 29 4.98 4.27 1.14
CA ILE A 29 4.15 5.31 0.57
C ILE A 29 3.37 5.98 1.69
N LYS A 30 3.75 7.20 1.99
CA LYS A 30 3.23 7.89 3.16
C LYS A 30 2.79 9.30 2.81
N VAL A 31 1.97 9.88 3.66
CA VAL A 31 1.67 11.30 3.59
C VAL A 31 2.75 12.03 4.39
N GLU A 32 2.35 12.99 5.22
CA GLU A 32 3.29 13.68 6.10
C GLU A 32 3.99 12.68 7.02
N ASP A 33 3.20 11.92 7.79
CA ASP A 33 3.73 10.85 8.62
C ASP A 33 2.72 9.72 8.70
N VAL A 34 1.74 9.74 7.81
CA VAL A 34 0.72 8.71 7.78
C VAL A 34 1.06 7.66 6.72
N LEU A 35 1.29 6.43 7.17
CA LEU A 35 1.58 5.33 6.26
C LEU A 35 0.31 4.59 5.88
N PHE A 36 0.11 4.38 4.60
CA PHE A 36 -1.04 3.63 4.13
C PHE A 36 -0.61 2.46 3.24
N ALA A 37 0.68 2.44 2.88
CA ALA A 37 1.22 1.39 2.04
C ALA A 37 2.73 1.30 2.17
N MET A 38 3.25 0.07 2.18
CA MET A 38 4.68 -0.15 2.24
C MET A 38 5.03 -1.47 1.54
N VAL A 39 5.81 -1.38 0.47
CA VAL A 39 6.14 -2.55 -0.34
C VAL A 39 7.59 -2.94 -0.12
N LYS A 40 7.82 -4.24 0.09
CA LYS A 40 9.15 -4.77 0.30
C LYS A 40 9.41 -5.93 -0.65
N GLU A 41 10.68 -6.23 -0.89
CA GLU A 41 11.05 -7.42 -1.64
C GLU A 41 11.62 -8.46 -0.69
N VAL A 42 10.87 -9.54 -0.52
CA VAL A 42 11.29 -10.63 0.33
C VAL A 42 11.30 -11.92 -0.48
N GLU A 43 12.38 -12.68 -0.38
CA GLU A 43 12.57 -13.88 -1.19
C GLU A 43 12.60 -13.50 -2.67
N ASN A 44 12.98 -12.24 -2.93
CA ASN A 44 13.09 -11.68 -4.28
C ASN A 44 11.71 -11.57 -4.96
N ARG A 45 10.67 -11.48 -4.15
CA ARG A 45 9.32 -11.25 -4.67
C ARG A 45 8.65 -10.11 -3.93
N PRO A 46 7.91 -9.27 -4.65
CA PRO A 46 7.24 -8.08 -4.07
C PRO A 46 6.11 -8.43 -3.12
N ALA A 47 6.18 -7.88 -1.92
CA ALA A 47 5.13 -8.03 -0.93
C ALA A 47 4.77 -6.67 -0.35
N VAL A 48 3.50 -6.33 -0.37
CA VAL A 48 3.07 -5.02 0.09
C VAL A 48 2.19 -5.14 1.33
N SER A 49 2.34 -4.21 2.25
CA SER A 49 1.60 -4.23 3.49
C SER A 49 0.58 -3.09 3.53
N LEU A 50 -0.68 -3.44 3.73
CA LEU A 50 -1.75 -2.46 3.86
C LEU A 50 -2.33 -2.54 5.27
N LYS A 51 -3.26 -1.64 5.57
CA LYS A 51 -3.94 -1.65 6.86
C LYS A 51 -5.17 -2.55 6.79
N THR A 52 -5.61 -3.07 7.93
CA THR A 52 -6.78 -3.93 7.97
C THR A 52 -8.04 -3.20 7.51
N SER A 53 -8.45 -3.48 6.29
CA SER A 53 -9.65 -2.90 5.71
C SER A 53 -10.68 -3.99 5.42
N PRO A 54 -11.98 -3.67 5.53
CA PRO A 54 -13.07 -4.64 5.27
C PRO A 54 -12.88 -5.45 3.99
N GLU A 55 -12.71 -4.77 2.87
CA GLU A 55 -12.54 -5.44 1.58
C GLU A 55 -11.16 -6.10 1.46
N LEU A 56 -10.17 -5.54 2.15
CA LEU A 56 -8.85 -6.17 2.19
C LEU A 56 -8.95 -7.53 2.88
N ALA A 57 -9.82 -7.62 3.90
CA ALA A 57 -10.08 -8.90 4.55
C ALA A 57 -10.92 -9.79 3.65
N GLU A 58 -11.86 -9.18 2.95
CA GLU A 58 -12.68 -9.86 1.95
C GLU A 58 -11.78 -10.55 0.94
N LEU A 59 -10.81 -9.79 0.45
CA LEU A 59 -9.80 -10.30 -0.48
C LEU A 59 -9.13 -11.56 0.06
N LEU A 60 -8.63 -11.50 1.29
CA LEU A 60 -7.94 -12.63 1.89
C LEU A 60 -8.87 -13.83 2.08
N ARG A 61 -10.15 -13.56 2.27
CA ARG A 61 -11.13 -14.62 2.47
C ARG A 61 -11.42 -15.37 1.17
N GLN A 62 -11.59 -14.62 0.09
CA GLN A 62 -11.92 -15.23 -1.20
C GLN A 62 -10.66 -15.65 -1.96
N GLN A 63 -9.60 -14.88 -1.83
CA GLN A 63 -8.36 -15.18 -2.51
C GLN A 63 -7.24 -15.43 -1.51
N HIS A 64 -7.00 -16.70 -1.20
CA HIS A 64 -5.98 -17.06 -0.23
C HIS A 64 -4.95 -17.97 -0.88
N SER A 65 -4.12 -17.38 -1.74
CA SER A 65 -3.07 -18.13 -2.41
C SER A 65 -1.72 -17.90 -1.75
N ASP A 66 -1.22 -16.68 -1.87
CA ASP A 66 0.11 -16.33 -1.40
C ASP A 66 0.06 -15.22 -0.35
N VAL A 67 -1.14 -14.87 0.07
CA VAL A 67 -1.31 -13.84 1.10
C VAL A 67 -1.06 -14.43 2.49
N ARG A 68 -0.23 -13.75 3.26
CA ARG A 68 0.11 -14.19 4.60
C ARG A 68 0.67 -13.02 5.42
N PRO A 69 0.45 -13.01 6.74
CA PRO A 69 0.93 -11.93 7.60
C PRO A 69 2.42 -12.04 7.92
N SER A 70 3.00 -10.91 8.32
CA SER A 70 4.39 -10.88 8.74
C SER A 70 4.47 -10.52 10.23
N ARG A 71 5.36 -11.18 10.94
CA ARG A 71 5.42 -11.05 12.39
C ARG A 71 6.14 -9.78 12.80
N HIS A 72 7.18 -9.43 12.05
CA HIS A 72 7.98 -8.24 12.33
C HIS A 72 7.16 -6.97 12.12
N LEU A 73 6.17 -7.05 11.25
CA LEU A 73 5.32 -5.90 10.94
C LEU A 73 4.09 -5.88 11.84
N ASN A 74 3.73 -7.07 12.35
CA ASN A 74 2.58 -7.24 13.25
C ASN A 74 1.26 -7.02 12.51
N LYS A 75 0.41 -8.03 12.54
CA LYS A 75 -0.88 -7.99 11.82
C LYS A 75 -1.77 -6.86 12.37
N ALA A 76 -1.56 -6.49 13.63
CA ALA A 76 -2.36 -5.45 14.27
C ALA A 76 -2.12 -4.09 13.63
N HIS A 77 -1.03 -3.96 12.88
CA HIS A 77 -0.74 -2.72 12.19
C HIS A 77 -0.74 -2.94 10.68
N TRP A 78 -0.05 -3.96 10.21
CA TRP A 78 0.10 -4.20 8.78
C TRP A 78 -0.39 -5.58 8.38
N SER A 79 -0.89 -5.69 7.16
CA SER A 79 -1.25 -6.98 6.57
C SER A 79 -0.51 -7.12 5.25
N THR A 80 0.11 -8.27 5.04
CA THR A 80 1.01 -8.44 3.91
C THR A 80 0.34 -9.19 2.76
N VAL A 81 0.28 -8.53 1.61
CA VAL A 81 -0.24 -9.13 0.40
C VAL A 81 0.88 -9.26 -0.62
N TYR A 82 1.15 -10.49 -1.04
CA TYR A 82 2.21 -10.74 -2.01
C TYR A 82 1.68 -10.60 -3.43
N LEU A 83 2.58 -10.28 -4.34
CA LEU A 83 2.27 -10.28 -5.76
C LEU A 83 2.74 -11.58 -6.40
N ASP A 84 2.87 -12.60 -5.56
CA ASP A 84 3.44 -13.88 -5.97
C ASP A 84 2.45 -14.70 -6.79
N GLY A 85 1.17 -14.56 -6.45
CA GLY A 85 0.13 -15.31 -7.13
C GLY A 85 -0.20 -14.75 -8.50
N SER A 86 0.71 -13.96 -9.06
CA SER A 86 0.54 -13.38 -10.39
C SER A 86 -0.72 -12.53 -10.46
N LEU A 87 -0.66 -11.34 -9.86
CA LEU A 87 -1.81 -10.46 -9.80
C LEU A 87 -1.81 -9.48 -10.97
N PRO A 88 -2.94 -9.40 -11.71
CA PRO A 88 -3.09 -8.46 -12.81
C PRO A 88 -3.17 -7.01 -12.32
N ASP A 89 -2.95 -6.07 -13.23
CA ASP A 89 -2.97 -4.66 -12.90
C ASP A 89 -4.33 -4.23 -12.35
N SER A 90 -5.39 -4.82 -12.89
CA SER A 90 -6.75 -4.53 -12.46
C SER A 90 -6.91 -4.70 -10.93
N GLN A 91 -6.29 -5.75 -10.39
CA GLN A 91 -6.39 -6.03 -8.97
C GLN A 91 -5.56 -5.03 -8.17
N ILE A 92 -4.35 -4.79 -8.64
CA ILE A 92 -3.41 -3.92 -7.95
C ILE A 92 -3.92 -2.48 -7.86
N TYR A 93 -4.66 -2.04 -8.88
CA TYR A 93 -5.22 -0.70 -8.90
C TYR A 93 -6.04 -0.42 -7.65
N TYR A 94 -6.90 -1.36 -7.27
CA TYR A 94 -7.74 -1.19 -6.10
C TYR A 94 -6.89 -1.05 -4.84
N LEU A 95 -5.87 -1.90 -4.73
CA LEU A 95 -5.02 -1.92 -3.55
C LEU A 95 -4.37 -0.56 -3.30
N VAL A 96 -3.94 0.08 -4.37
CA VAL A 96 -3.29 1.38 -4.28
C VAL A 96 -4.31 2.50 -4.08
N ASP A 97 -5.40 2.46 -4.84
CA ASP A 97 -6.37 3.55 -4.83
C ASP A 97 -7.19 3.56 -3.53
N ALA A 98 -7.49 2.38 -3.00
CA ALA A 98 -8.26 2.27 -1.78
C ALA A 98 -7.49 2.80 -0.57
N SER A 99 -6.19 2.49 -0.53
CA SER A 99 -5.34 2.95 0.57
C SER A 99 -5.11 4.45 0.47
N TYR A 100 -4.94 4.96 -0.74
CA TYR A 100 -4.83 6.38 -0.99
C TYR A 100 -6.09 7.10 -0.48
N GLN A 101 -7.25 6.51 -0.76
CA GLN A 101 -8.52 7.05 -0.29
C GLN A 101 -8.53 7.17 1.22
N GLN A 102 -8.13 6.09 1.88
CA GLN A 102 -8.03 6.05 3.33
C GLN A 102 -7.17 7.19 3.85
N ALA A 103 -5.95 7.28 3.34
CA ALA A 103 -4.99 8.28 3.80
C ALA A 103 -5.54 9.70 3.73
N VAL A 104 -6.13 10.05 2.59
CA VAL A 104 -6.66 11.39 2.39
C VAL A 104 -7.79 11.69 3.37
N ASN A 105 -8.66 10.71 3.59
CA ASN A 105 -9.81 10.90 4.47
C ASN A 105 -9.39 10.93 5.94
N LEU A 106 -8.26 10.30 6.24
CA LEU A 106 -7.75 10.28 7.61
C LEU A 106 -7.13 11.62 7.98
N LEU A 107 -6.76 12.39 6.97
CA LEU A 107 -6.16 13.70 7.18
C LEU A 107 -7.21 14.74 7.51
N PRO A 108 -6.86 15.73 8.35
CA PRO A 108 -7.75 16.83 8.71
C PRO A 108 -8.14 17.67 7.50
N GLU A 109 -9.27 18.33 7.62
CA GLU A 109 -9.84 19.14 6.57
C GLU A 109 -8.82 20.10 5.95
N GLU A 110 -8.04 20.75 6.81
CA GLU A 110 -7.03 21.72 6.37
C GLU A 110 -6.16 21.14 5.25
N LYS A 111 -5.60 19.96 5.49
CA LYS A 111 -4.76 19.29 4.49
C LYS A 111 -5.62 18.64 3.40
N ARG A 112 -6.75 18.11 3.80
CA ARG A 112 -7.62 17.36 2.90
C ARG A 112 -8.12 18.25 1.75
N LYS A 113 -8.39 19.52 2.06
CA LYS A 113 -8.80 20.48 1.06
C LYS A 113 -7.70 20.70 0.03
N LEU A 114 -6.48 20.93 0.54
CA LEU A 114 -5.33 21.24 -0.28
C LEU A 114 -5.01 20.13 -1.28
N LEU A 115 -5.09 18.90 -0.81
CA LEU A 115 -4.81 17.73 -1.65
C LEU A 115 -5.77 17.67 -2.83
N VAL A 116 -7.04 18.05 -2.59
CA VAL A 116 -8.06 18.00 -3.63
C VAL A 116 -7.83 19.09 -4.67
N GLN A 117 -7.25 20.21 -4.24
CA GLN A 117 -7.03 21.35 -5.10
C GLN A 117 -5.96 21.07 -6.15
N LEU A 118 -5.04 20.18 -5.82
CA LEU A 118 -3.94 19.84 -6.72
C LEU A 118 -4.41 18.93 -7.84
N MET A 1 2.79 -5.43 -13.26
CA MET A 1 3.62 -4.19 -13.32
C MET A 1 4.87 -4.36 -12.50
N THR A 2 5.82 -3.44 -12.69
CA THR A 2 7.03 -3.44 -11.90
C THR A 2 6.95 -2.33 -10.83
N ILE A 3 7.83 -2.40 -9.84
CA ILE A 3 7.84 -1.44 -8.75
C ILE A 3 8.02 -0.01 -9.27
N SER A 4 8.85 0.16 -10.30
CA SER A 4 9.11 1.48 -10.86
C SER A 4 7.83 2.12 -11.40
N GLU A 5 7.04 1.35 -12.14
CA GLU A 5 5.77 1.84 -12.67
C GLU A 5 4.79 2.09 -11.55
N LEU A 6 4.82 1.23 -10.53
CA LEU A 6 3.98 1.39 -9.35
C LEU A 6 4.31 2.70 -8.65
N LEU A 7 5.59 2.93 -8.42
CA LEU A 7 6.07 4.16 -7.78
C LEU A 7 5.67 5.38 -8.61
N GLN A 8 5.73 5.23 -9.93
CA GLN A 8 5.37 6.31 -10.83
C GLN A 8 3.85 6.57 -10.79
N TYR A 9 3.08 5.49 -10.69
CA TYR A 9 1.62 5.59 -10.58
C TYR A 9 1.23 6.26 -9.26
N CYS A 10 2.03 6.02 -8.22
CA CYS A 10 1.76 6.60 -6.91
C CYS A 10 1.93 8.12 -6.93
N MET A 11 2.57 8.63 -7.98
CA MET A 11 2.75 10.06 -8.12
C MET A 11 1.51 10.69 -8.75
N ALA A 12 0.51 9.85 -9.04
CA ALA A 12 -0.78 10.32 -9.53
C ALA A 12 -1.74 10.45 -8.37
N LYS A 13 -1.22 10.32 -7.17
CA LYS A 13 -2.00 10.51 -5.95
C LYS A 13 -1.54 11.77 -5.23
N PRO A 14 -2.26 12.88 -5.41
CA PRO A 14 -1.85 14.18 -4.86
C PRO A 14 -1.71 14.16 -3.34
N GLY A 15 -0.50 14.41 -2.85
CA GLY A 15 -0.28 14.44 -1.43
C GLY A 15 0.59 13.29 -0.96
N ALA A 16 0.58 12.21 -1.72
CA ALA A 16 1.35 11.03 -1.36
C ALA A 16 2.81 11.19 -1.78
N GLU A 17 3.72 10.89 -0.87
CA GLU A 17 5.14 10.94 -1.16
C GLU A 17 5.82 9.65 -0.68
N GLN A 18 6.91 9.29 -1.35
CA GLN A 18 7.60 8.03 -1.10
C GLN A 18 8.92 8.29 -0.39
N SER A 19 9.30 7.38 0.50
CA SER A 19 10.56 7.47 1.20
C SER A 19 11.05 6.08 1.61
N VAL A 20 12.28 5.76 1.25
CA VAL A 20 12.88 4.51 1.68
C VAL A 20 13.42 4.66 3.11
N HIS A 21 13.00 3.74 3.97
CA HIS A 21 13.42 3.79 5.37
C HIS A 21 14.46 2.72 5.62
N ASN A 22 15.49 3.08 6.38
CA ASN A 22 16.61 2.19 6.61
C ASN A 22 16.28 1.13 7.65
N ASP A 23 15.70 0.03 7.19
CA ASP A 23 15.48 -1.14 8.03
C ASP A 23 15.89 -2.40 7.27
N TRP A 24 15.09 -2.77 6.28
CA TRP A 24 15.46 -3.82 5.35
C TRP A 24 14.77 -3.61 4.01
N LYS A 25 15.19 -2.53 3.34
CA LYS A 25 14.70 -2.16 2.01
C LYS A 25 13.18 -1.96 2.02
N ALA A 26 12.75 -0.86 2.60
CA ALA A 26 11.33 -0.56 2.68
C ALA A 26 11.05 0.86 2.22
N THR A 27 10.35 0.98 1.11
CA THR A 27 9.90 2.28 0.67
C THR A 27 8.48 2.51 1.18
N GLN A 28 8.33 3.52 2.01
CA GLN A 28 7.05 3.80 2.62
C GLN A 28 6.39 4.99 1.93
N ILE A 29 5.11 4.83 1.64
CA ILE A 29 4.34 5.87 0.99
C ILE A 29 3.34 6.45 1.99
N LYS A 30 3.47 7.74 2.26
CA LYS A 30 2.62 8.40 3.21
C LYS A 30 2.15 9.73 2.68
N VAL A 31 1.20 10.34 3.35
CA VAL A 31 0.80 11.70 3.07
C VAL A 31 1.58 12.62 4.00
N GLU A 32 0.94 13.62 4.57
CA GLU A 32 1.58 14.50 5.53
C GLU A 32 1.97 13.74 6.80
N ASP A 33 0.99 13.11 7.43
CA ASP A 33 1.23 12.39 8.67
C ASP A 33 0.75 10.95 8.58
N VAL A 34 -0.02 10.65 7.53
CA VAL A 34 -0.67 9.35 7.44
C VAL A 34 0.14 8.37 6.58
N LEU A 35 0.69 7.37 7.23
CA LEU A 35 1.36 6.27 6.53
C LEU A 35 0.34 5.20 6.19
N PHE A 36 0.31 4.75 4.94
CA PHE A 36 -0.69 3.76 4.53
C PHE A 36 -0.09 2.60 3.75
N ALA A 37 1.11 2.77 3.20
CA ALA A 37 1.72 1.74 2.36
C ALA A 37 3.22 1.62 2.58
N MET A 38 3.71 0.39 2.59
CA MET A 38 5.13 0.11 2.68
C MET A 38 5.49 -1.02 1.73
N VAL A 39 6.30 -0.74 0.73
CA VAL A 39 6.77 -1.78 -0.18
C VAL A 39 8.07 -2.37 0.35
N LYS A 40 8.08 -3.68 0.52
CA LYS A 40 9.19 -4.37 1.14
C LYS A 40 9.39 -5.73 0.50
N GLU A 41 10.61 -6.04 0.08
CA GLU A 41 10.87 -7.32 -0.54
C GLU A 41 11.27 -8.35 0.49
N VAL A 42 10.40 -9.31 0.70
CA VAL A 42 10.67 -10.46 1.54
C VAL A 42 10.52 -11.71 0.70
N GLU A 43 11.42 -12.68 0.90
CA GLU A 43 11.53 -13.84 0.02
C GLU A 43 12.00 -13.37 -1.37
N ASN A 44 12.55 -12.15 -1.38
CA ASN A 44 13.09 -11.51 -2.59
C ASN A 44 12.04 -11.33 -3.68
N ARG A 45 10.78 -11.26 -3.29
CA ARG A 45 9.73 -10.87 -4.22
C ARG A 45 9.13 -9.54 -3.80
N PRO A 46 8.90 -8.65 -4.75
CA PRO A 46 8.29 -7.34 -4.49
C PRO A 46 6.91 -7.48 -3.85
N ALA A 47 6.73 -6.87 -2.70
CA ALA A 47 5.49 -7.00 -1.97
C ALA A 47 5.16 -5.69 -1.24
N VAL A 48 3.89 -5.37 -1.17
CA VAL A 48 3.46 -4.12 -0.54
C VAL A 48 2.57 -4.41 0.67
N SER A 49 2.90 -3.80 1.79
CA SER A 49 2.13 -3.95 3.00
C SER A 49 1.13 -2.81 3.13
N LEU A 50 -0.14 -3.16 3.34
CA LEU A 50 -1.19 -2.16 3.46
C LEU A 50 -1.50 -1.88 4.92
N LYS A 51 -2.08 -0.71 5.18
CA LYS A 51 -2.42 -0.29 6.52
C LYS A 51 -3.45 -1.23 7.14
N THR A 52 -4.57 -1.41 6.44
CA THR A 52 -5.61 -2.34 6.86
C THR A 52 -6.68 -2.48 5.78
N SER A 53 -7.40 -1.39 5.49
CA SER A 53 -8.43 -1.37 4.44
C SER A 53 -9.64 -2.26 4.79
N PRO A 54 -10.86 -1.72 4.63
CA PRO A 54 -12.08 -2.44 4.99
C PRO A 54 -12.28 -3.72 4.18
N GLU A 55 -12.32 -3.59 2.85
CA GLU A 55 -12.52 -4.74 1.97
C GLU A 55 -11.32 -5.67 2.02
N LEU A 56 -10.14 -5.11 2.24
CA LEU A 56 -8.91 -5.89 2.32
C LEU A 56 -8.92 -6.77 3.57
N ALA A 57 -9.43 -6.24 4.66
CA ALA A 57 -9.55 -7.02 5.89
C ALA A 57 -10.37 -8.28 5.65
N GLU A 58 -11.47 -8.13 4.93
CA GLU A 58 -12.29 -9.26 4.53
C GLU A 58 -11.50 -10.20 3.64
N LEU A 59 -10.88 -9.62 2.63
CA LEU A 59 -10.05 -10.37 1.68
C LEU A 59 -8.98 -11.19 2.41
N LEU A 60 -8.29 -10.55 3.35
CA LEU A 60 -7.22 -11.20 4.11
C LEU A 60 -7.76 -12.34 4.97
N ARG A 61 -9.00 -12.19 5.43
CA ARG A 61 -9.65 -13.23 6.22
C ARG A 61 -10.14 -14.37 5.33
N GLN A 62 -10.44 -14.07 4.08
CA GLN A 62 -10.94 -15.07 3.13
C GLN A 62 -9.79 -15.88 2.53
N GLN A 63 -8.73 -15.20 2.10
CA GLN A 63 -7.54 -15.84 1.55
C GLN A 63 -7.88 -16.68 0.31
N HIS A 64 -7.05 -17.69 0.03
CA HIS A 64 -7.30 -18.68 -1.01
C HIS A 64 -7.03 -18.11 -2.42
N SER A 65 -7.87 -17.18 -2.84
CA SER A 65 -7.74 -16.61 -4.18
C SER A 65 -6.87 -15.36 -4.15
N ASP A 66 -6.99 -14.58 -3.09
CA ASP A 66 -6.24 -13.34 -2.97
C ASP A 66 -5.36 -13.38 -1.72
N VAL A 67 -4.05 -13.22 -1.94
CA VAL A 67 -3.07 -13.10 -0.87
C VAL A 67 -2.83 -14.43 -0.13
N ARG A 68 -1.57 -14.67 0.22
CA ARG A 68 -1.20 -15.82 1.02
C ARG A 68 -0.43 -15.35 2.26
N PRO A 69 -0.46 -16.15 3.35
CA PRO A 69 0.15 -15.79 4.65
C PRO A 69 1.49 -15.06 4.53
N SER A 70 1.48 -13.79 4.89
CA SER A 70 2.68 -12.96 4.85
C SER A 70 3.44 -13.05 6.17
N ARG A 71 4.56 -13.77 6.14
CA ARG A 71 5.33 -14.02 7.35
C ARG A 71 6.45 -12.99 7.48
N HIS A 72 6.08 -11.73 7.35
CA HIS A 72 7.06 -10.63 7.34
C HIS A 72 7.21 -10.01 8.74
N LEU A 73 6.09 -9.68 9.37
CA LEU A 73 6.07 -8.97 10.64
C LEU A 73 4.87 -9.45 11.44
N ASN A 74 4.35 -8.60 12.34
CA ASN A 74 3.12 -8.91 13.07
C ASN A 74 2.01 -9.24 12.08
N LYS A 75 1.68 -10.52 11.98
CA LYS A 75 0.74 -11.01 10.99
C LYS A 75 -0.69 -10.60 11.34
N ALA A 76 -0.95 -10.40 12.62
CA ALA A 76 -2.26 -9.98 13.08
C ALA A 76 -2.38 -8.46 13.11
N HIS A 77 -1.52 -7.78 12.36
CA HIS A 77 -1.53 -6.33 12.29
C HIS A 77 -1.16 -5.85 10.89
N TRP A 78 -0.02 -6.32 10.40
CA TRP A 78 0.45 -5.93 9.08
C TRP A 78 0.32 -7.09 8.10
N SER A 79 -0.29 -6.84 6.97
CA SER A 79 -0.46 -7.85 5.94
C SER A 79 0.10 -7.33 4.63
N THR A 80 0.76 -8.21 3.89
CA THR A 80 1.49 -7.81 2.70
C THR A 80 0.98 -8.53 1.46
N VAL A 81 0.75 -7.77 0.40
CA VAL A 81 0.36 -8.34 -0.88
C VAL A 81 1.61 -8.63 -1.70
N TYR A 82 1.87 -9.90 -1.93
CA TYR A 82 3.06 -10.32 -2.65
C TYR A 82 2.83 -10.34 -4.16
N LEU A 83 3.72 -9.71 -4.89
CA LEU A 83 3.76 -9.85 -6.35
C LEU A 83 4.57 -11.10 -6.67
N ASP A 84 4.21 -12.19 -6.00
CA ASP A 84 4.93 -13.45 -6.03
C ASP A 84 4.96 -14.04 -7.44
N GLY A 85 3.88 -14.71 -7.79
CA GLY A 85 3.73 -15.24 -9.13
C GLY A 85 2.28 -15.43 -9.48
N SER A 86 1.43 -14.70 -8.77
CA SER A 86 -0.01 -14.81 -8.91
C SER A 86 -0.65 -13.45 -8.68
N LEU A 87 -1.98 -13.43 -8.60
CA LEU A 87 -2.76 -12.22 -8.36
C LEU A 87 -2.82 -11.33 -9.61
N PRO A 88 -3.95 -10.65 -9.82
CA PRO A 88 -4.16 -9.81 -10.99
C PRO A 88 -3.42 -8.48 -10.91
N ASP A 89 -2.88 -8.05 -12.05
CA ASP A 89 -2.21 -6.76 -12.12
C ASP A 89 -3.21 -5.63 -11.89
N SER A 90 -4.41 -5.81 -12.42
CA SER A 90 -5.49 -4.85 -12.26
C SER A 90 -5.85 -4.66 -10.78
N GLN A 91 -5.62 -5.70 -10.00
CA GLN A 91 -5.92 -5.71 -8.58
C GLN A 91 -5.08 -4.67 -7.85
N ILE A 92 -3.83 -4.51 -8.32
CA ILE A 92 -2.86 -3.63 -7.69
C ILE A 92 -3.34 -2.18 -7.67
N TYR A 93 -3.97 -1.75 -8.78
CA TYR A 93 -4.47 -0.38 -8.89
C TYR A 93 -5.42 -0.05 -7.74
N TYR A 94 -6.33 -0.97 -7.46
CA TYR A 94 -7.32 -0.77 -6.41
C TYR A 94 -6.67 -0.77 -5.03
N LEU A 95 -5.74 -1.70 -4.82
CA LEU A 95 -5.09 -1.87 -3.52
C LEU A 95 -4.38 -0.60 -3.09
N VAL A 96 -3.61 -0.01 -4.00
CA VAL A 96 -2.87 1.20 -3.71
C VAL A 96 -3.82 2.38 -3.50
N ASP A 97 -4.80 2.51 -4.39
CA ASP A 97 -5.73 3.63 -4.36
C ASP A 97 -6.59 3.61 -3.10
N ALA A 98 -7.07 2.42 -2.73
CA ALA A 98 -7.92 2.26 -1.54
C ALA A 98 -7.16 2.66 -0.27
N SER A 99 -5.86 2.43 -0.27
CA SER A 99 -5.02 2.81 0.85
C SER A 99 -4.89 4.34 0.93
N TYR A 100 -4.89 4.99 -0.22
CA TYR A 100 -4.85 6.44 -0.30
C TYR A 100 -6.20 7.04 0.10
N GLN A 101 -7.28 6.38 -0.30
CA GLN A 101 -8.64 6.83 0.03
C GLN A 101 -8.81 6.96 1.54
N GLN A 102 -8.33 5.96 2.26
CA GLN A 102 -8.38 5.94 3.73
C GLN A 102 -7.72 7.19 4.31
N ALA A 103 -6.60 7.58 3.73
CA ALA A 103 -5.87 8.76 4.18
C ALA A 103 -6.69 10.03 3.97
N VAL A 104 -7.35 10.10 2.81
CA VAL A 104 -8.18 11.26 2.47
C VAL A 104 -9.34 11.42 3.45
N ASN A 105 -9.84 10.31 3.96
CA ASN A 105 -10.95 10.33 4.91
C ASN A 105 -10.47 10.74 6.31
N LEU A 106 -9.17 10.59 6.56
CA LEU A 106 -8.60 10.97 7.84
C LEU A 106 -8.15 12.42 7.83
N LEU A 107 -7.71 12.91 6.68
CA LEU A 107 -7.22 14.27 6.53
C LEU A 107 -8.32 15.29 6.80
N PRO A 108 -8.01 16.34 7.58
CA PRO A 108 -8.96 17.41 7.89
C PRO A 108 -9.28 18.30 6.68
N GLU A 109 -10.04 19.36 6.96
CA GLU A 109 -10.46 20.32 5.95
C GLU A 109 -9.29 20.86 5.15
N GLU A 110 -8.31 21.38 5.88
CA GLU A 110 -7.15 22.04 5.29
C GLU A 110 -6.47 21.16 4.25
N LYS A 111 -6.13 19.95 4.67
CA LYS A 111 -5.31 19.06 3.86
C LYS A 111 -6.04 18.66 2.58
N ARG A 112 -7.25 18.17 2.76
CA ARG A 112 -8.11 17.76 1.65
C ARG A 112 -8.26 18.86 0.60
N LYS A 113 -8.60 20.07 1.04
CA LYS A 113 -8.82 21.17 0.12
C LYS A 113 -7.58 21.44 -0.74
N LEU A 114 -6.41 21.42 -0.11
CA LEU A 114 -5.18 21.70 -0.80
C LEU A 114 -4.81 20.58 -1.78
N LEU A 115 -4.88 19.34 -1.31
CA LEU A 115 -4.43 18.20 -2.10
C LEU A 115 -5.31 17.96 -3.32
N VAL A 116 -6.58 18.35 -3.24
CA VAL A 116 -7.51 18.11 -4.34
C VAL A 116 -7.28 19.11 -5.47
N GLN A 117 -6.83 20.31 -5.12
CA GLN A 117 -6.59 21.36 -6.07
C GLN A 117 -5.38 21.05 -6.96
N LEU A 118 -4.44 20.30 -6.41
CA LEU A 118 -3.17 20.00 -7.08
C LEU A 118 -3.39 19.40 -8.47
N MET A 1 1.88 -5.98 -13.58
CA MET A 1 2.65 -4.87 -14.17
C MET A 1 3.96 -4.71 -13.41
N THR A 2 4.90 -3.99 -14.01
CA THR A 2 6.19 -3.76 -13.38
C THR A 2 6.05 -2.78 -12.22
N ILE A 3 6.90 -2.95 -11.20
CA ILE A 3 6.82 -2.14 -9.99
C ILE A 3 7.08 -0.66 -10.31
N SER A 4 7.95 -0.41 -11.28
CA SER A 4 8.35 0.94 -11.62
C SER A 4 7.16 1.81 -12.06
N GLU A 5 6.37 1.32 -13.01
CA GLU A 5 5.22 2.06 -13.50
C GLU A 5 4.19 2.23 -12.38
N LEU A 6 4.08 1.23 -11.53
CA LEU A 6 3.16 1.27 -10.41
C LEU A 6 3.58 2.36 -9.42
N LEU A 7 4.87 2.39 -9.12
CA LEU A 7 5.43 3.40 -8.23
C LEU A 7 5.22 4.80 -8.78
N GLN A 8 5.33 4.94 -10.10
CA GLN A 8 5.09 6.22 -10.75
C GLN A 8 3.63 6.64 -10.56
N TYR A 9 2.73 5.68 -10.74
CA TYR A 9 1.29 5.94 -10.61
C TYR A 9 0.94 6.42 -9.21
N CYS A 10 1.67 5.94 -8.22
CA CYS A 10 1.42 6.29 -6.83
C CYS A 10 1.56 7.81 -6.62
N MET A 11 2.63 8.39 -7.15
CA MET A 11 2.89 9.82 -6.95
C MET A 11 2.17 10.67 -7.99
N ALA A 12 1.42 10.01 -8.87
CA ALA A 12 0.61 10.73 -9.84
C ALA A 12 -0.59 11.35 -9.14
N LYS A 13 -0.91 10.82 -7.97
CA LYS A 13 -2.00 11.35 -7.15
C LYS A 13 -1.47 12.47 -6.25
N PRO A 14 -2.05 13.68 -6.37
CA PRO A 14 -1.59 14.86 -5.62
C PRO A 14 -1.52 14.61 -4.12
N GLY A 15 -0.36 14.92 -3.53
CA GLY A 15 -0.18 14.75 -2.11
C GLY A 15 0.72 13.59 -1.76
N ALA A 16 0.76 12.58 -2.63
CA ALA A 16 1.51 11.37 -2.36
C ALA A 16 3.01 11.58 -2.50
N GLU A 17 3.74 11.28 -1.44
CA GLU A 17 5.19 11.35 -1.43
C GLU A 17 5.78 10.00 -1.04
N GLN A 18 6.73 9.51 -1.83
CA GLN A 18 7.36 8.23 -1.55
C GLN A 18 8.75 8.42 -0.99
N SER A 19 9.10 7.64 0.02
CA SER A 19 10.43 7.69 0.59
C SER A 19 10.90 6.28 0.96
N VAL A 20 11.90 5.78 0.24
CA VAL A 20 12.48 4.48 0.54
C VAL A 20 13.37 4.57 1.77
N HIS A 21 12.99 3.88 2.81
CA HIS A 21 13.76 3.86 4.04
C HIS A 21 14.92 2.90 3.91
N ASN A 22 16.13 3.43 4.06
CA ASN A 22 17.34 2.63 3.92
C ASN A 22 17.51 1.74 5.14
N ASP A 23 17.06 0.50 5.01
CA ASP A 23 17.12 -0.45 6.11
C ASP A 23 17.02 -1.87 5.57
N TRP A 24 15.86 -2.21 5.02
CA TRP A 24 15.66 -3.53 4.41
C TRP A 24 14.75 -3.43 3.19
N LYS A 25 14.87 -2.31 2.47
CA LYS A 25 14.03 -2.02 1.29
C LYS A 25 12.58 -1.86 1.69
N ALA A 26 12.25 -0.70 2.23
CA ALA A 26 10.88 -0.37 2.61
C ALA A 26 10.52 1.02 2.13
N THR A 27 9.72 1.11 1.09
CA THR A 27 9.32 2.39 0.57
C THR A 27 8.01 2.83 1.19
N GLN A 28 8.06 3.94 1.92
CA GLN A 28 6.90 4.45 2.62
C GLN A 28 6.26 5.58 1.83
N ILE A 29 4.98 5.43 1.52
CA ILE A 29 4.26 6.45 0.80
C ILE A 29 3.36 7.23 1.76
N LYS A 30 3.62 8.51 1.91
CA LYS A 30 2.87 9.33 2.84
C LYS A 30 2.38 10.59 2.13
N VAL A 31 1.23 11.09 2.56
CA VAL A 31 0.67 12.33 2.00
C VAL A 31 1.09 13.54 2.85
N GLU A 32 2.04 13.29 3.74
CA GLU A 32 2.53 14.28 4.70
C GLU A 32 3.52 13.57 5.61
N ASP A 33 2.96 12.89 6.60
CA ASP A 33 3.70 11.93 7.40
C ASP A 33 2.75 10.78 7.72
N VAL A 34 1.67 10.73 6.95
CA VAL A 34 0.64 9.73 7.12
C VAL A 34 0.88 8.58 6.15
N LEU A 35 1.39 7.49 6.70
CA LEU A 35 1.71 6.31 5.91
C LEU A 35 0.45 5.47 5.68
N PHE A 36 -0.02 5.43 4.45
CA PHE A 36 -1.21 4.65 4.13
C PHE A 36 -0.82 3.26 3.61
N ALA A 37 0.23 3.20 2.78
CA ALA A 37 0.69 1.94 2.22
C ALA A 37 2.20 1.97 1.99
N MET A 38 2.80 0.80 1.86
CA MET A 38 4.24 0.70 1.63
C MET A 38 4.58 -0.53 0.77
N VAL A 39 5.66 -0.43 0.01
CA VAL A 39 6.16 -1.57 -0.75
C VAL A 39 7.49 -2.03 -0.15
N LYS A 40 7.62 -3.33 0.03
CA LYS A 40 8.81 -3.91 0.64
C LYS A 40 9.25 -5.12 -0.14
N GLU A 41 10.55 -5.31 -0.26
CA GLU A 41 11.07 -6.48 -0.93
C GLU A 41 11.48 -7.52 0.11
N VAL A 42 10.73 -8.61 0.16
CA VAL A 42 10.96 -9.65 1.14
C VAL A 42 10.78 -11.02 0.49
N GLU A 43 11.58 -11.99 0.92
CA GLU A 43 11.60 -13.31 0.29
C GLU A 43 12.13 -13.16 -1.15
N ASN A 44 12.85 -12.05 -1.36
CA ASN A 44 13.36 -11.66 -2.66
C ASN A 44 12.21 -11.34 -3.62
N ARG A 45 11.04 -11.05 -3.05
CA ARG A 45 9.86 -10.70 -3.84
C ARG A 45 9.39 -9.30 -3.50
N PRO A 46 9.17 -8.46 -4.51
CA PRO A 46 8.56 -7.15 -4.32
C PRO A 46 7.09 -7.28 -3.90
N ALA A 47 6.82 -6.99 -2.64
CA ALA A 47 5.48 -7.17 -2.12
C ALA A 47 4.95 -5.87 -1.51
N VAL A 48 3.64 -5.72 -1.51
CA VAL A 48 3.02 -4.50 -1.02
C VAL A 48 2.16 -4.80 0.22
N SER A 49 2.18 -3.91 1.19
CA SER A 49 1.43 -4.10 2.41
C SER A 49 0.35 -3.04 2.55
N LEU A 50 -0.88 -3.50 2.71
CA LEU A 50 -2.02 -2.60 2.90
C LEU A 50 -2.59 -2.74 4.30
N LYS A 51 -3.54 -1.88 4.64
CA LYS A 51 -4.19 -1.91 5.93
C LYS A 51 -5.42 -2.81 5.89
N THR A 52 -6.14 -2.87 7.00
CA THR A 52 -7.35 -3.68 7.09
C THR A 52 -8.52 -2.98 6.40
N SER A 53 -8.54 -3.06 5.07
CA SER A 53 -9.62 -2.50 4.29
C SER A 53 -10.71 -3.55 4.09
N PRO A 54 -11.97 -3.12 3.91
CA PRO A 54 -13.12 -4.04 3.76
C PRO A 54 -12.85 -5.21 2.80
N GLU A 55 -12.47 -4.90 1.56
CA GLU A 55 -12.24 -5.94 0.56
C GLU A 55 -10.99 -6.75 0.89
N LEU A 56 -10.01 -6.10 1.52
CA LEU A 56 -8.76 -6.78 1.87
C LEU A 56 -8.99 -7.75 3.02
N ALA A 57 -9.85 -7.36 3.96
CA ALA A 57 -10.21 -8.23 5.08
C ALA A 57 -10.95 -9.46 4.59
N GLU A 58 -11.79 -9.26 3.58
CA GLU A 58 -12.48 -10.37 2.94
C GLU A 58 -11.50 -11.25 2.18
N LEU A 59 -10.63 -10.59 1.41
CA LEU A 59 -9.62 -11.27 0.62
C LEU A 59 -8.77 -12.19 1.49
N LEU A 60 -8.42 -11.72 2.69
CA LEU A 60 -7.60 -12.49 3.62
C LEU A 60 -8.23 -13.85 3.93
N ARG A 61 -9.56 -13.89 4.01
CA ARG A 61 -10.27 -15.14 4.26
C ARG A 61 -10.35 -16.01 3.01
N GLN A 62 -10.76 -15.42 1.90
CA GLN A 62 -11.04 -16.18 0.68
C GLN A 62 -9.76 -16.54 -0.07
N GLN A 63 -8.80 -15.62 -0.12
CA GLN A 63 -7.54 -15.85 -0.81
C GLN A 63 -6.38 -15.71 0.17
N HIS A 64 -5.97 -16.83 0.74
CA HIS A 64 -4.96 -16.83 1.79
C HIS A 64 -3.72 -17.60 1.33
N SER A 65 -3.75 -18.06 0.08
CA SER A 65 -2.64 -18.84 -0.49
C SER A 65 -1.55 -17.93 -1.06
N ASP A 66 -1.35 -16.77 -0.44
CA ASP A 66 -0.33 -15.83 -0.91
C ASP A 66 -0.06 -14.76 0.14
N VAL A 67 -1.11 -14.01 0.49
CA VAL A 67 -1.00 -12.90 1.42
C VAL A 67 -0.46 -13.35 2.77
N ARG A 68 0.67 -12.77 3.16
CA ARG A 68 1.33 -13.11 4.41
C ARG A 68 1.71 -11.84 5.17
N PRO A 69 0.94 -11.53 6.22
CA PRO A 69 1.16 -10.33 7.05
C PRO A 69 2.55 -10.30 7.67
N SER A 70 3.01 -11.47 8.12
CA SER A 70 4.29 -11.62 8.83
C SER A 70 4.21 -11.04 10.24
N ARG A 71 4.94 -11.65 11.16
CA ARG A 71 4.90 -11.23 12.56
C ARG A 71 5.72 -9.94 12.75
N HIS A 72 6.38 -9.51 11.69
CA HIS A 72 7.14 -8.27 11.72
C HIS A 72 6.22 -7.07 11.72
N LEU A 73 5.07 -7.22 11.07
CA LEU A 73 4.09 -6.14 10.97
C LEU A 73 2.87 -6.42 11.83
N ASN A 74 2.63 -7.71 12.09
CA ASN A 74 1.48 -8.19 12.85
C ASN A 74 0.20 -8.14 11.99
N LYS A 75 -0.62 -9.17 12.13
CA LYS A 75 -1.76 -9.39 11.23
C LYS A 75 -2.69 -8.19 11.12
N ALA A 76 -3.22 -7.73 12.24
CA ALA A 76 -4.22 -6.66 12.24
C ALA A 76 -3.57 -5.28 12.09
N HIS A 77 -2.38 -5.23 11.53
CA HIS A 77 -1.72 -3.97 11.25
C HIS A 77 -1.48 -3.82 9.76
N TRP A 78 -0.76 -4.78 9.19
CA TRP A 78 -0.46 -4.78 7.78
C TRP A 78 -0.65 -6.17 7.19
N SER A 79 -1.04 -6.21 5.93
CA SER A 79 -1.12 -7.47 5.21
C SER A 79 -0.31 -7.35 3.94
N THR A 80 0.52 -8.33 3.69
CA THR A 80 1.48 -8.26 2.61
C THR A 80 1.08 -9.16 1.44
N VAL A 81 0.80 -8.54 0.30
CA VAL A 81 0.45 -9.25 -0.91
C VAL A 81 1.68 -9.45 -1.78
N TYR A 82 1.95 -10.69 -2.16
CA TYR A 82 3.12 -11.01 -2.95
C TYR A 82 2.77 -11.07 -4.43
N LEU A 83 3.45 -10.28 -5.23
CA LEU A 83 3.21 -10.25 -6.67
C LEU A 83 3.88 -11.45 -7.36
N ASP A 84 3.51 -12.63 -6.91
CA ASP A 84 4.03 -13.87 -7.47
C ASP A 84 3.15 -14.32 -8.64
N GLY A 85 1.90 -13.88 -8.63
CA GLY A 85 0.99 -14.23 -9.69
C GLY A 85 -0.33 -14.77 -9.17
N SER A 86 -0.45 -14.86 -7.85
CA SER A 86 -1.67 -15.35 -7.23
C SER A 86 -2.82 -14.37 -7.45
N LEU A 87 -2.51 -13.08 -7.35
CA LEU A 87 -3.50 -12.03 -7.57
C LEU A 87 -3.38 -11.50 -9.00
N PRO A 88 -4.51 -11.12 -9.61
CA PRO A 88 -4.52 -10.61 -10.99
C PRO A 88 -3.86 -9.24 -11.12
N ASP A 89 -3.51 -8.88 -12.35
CA ASP A 89 -2.83 -7.62 -12.64
C ASP A 89 -3.73 -6.44 -12.29
N SER A 90 -5.02 -6.58 -12.58
CA SER A 90 -6.01 -5.55 -12.33
C SER A 90 -6.08 -5.20 -10.83
N GLN A 91 -5.75 -6.19 -9.99
CA GLN A 91 -5.81 -6.01 -8.55
C GLN A 91 -4.83 -4.94 -8.08
N ILE A 92 -3.72 -4.83 -8.81
CA ILE A 92 -2.64 -3.91 -8.45
C ILE A 92 -3.13 -2.46 -8.48
N TYR A 93 -3.92 -2.12 -9.49
CA TYR A 93 -4.49 -0.77 -9.58
C TYR A 93 -5.34 -0.44 -8.37
N TYR A 94 -6.16 -1.40 -7.97
CA TYR A 94 -7.05 -1.22 -6.83
C TYR A 94 -6.28 -0.98 -5.55
N LEU A 95 -5.20 -1.75 -5.36
CA LEU A 95 -4.41 -1.70 -4.13
C LEU A 95 -3.92 -0.27 -3.86
N VAL A 96 -3.46 0.40 -4.91
CA VAL A 96 -2.91 1.75 -4.76
C VAL A 96 -4.01 2.80 -4.60
N ASP A 97 -5.03 2.72 -5.44
CA ASP A 97 -6.08 3.73 -5.44
C ASP A 97 -6.92 3.67 -4.16
N ALA A 98 -7.18 2.45 -3.69
CA ALA A 98 -8.01 2.26 -2.51
C ALA A 98 -7.29 2.72 -1.23
N SER A 99 -5.98 2.53 -1.19
CA SER A 99 -5.21 2.91 0.00
C SER A 99 -5.08 4.42 0.11
N TYR A 100 -4.90 5.09 -1.04
CA TYR A 100 -4.87 6.54 -1.06
C TYR A 100 -6.24 7.11 -0.69
N GLN A 101 -7.28 6.53 -1.27
CA GLN A 101 -8.65 6.99 -1.07
C GLN A 101 -9.00 6.97 0.42
N GLN A 102 -8.84 5.81 1.06
CA GLN A 102 -9.23 5.64 2.45
C GLN A 102 -8.48 6.61 3.38
N ALA A 103 -7.22 6.87 3.06
CA ALA A 103 -6.42 7.78 3.87
C ALA A 103 -6.99 9.20 3.85
N VAL A 104 -7.43 9.63 2.68
CA VAL A 104 -7.99 10.97 2.52
C VAL A 104 -9.28 11.12 3.33
N ASN A 105 -10.00 10.02 3.50
CA ASN A 105 -11.26 10.05 4.24
C ASN A 105 -11.00 10.15 5.75
N LEU A 106 -9.83 9.71 6.17
CA LEU A 106 -9.48 9.67 7.58
C LEU A 106 -8.81 10.96 8.04
N LEU A 107 -8.34 11.75 7.09
CA LEU A 107 -7.62 12.97 7.42
C LEU A 107 -8.57 14.15 7.59
N PRO A 108 -8.26 15.06 8.52
CA PRO A 108 -9.08 16.26 8.76
C PRO A 108 -9.02 17.25 7.61
N GLU A 109 -9.92 18.24 7.64
CA GLU A 109 -10.04 19.23 6.58
C GLU A 109 -8.70 19.91 6.28
N GLU A 110 -8.00 20.28 7.34
CA GLU A 110 -6.71 20.95 7.25
C GLU A 110 -5.77 20.23 6.28
N LYS A 111 -5.64 18.92 6.47
CA LYS A 111 -4.77 18.13 5.62
C LYS A 111 -5.43 17.89 4.27
N ARG A 112 -6.72 17.60 4.31
CA ARG A 112 -7.50 17.30 3.12
C ARG A 112 -7.41 18.43 2.09
N LYS A 113 -7.44 19.68 2.56
CA LYS A 113 -7.30 20.83 1.69
C LYS A 113 -5.93 20.83 1.02
N LEU A 114 -4.90 20.63 1.83
CA LEU A 114 -3.53 20.67 1.37
C LEU A 114 -3.23 19.57 0.36
N LEU A 115 -3.79 18.39 0.58
CA LEU A 115 -3.59 17.27 -0.34
C LEU A 115 -4.04 17.63 -1.75
N VAL A 116 -5.11 18.40 -1.85
CA VAL A 116 -5.63 18.85 -3.14
C VAL A 116 -4.76 19.97 -3.69
N GLN A 117 -4.14 20.74 -2.79
CA GLN A 117 -3.31 21.86 -3.17
C GLN A 117 -1.97 21.40 -3.72
N LEU A 118 -1.50 20.24 -3.26
CA LEU A 118 -0.18 19.74 -3.62
C LEU A 118 -0.25 18.94 -4.93
N MET A 1 3.95 -4.85 -15.07
CA MET A 1 4.02 -3.65 -14.22
C MET A 1 5.19 -3.75 -13.26
N THR A 2 6.23 -2.97 -13.50
CA THR A 2 7.39 -2.93 -12.63
C THR A 2 7.18 -1.96 -11.48
N ILE A 3 8.10 -1.97 -10.53
CA ILE A 3 7.99 -1.11 -9.35
C ILE A 3 8.00 0.36 -9.75
N SER A 4 8.86 0.72 -10.69
CA SER A 4 9.00 2.11 -11.14
C SER A 4 7.69 2.62 -11.74
N GLU A 5 6.98 1.74 -12.44
CA GLU A 5 5.70 2.08 -13.05
C GLU A 5 4.64 2.30 -11.97
N LEU A 6 4.63 1.42 -10.98
CA LEU A 6 3.69 1.51 -9.87
C LEU A 6 3.91 2.80 -9.08
N LEU A 7 5.17 3.09 -8.80
CA LEU A 7 5.54 4.29 -8.07
C LEU A 7 5.10 5.54 -8.83
N GLN A 8 5.19 5.49 -10.16
CA GLN A 8 4.79 6.61 -11.00
C GLN A 8 3.28 6.83 -10.93
N TYR A 9 2.52 5.74 -10.91
CA TYR A 9 1.07 5.84 -10.80
C TYR A 9 0.68 6.46 -9.47
N CYS A 10 1.47 6.19 -8.45
CA CYS A 10 1.25 6.76 -7.12
C CYS A 10 1.51 8.27 -7.14
N MET A 11 2.44 8.68 -8.00
CA MET A 11 2.78 10.10 -8.14
C MET A 11 1.64 10.86 -8.81
N ALA A 12 0.86 10.14 -9.61
CA ALA A 12 -0.27 10.74 -10.32
C ALA A 12 -1.45 10.95 -9.37
N LYS A 13 -1.34 10.38 -8.17
CA LYS A 13 -2.35 10.56 -7.14
C LYS A 13 -1.92 11.67 -6.19
N PRO A 14 -2.70 12.76 -6.13
CA PRO A 14 -2.37 13.93 -5.31
C PRO A 14 -2.38 13.63 -3.81
N GLY A 15 -1.21 13.78 -3.18
CA GLY A 15 -1.13 13.57 -1.75
C GLY A 15 -0.43 12.27 -1.40
N ALA A 16 0.61 11.93 -2.15
CA ALA A 16 1.37 10.72 -1.90
C ALA A 16 2.87 11.00 -1.90
N GLU A 17 3.50 10.75 -0.76
CA GLU A 17 4.94 10.86 -0.64
C GLU A 17 5.54 9.47 -0.40
N GLN A 18 6.68 9.21 -1.01
CA GLN A 18 7.34 7.92 -0.89
C GLN A 18 8.67 8.09 -0.17
N SER A 19 8.81 7.40 0.96
CA SER A 19 10.01 7.50 1.77
C SER A 19 10.61 6.11 2.03
N VAL A 20 11.74 5.82 1.40
CA VAL A 20 12.42 4.56 1.64
C VAL A 20 13.49 4.71 2.73
N HIS A 21 13.34 3.94 3.79
CA HIS A 21 14.36 3.91 4.84
C HIS A 21 15.16 2.62 4.74
N ASN A 22 16.46 2.71 4.98
CA ASN A 22 17.37 1.60 4.71
C ASN A 22 17.49 0.65 5.89
N ASP A 23 16.36 0.09 6.30
CA ASP A 23 16.35 -0.97 7.30
C ASP A 23 15.89 -2.28 6.65
N TRP A 24 14.76 -2.22 5.95
CA TRP A 24 14.28 -3.34 5.16
C TRP A 24 14.35 -3.00 3.67
N LYS A 25 14.91 -1.83 3.37
CA LYS A 25 14.86 -1.27 2.01
C LYS A 25 13.40 -1.00 1.65
N ALA A 26 12.62 -0.74 2.68
CA ALA A 26 11.20 -0.56 2.54
C ALA A 26 10.86 0.84 2.06
N THR A 27 10.22 0.90 0.90
CA THR A 27 9.69 2.16 0.42
C THR A 27 8.32 2.37 1.04
N GLN A 28 8.19 3.41 1.83
CA GLN A 28 6.99 3.63 2.60
C GLN A 28 6.15 4.74 1.96
N ILE A 29 4.90 4.41 1.66
CA ILE A 29 4.01 5.34 0.97
C ILE A 29 3.03 5.96 1.96
N LYS A 30 3.06 7.28 2.04
CA LYS A 30 2.29 7.98 3.03
C LYS A 30 1.98 9.40 2.55
N VAL A 31 1.11 10.09 3.27
CA VAL A 31 0.93 11.51 3.07
C VAL A 31 2.10 12.23 3.77
N GLU A 32 1.83 13.34 4.46
CA GLU A 32 2.87 13.97 5.27
C GLU A 32 3.48 12.95 6.22
N ASP A 33 2.63 12.33 7.03
CA ASP A 33 3.07 11.27 7.93
C ASP A 33 1.91 10.31 8.21
N VAL A 34 0.97 10.24 7.27
CA VAL A 34 -0.16 9.34 7.39
C VAL A 34 0.08 8.06 6.62
N LEU A 35 0.26 6.97 7.34
CA LEU A 35 0.60 5.69 6.74
C LEU A 35 -0.61 4.92 6.29
N PHE A 36 -0.59 4.50 5.03
CA PHE A 36 -1.63 3.64 4.51
C PHE A 36 -1.04 2.48 3.72
N ALA A 37 0.27 2.52 3.44
CA ALA A 37 0.90 1.50 2.61
C ALA A 37 2.42 1.50 2.71
N MET A 38 3.01 0.35 2.37
CA MET A 38 4.46 0.21 2.28
C MET A 38 4.81 -0.90 1.29
N VAL A 39 5.92 -0.77 0.60
CA VAL A 39 6.37 -1.80 -0.32
C VAL A 39 7.81 -2.21 -0.02
N LYS A 40 8.08 -3.51 -0.07
CA LYS A 40 9.41 -4.02 0.24
C LYS A 40 9.79 -5.13 -0.74
N GLU A 41 11.04 -5.55 -0.66
CA GLU A 41 11.50 -6.73 -1.36
C GLU A 41 12.10 -7.70 -0.36
N VAL A 42 11.76 -8.97 -0.49
CA VAL A 42 12.31 -9.99 0.38
C VAL A 42 12.64 -11.24 -0.43
N GLU A 43 13.87 -11.72 -0.28
CA GLU A 43 14.38 -12.84 -1.07
C GLU A 43 14.41 -12.47 -2.55
N ASN A 44 14.61 -11.18 -2.81
CA ASN A 44 14.62 -10.62 -4.17
C ASN A 44 13.24 -10.78 -4.81
N ARG A 45 12.25 -10.96 -3.98
CA ARG A 45 10.86 -11.05 -4.44
C ARG A 45 10.06 -9.92 -3.81
N PRO A 46 9.41 -9.10 -4.64
CA PRO A 46 8.65 -7.93 -4.17
C PRO A 46 7.45 -8.32 -3.31
N ALA A 47 7.21 -7.53 -2.29
CA ALA A 47 6.10 -7.76 -1.39
C ALA A 47 5.44 -6.44 -1.03
N VAL A 48 4.13 -6.41 -1.00
CA VAL A 48 3.39 -5.18 -0.74
C VAL A 48 2.62 -5.32 0.57
N SER A 49 2.47 -4.22 1.29
CA SER A 49 1.77 -4.24 2.55
C SER A 49 0.89 -3.00 2.70
N LEU A 50 -0.41 -3.23 2.81
CA LEU A 50 -1.35 -2.15 3.01
C LEU A 50 -1.71 -2.06 4.48
N LYS A 51 -2.36 -0.95 4.85
CA LYS A 51 -2.88 -0.80 6.21
C LYS A 51 -4.03 -1.77 6.41
N THR A 52 -4.50 -1.91 7.65
CA THR A 52 -5.64 -2.76 7.92
C THR A 52 -6.93 -2.14 7.39
N SER A 53 -7.11 -2.23 6.08
CA SER A 53 -8.28 -1.67 5.42
C SER A 53 -9.46 -2.63 5.51
N PRO A 54 -10.69 -2.08 5.59
CA PRO A 54 -11.91 -2.87 5.65
C PRO A 54 -12.03 -3.83 4.48
N GLU A 55 -11.93 -3.29 3.27
CA GLU A 55 -12.06 -4.07 2.04
C GLU A 55 -10.98 -5.15 1.94
N LEU A 56 -9.80 -4.84 2.45
CA LEU A 56 -8.69 -5.79 2.43
C LEU A 56 -8.98 -6.98 3.35
N ALA A 57 -9.46 -6.69 4.56
CA ALA A 57 -9.82 -7.75 5.50
C ALA A 57 -10.99 -8.56 4.95
N GLU A 58 -11.97 -7.87 4.42
CA GLU A 58 -13.15 -8.50 3.81
C GLU A 58 -12.74 -9.41 2.66
N LEU A 59 -11.79 -8.95 1.86
CA LEU A 59 -11.28 -9.72 0.73
C LEU A 59 -10.84 -11.10 1.19
N LEU A 60 -10.01 -11.15 2.23
CA LEU A 60 -9.47 -12.43 2.72
C LEU A 60 -10.57 -13.29 3.33
N ARG A 61 -11.60 -12.66 3.89
CA ARG A 61 -12.68 -13.39 4.52
C ARG A 61 -13.58 -14.04 3.47
N GLN A 62 -13.77 -13.36 2.34
CA GLN A 62 -14.57 -13.90 1.26
C GLN A 62 -13.73 -14.81 0.36
N GLN A 63 -12.58 -14.32 -0.07
CA GLN A 63 -11.67 -15.07 -0.91
C GLN A 63 -10.55 -15.66 -0.08
N HIS A 64 -10.48 -16.98 -0.02
CA HIS A 64 -9.46 -17.66 0.79
C HIS A 64 -8.07 -17.29 0.28
N SER A 65 -7.98 -17.11 -1.05
CA SER A 65 -6.79 -16.56 -1.71
C SER A 65 -5.57 -17.47 -1.54
N ASP A 66 -4.42 -16.97 -1.99
CA ASP A 66 -3.16 -17.70 -1.88
C ASP A 66 -2.11 -16.76 -1.29
N VAL A 67 -2.10 -16.67 0.03
CA VAL A 67 -1.24 -15.73 0.73
C VAL A 67 -0.84 -16.30 2.09
N ARG A 68 0.37 -15.99 2.55
CA ARG A 68 0.86 -16.51 3.83
C ARG A 68 1.08 -15.37 4.82
N PRO A 69 0.16 -15.20 5.78
CA PRO A 69 0.32 -14.27 6.88
C PRO A 69 1.30 -14.82 7.92
N SER A 70 1.52 -14.05 8.98
CA SER A 70 2.46 -14.42 10.05
C SER A 70 3.89 -14.43 9.53
N ARG A 71 4.61 -13.36 9.79
CA ARG A 71 5.98 -13.22 9.34
C ARG A 71 6.77 -12.46 10.40
N HIS A 72 7.88 -11.85 10.01
CA HIS A 72 8.71 -11.09 10.94
C HIS A 72 7.92 -9.90 11.51
N LEU A 73 7.12 -9.27 10.65
CA LEU A 73 6.26 -8.17 11.06
C LEU A 73 5.00 -8.73 11.70
N ASN A 74 4.47 -8.04 12.69
CA ASN A 74 3.30 -8.54 13.41
C ASN A 74 2.01 -8.13 12.67
N LYS A 75 1.09 -9.09 12.58
CA LYS A 75 -0.14 -8.93 11.80
C LYS A 75 -0.99 -7.74 12.26
N ALA A 76 -0.91 -7.40 13.54
CA ALA A 76 -1.71 -6.30 14.10
C ALA A 76 -1.13 -4.93 13.72
N HIS A 77 -0.29 -4.91 12.70
CA HIS A 77 0.26 -3.65 12.19
C HIS A 77 0.08 -3.58 10.68
N TRP A 78 0.71 -4.52 9.98
CA TRP A 78 0.64 -4.56 8.53
C TRP A 78 0.42 -5.99 8.09
N SER A 79 0.02 -6.16 6.84
CA SER A 79 -0.10 -7.47 6.24
C SER A 79 0.71 -7.50 4.95
N THR A 80 1.59 -8.47 4.83
CA THR A 80 2.53 -8.52 3.73
C THR A 80 2.11 -9.53 2.67
N VAL A 81 1.77 -9.03 1.49
CA VAL A 81 1.39 -9.88 0.38
C VAL A 81 2.56 -9.98 -0.60
N TYR A 82 3.07 -11.18 -0.76
CA TYR A 82 4.18 -11.43 -1.66
C TYR A 82 3.71 -11.43 -3.11
N LEU A 83 4.38 -10.65 -3.95
CA LEU A 83 4.13 -10.69 -5.39
C LEU A 83 4.84 -11.90 -5.96
N ASP A 84 4.39 -13.06 -5.51
CA ASP A 84 5.05 -14.33 -5.80
C ASP A 84 4.02 -15.38 -6.13
N GLY A 85 2.93 -15.40 -5.36
CA GLY A 85 1.85 -16.32 -5.61
C GLY A 85 0.86 -15.74 -6.59
N SER A 86 1.33 -15.50 -7.81
CA SER A 86 0.55 -14.88 -8.88
C SER A 86 0.34 -13.38 -8.61
N LEU A 87 -0.74 -13.03 -7.91
CA LEU A 87 -1.10 -11.65 -7.65
C LEU A 87 -1.07 -10.79 -8.91
N PRO A 88 -2.13 -10.86 -9.74
CA PRO A 88 -2.22 -10.04 -10.96
C PRO A 88 -2.17 -8.55 -10.67
N ASP A 89 -1.50 -7.81 -11.54
CA ASP A 89 -1.29 -6.37 -11.33
C ASP A 89 -2.60 -5.60 -11.35
N SER A 90 -3.64 -6.21 -11.93
CA SER A 90 -4.97 -5.60 -11.95
C SER A 90 -5.51 -5.43 -10.53
N GLN A 91 -5.12 -6.33 -9.64
CA GLN A 91 -5.52 -6.26 -8.25
C GLN A 91 -4.78 -5.12 -7.56
N ILE A 92 -3.47 -5.06 -7.80
CA ILE A 92 -2.61 -4.04 -7.21
C ILE A 92 -3.08 -2.64 -7.60
N TYR A 93 -3.50 -2.51 -8.85
CA TYR A 93 -3.97 -1.24 -9.39
C TYR A 93 -5.10 -0.66 -8.52
N TYR A 94 -6.00 -1.52 -8.09
CA TYR A 94 -7.11 -1.10 -7.24
C TYR A 94 -6.66 -0.89 -5.80
N LEU A 95 -5.73 -1.74 -5.35
CA LEU A 95 -5.23 -1.68 -3.98
C LEU A 95 -4.62 -0.31 -3.67
N VAL A 96 -3.85 0.21 -4.62
CA VAL A 96 -3.21 1.51 -4.46
C VAL A 96 -4.26 2.62 -4.34
N ASP A 97 -5.29 2.55 -5.16
CA ASP A 97 -6.34 3.57 -5.16
C ASP A 97 -7.17 3.48 -3.89
N ALA A 98 -7.45 2.25 -3.45
CA ALA A 98 -8.23 2.01 -2.24
C ALA A 98 -7.51 2.53 -1.00
N SER A 99 -6.23 2.24 -0.90
CA SER A 99 -5.44 2.64 0.25
C SER A 99 -5.25 4.16 0.28
N TYR A 100 -5.13 4.76 -0.91
CA TYR A 100 -5.03 6.21 -1.02
C TYR A 100 -6.34 6.88 -0.62
N GLN A 101 -7.45 6.30 -1.06
CA GLN A 101 -8.78 6.84 -0.79
C GLN A 101 -9.01 7.00 0.71
N GLN A 102 -8.81 5.90 1.45
CA GLN A 102 -9.05 5.89 2.89
C GLN A 102 -8.16 6.91 3.60
N ALA A 103 -6.96 7.12 3.08
CA ALA A 103 -6.02 8.07 3.67
C ALA A 103 -6.57 9.49 3.59
N VAL A 104 -7.17 9.82 2.45
CA VAL A 104 -7.77 11.13 2.25
C VAL A 104 -8.92 11.36 3.23
N ASN A 105 -9.66 10.30 3.51
CA ASN A 105 -10.79 10.39 4.43
C ASN A 105 -10.33 10.64 5.86
N LEU A 106 -9.11 10.21 6.16
CA LEU A 106 -8.54 10.36 7.49
C LEU A 106 -7.85 11.72 7.64
N LEU A 107 -7.71 12.43 6.54
CA LEU A 107 -7.08 13.73 6.54
C LEU A 107 -8.08 14.83 6.89
N PRO A 108 -7.67 15.78 7.74
CA PRO A 108 -8.50 16.94 8.10
C PRO A 108 -8.79 17.82 6.89
N GLU A 109 -9.85 18.62 6.98
CA GLU A 109 -10.30 19.47 5.88
C GLU A 109 -9.16 20.31 5.33
N GLU A 110 -8.39 20.93 6.22
CA GLU A 110 -7.27 21.78 5.84
C GLU A 110 -6.36 21.09 4.82
N LYS A 111 -5.97 19.86 5.12
CA LYS A 111 -5.10 19.08 4.24
C LYS A 111 -5.81 18.77 2.94
N ARG A 112 -7.08 18.37 3.05
CA ARG A 112 -7.88 18.02 1.87
C ARG A 112 -8.01 19.19 0.91
N LYS A 113 -8.20 20.40 1.45
CA LYS A 113 -8.31 21.59 0.62
C LYS A 113 -7.04 21.78 -0.20
N LEU A 114 -5.89 21.65 0.47
CA LEU A 114 -4.60 21.83 -0.15
C LEU A 114 -4.40 20.86 -1.31
N LEU A 115 -4.74 19.59 -1.07
CA LEU A 115 -4.54 18.55 -2.06
C LEU A 115 -5.42 18.76 -3.30
N VAL A 116 -6.58 19.38 -3.11
CA VAL A 116 -7.50 19.61 -4.22
C VAL A 116 -7.06 20.80 -5.06
N GLN A 117 -6.52 21.83 -4.39
CA GLN A 117 -6.12 23.06 -5.07
C GLN A 117 -4.92 22.84 -5.97
N LEU A 118 -4.07 21.87 -5.62
CA LEU A 118 -2.88 21.59 -6.41
C LEU A 118 -3.23 20.73 -7.62
N MET A 1 2.78 -5.70 -13.85
CA MET A 1 3.24 -4.39 -13.38
C MET A 1 4.27 -4.56 -12.27
N THR A 2 5.51 -4.14 -12.54
CA THR A 2 6.57 -4.21 -11.55
C THR A 2 6.41 -3.14 -10.49
N ILE A 3 7.13 -3.28 -9.40
CA ILE A 3 7.07 -2.32 -8.30
C ILE A 3 7.47 -0.93 -8.78
N SER A 4 8.42 -0.87 -9.70
CA SER A 4 8.89 0.39 -10.27
C SER A 4 7.73 1.13 -10.96
N GLU A 5 6.89 0.37 -11.66
CA GLU A 5 5.72 0.93 -12.33
C GLU A 5 4.68 1.37 -11.31
N LEU A 6 4.54 0.56 -10.25
CA LEU A 6 3.60 0.85 -9.17
C LEU A 6 4.00 2.14 -8.46
N LEU A 7 5.29 2.27 -8.18
CA LEU A 7 5.83 3.47 -7.55
C LEU A 7 5.58 4.69 -8.43
N GLN A 8 5.74 4.51 -9.73
CA GLN A 8 5.48 5.57 -10.70
C GLN A 8 4.01 5.98 -10.67
N TYR A 9 3.13 4.99 -10.59
CA TYR A 9 1.69 5.22 -10.53
C TYR A 9 1.33 6.04 -9.28
N CYS A 10 2.03 5.77 -8.19
CA CYS A 10 1.80 6.48 -6.94
C CYS A 10 2.33 7.91 -7.01
N MET A 11 3.20 8.17 -7.98
CA MET A 11 3.76 9.51 -8.17
C MET A 11 2.77 10.41 -8.90
N ALA A 12 1.72 9.79 -9.43
CA ALA A 12 0.66 10.53 -10.10
C ALA A 12 -0.39 10.98 -9.09
N LYS A 13 -0.15 10.65 -7.82
CA LYS A 13 -1.02 11.04 -6.73
C LYS A 13 -0.39 12.22 -5.98
N PRO A 14 -0.78 13.46 -6.30
CA PRO A 14 -0.22 14.66 -5.68
C PRO A 14 -0.62 14.77 -4.22
N GLY A 15 0.30 14.39 -3.35
CA GLY A 15 0.03 14.37 -1.92
C GLY A 15 0.69 13.19 -1.25
N ALA A 16 1.01 12.17 -2.05
CA ALA A 16 1.67 10.98 -1.54
C ALA A 16 3.18 11.10 -1.67
N GLU A 17 3.88 11.06 -0.54
CA GLU A 17 5.32 11.17 -0.53
C GLU A 17 5.96 9.81 -0.26
N GLN A 18 6.95 9.47 -1.08
CA GLN A 18 7.61 8.17 -0.99
C GLN A 18 9.03 8.34 -0.46
N SER A 19 9.32 7.67 0.65
CA SER A 19 10.66 7.69 1.23
C SER A 19 11.15 6.27 1.47
N VAL A 20 12.47 6.08 1.41
CA VAL A 20 13.03 4.77 1.66
C VAL A 20 13.34 4.60 3.14
N HIS A 21 12.79 3.56 3.73
CA HIS A 21 13.07 3.22 5.11
C HIS A 21 14.30 2.34 5.14
N ASN A 22 15.39 2.85 5.72
CA ASN A 22 16.65 2.11 5.77
C ASN A 22 16.60 1.03 6.85
N ASP A 23 15.59 0.19 6.72
CA ASP A 23 15.36 -0.95 7.57
C ASP A 23 14.53 -1.94 6.76
N TRP A 24 15.22 -2.97 6.25
CA TRP A 24 14.66 -3.92 5.27
C TRP A 24 14.66 -3.30 3.87
N LYS A 25 15.04 -2.02 3.79
CA LYS A 25 15.01 -1.24 2.55
C LYS A 25 13.63 -1.33 1.92
N ALA A 26 12.70 -0.56 2.46
CA ALA A 26 11.33 -0.58 2.00
C ALA A 26 10.86 0.83 1.66
N THR A 27 9.98 0.94 0.69
CA THR A 27 9.47 2.23 0.28
C THR A 27 8.19 2.57 1.02
N GLN A 28 8.22 3.65 1.78
CA GLN A 28 7.06 4.10 2.54
C GLN A 28 6.30 5.15 1.77
N ILE A 29 5.08 4.81 1.40
CA ILE A 29 4.21 5.75 0.71
C ILE A 29 3.18 6.31 1.68
N LYS A 30 3.34 7.56 2.05
CA LYS A 30 2.45 8.19 3.01
C LYS A 30 2.05 9.59 2.56
N VAL A 31 0.87 10.00 2.97
CA VAL A 31 0.42 11.36 2.72
C VAL A 31 1.06 12.28 3.75
N GLU A 32 0.28 13.18 4.34
CA GLU A 32 0.76 14.03 5.43
C GLU A 32 1.39 13.18 6.53
N ASP A 33 0.58 12.39 7.21
CA ASP A 33 1.09 11.49 8.22
C ASP A 33 0.25 10.22 8.27
N VAL A 34 -0.20 9.78 7.12
CA VAL A 34 -0.96 8.54 7.01
C VAL A 34 -0.19 7.55 6.17
N LEU A 35 0.51 6.63 6.82
CA LEU A 35 1.25 5.59 6.11
C LEU A 35 0.31 4.44 5.79
N PHE A 36 -0.20 4.42 4.56
CA PHE A 36 -1.19 3.43 4.17
C PHE A 36 -0.55 2.25 3.45
N ALA A 37 0.62 2.47 2.85
CA ALA A 37 1.27 1.43 2.07
C ALA A 37 2.79 1.50 2.18
N MET A 38 3.38 0.40 2.61
CA MET A 38 4.82 0.25 2.66
C MET A 38 5.23 -1.01 1.90
N VAL A 39 5.96 -0.82 0.80
CA VAL A 39 6.35 -1.93 -0.04
C VAL A 39 7.76 -2.38 0.30
N LYS A 40 7.99 -3.69 0.26
CA LYS A 40 9.28 -4.24 0.63
C LYS A 40 9.52 -5.55 -0.09
N GLU A 41 10.37 -5.52 -1.09
CA GLU A 41 10.66 -6.69 -1.90
C GLU A 41 11.86 -7.45 -1.36
N VAL A 42 11.61 -8.69 -0.96
CA VAL A 42 12.68 -9.56 -0.50
C VAL A 42 13.12 -10.46 -1.64
N GLU A 43 14.33 -10.23 -2.14
CA GLU A 43 14.87 -10.98 -3.28
C GLU A 43 14.01 -10.77 -4.52
N ASN A 44 13.31 -9.63 -4.58
CA ASN A 44 12.41 -9.27 -5.68
C ASN A 44 11.10 -10.05 -5.58
N ARG A 45 10.79 -10.52 -4.38
CA ARG A 45 9.46 -11.03 -4.09
C ARG A 45 8.57 -9.87 -3.69
N PRO A 46 7.64 -9.48 -4.58
CA PRO A 46 6.79 -8.29 -4.38
C PRO A 46 5.89 -8.41 -3.16
N ALA A 47 6.00 -7.44 -2.26
CA ALA A 47 5.23 -7.45 -1.04
C ALA A 47 4.81 -6.05 -0.63
N VAL A 48 3.52 -5.83 -0.52
CA VAL A 48 2.99 -4.54 -0.13
C VAL A 48 2.29 -4.63 1.23
N SER A 49 2.73 -3.79 2.15
CA SER A 49 2.17 -3.79 3.50
C SER A 49 1.18 -2.64 3.65
N LEU A 50 -0.07 -2.98 3.88
CA LEU A 50 -1.09 -1.98 4.13
C LEU A 50 -1.34 -1.86 5.61
N LYS A 51 -1.83 -0.70 6.03
CA LYS A 51 -2.10 -0.43 7.43
C LYS A 51 -3.43 -1.05 7.87
N THR A 52 -3.72 -2.24 7.33
CA THR A 52 -4.94 -2.97 7.61
C THR A 52 -6.17 -2.25 7.05
N SER A 53 -6.71 -2.79 5.96
CA SER A 53 -7.86 -2.19 5.31
C SER A 53 -8.97 -3.23 5.15
N PRO A 54 -10.25 -2.80 5.21
CA PRO A 54 -11.42 -3.69 5.19
C PRO A 54 -11.40 -4.72 4.06
N GLU A 55 -11.47 -4.23 2.82
CA GLU A 55 -11.58 -5.10 1.65
C GLU A 55 -10.47 -6.14 1.56
N LEU A 56 -9.29 -5.79 2.07
CA LEU A 56 -8.15 -6.70 2.04
C LEU A 56 -8.44 -7.95 2.88
N ALA A 57 -9.13 -7.77 3.99
CA ALA A 57 -9.48 -8.89 4.86
C ALA A 57 -10.58 -9.73 4.24
N GLU A 58 -11.58 -9.07 3.65
CA GLU A 58 -12.64 -9.77 2.94
C GLU A 58 -12.07 -10.56 1.77
N LEU A 59 -11.17 -9.93 1.04
CA LEU A 59 -10.55 -10.55 -0.13
C LEU A 59 -9.90 -11.87 0.24
N LEU A 60 -9.07 -11.86 1.28
CA LEU A 60 -8.34 -13.06 1.68
C LEU A 60 -9.28 -14.14 2.19
N ARG A 61 -10.38 -13.70 2.80
CA ARG A 61 -11.40 -14.62 3.31
C ARG A 61 -12.01 -15.44 2.18
N GLN A 62 -12.21 -14.81 1.03
CA GLN A 62 -12.88 -15.47 -0.10
C GLN A 62 -11.86 -16.18 -0.98
N GLN A 63 -10.77 -15.49 -1.30
CA GLN A 63 -9.77 -16.01 -2.24
C GLN A 63 -9.03 -17.23 -1.70
N HIS A 64 -8.50 -17.13 -0.48
CA HIS A 64 -7.65 -18.18 0.10
C HIS A 64 -6.39 -18.35 -0.76
N SER A 65 -5.75 -19.52 -0.62
CA SER A 65 -4.65 -19.92 -1.50
C SER A 65 -3.36 -19.11 -1.27
N ASP A 66 -3.30 -17.93 -1.87
CA ASP A 66 -2.03 -17.21 -1.96
C ASP A 66 -1.86 -16.24 -0.79
N VAL A 67 -2.91 -16.05 -0.01
CA VAL A 67 -2.84 -15.16 1.13
C VAL A 67 -2.19 -15.86 2.32
N ARG A 68 -1.20 -15.21 2.90
CA ARG A 68 -0.38 -15.81 3.94
C ARG A 68 0.21 -14.74 4.87
N PRO A 69 -0.50 -14.42 5.97
CA PRO A 69 -0.02 -13.46 6.97
C PRO A 69 1.23 -13.99 7.67
N SER A 70 2.38 -13.43 7.30
CA SER A 70 3.66 -13.95 7.75
C SER A 70 4.43 -12.90 8.54
N ARG A 71 5.51 -13.33 9.20
CA ARG A 71 6.36 -12.42 9.96
C ARG A 71 7.16 -11.52 9.03
N HIS A 72 6.53 -10.45 8.59
CA HIS A 72 7.18 -9.45 7.77
C HIS A 72 7.80 -8.38 8.65
N LEU A 73 7.18 -8.18 9.81
CA LEU A 73 7.57 -7.19 10.80
C LEU A 73 6.86 -7.49 12.10
N ASN A 74 5.54 -7.56 12.01
CA ASN A 74 4.69 -7.93 13.13
C ASN A 74 3.51 -8.75 12.58
N LYS A 75 2.99 -9.66 13.39
CA LYS A 75 1.90 -10.53 12.94
C LYS A 75 0.59 -9.75 12.80
N ALA A 76 0.11 -9.18 13.90
CA ALA A 76 -1.18 -8.51 13.91
C ALA A 76 -1.03 -7.00 14.14
N HIS A 77 -0.96 -6.25 13.04
CA HIS A 77 -0.98 -4.78 13.07
C HIS A 77 -0.78 -4.25 11.66
N TRP A 78 0.22 -4.80 11.00
CA TRP A 78 0.46 -4.53 9.59
C TRP A 78 0.21 -5.80 8.80
N SER A 79 -0.31 -5.67 7.59
CA SER A 79 -0.58 -6.83 6.77
C SER A 79 0.11 -6.65 5.43
N THR A 80 0.80 -7.69 5.00
CA THR A 80 1.61 -7.63 3.80
C THR A 80 1.18 -8.69 2.81
N VAL A 81 0.76 -8.25 1.64
CA VAL A 81 0.40 -9.16 0.58
C VAL A 81 1.61 -9.47 -0.29
N TYR A 82 2.15 -10.66 -0.11
CA TYR A 82 3.22 -11.14 -0.97
C TYR A 82 2.62 -11.63 -2.28
N LEU A 83 2.58 -10.75 -3.26
CA LEU A 83 1.92 -11.05 -4.53
C LEU A 83 2.82 -11.90 -5.43
N ASP A 84 2.79 -13.19 -5.17
CA ASP A 84 3.49 -14.17 -6.01
C ASP A 84 2.57 -14.62 -7.15
N GLY A 85 1.29 -14.71 -6.82
CA GLY A 85 0.29 -15.06 -7.81
C GLY A 85 -1.11 -14.85 -7.27
N SER A 86 -1.25 -13.86 -6.40
CA SER A 86 -2.50 -13.60 -5.72
C SER A 86 -3.39 -12.65 -6.52
N LEU A 87 -2.93 -11.41 -6.69
CA LEU A 87 -3.72 -10.40 -7.37
C LEU A 87 -3.09 -10.02 -8.71
N PRO A 88 -3.93 -9.86 -9.75
CA PRO A 88 -3.47 -9.40 -11.07
C PRO A 88 -3.23 -7.89 -11.11
N ASP A 89 -2.71 -7.43 -12.25
CA ASP A 89 -2.36 -6.02 -12.46
C ASP A 89 -3.52 -5.10 -12.09
N SER A 90 -4.68 -5.34 -12.70
CA SER A 90 -5.85 -4.47 -12.54
C SER A 90 -6.27 -4.38 -11.08
N GLN A 91 -6.10 -5.47 -10.35
CA GLN A 91 -6.52 -5.53 -8.96
C GLN A 91 -5.63 -4.64 -8.10
N ILE A 92 -4.36 -4.53 -8.47
CA ILE A 92 -3.40 -3.75 -7.72
C ILE A 92 -3.73 -2.26 -7.79
N TYR A 93 -4.11 -1.78 -8.98
CA TYR A 93 -4.51 -0.38 -9.15
C TYR A 93 -5.67 -0.05 -8.23
N TYR A 94 -6.61 -0.99 -8.13
CA TYR A 94 -7.78 -0.83 -7.27
C TYR A 94 -7.38 -0.76 -5.81
N LEU A 95 -6.44 -1.61 -5.40
CA LEU A 95 -6.00 -1.66 -4.02
C LEU A 95 -5.23 -0.41 -3.61
N VAL A 96 -4.34 0.04 -4.49
CA VAL A 96 -3.51 1.21 -4.21
C VAL A 96 -4.38 2.48 -4.14
N ASP A 97 -5.33 2.60 -5.06
CA ASP A 97 -6.21 3.76 -5.09
C ASP A 97 -7.13 3.74 -3.87
N ALA A 98 -7.59 2.56 -3.48
CA ALA A 98 -8.46 2.41 -2.33
C ALA A 98 -7.74 2.79 -1.04
N SER A 99 -6.52 2.29 -0.87
CA SER A 99 -5.74 2.57 0.33
C SER A 99 -5.38 4.05 0.42
N TYR A 100 -5.22 4.69 -0.74
CA TYR A 100 -4.98 6.13 -0.79
C TYR A 100 -6.27 6.88 -0.49
N GLN A 101 -7.37 6.42 -1.07
CA GLN A 101 -8.68 7.07 -0.93
C GLN A 101 -9.09 7.12 0.54
N GLN A 102 -8.93 6.00 1.25
CA GLN A 102 -9.31 5.91 2.67
C GLN A 102 -8.50 6.91 3.50
N ALA A 103 -7.27 7.19 3.08
CA ALA A 103 -6.41 8.11 3.80
C ALA A 103 -6.84 9.56 3.56
N VAL A 104 -7.44 9.81 2.39
CA VAL A 104 -7.81 11.17 2.00
C VAL A 104 -8.97 11.70 2.83
N ASN A 105 -9.97 10.86 3.09
CA ASN A 105 -11.16 11.28 3.82
C ASN A 105 -10.84 11.45 5.31
N LEU A 106 -9.73 10.88 5.74
CA LEU A 106 -9.31 10.99 7.13
C LEU A 106 -8.48 12.25 7.37
N LEU A 107 -8.18 12.96 6.29
CA LEU A 107 -7.38 14.18 6.38
C LEU A 107 -8.25 15.38 6.73
N PRO A 108 -7.75 16.27 7.62
CA PRO A 108 -8.48 17.46 8.06
C PRO A 108 -8.67 18.49 6.93
N GLU A 109 -9.31 19.61 7.28
CA GLU A 109 -9.70 20.64 6.31
C GLU A 109 -8.51 21.11 5.49
N GLU A 110 -7.48 21.61 6.18
CA GLU A 110 -6.30 22.18 5.52
C GLU A 110 -5.70 21.21 4.51
N LYS A 111 -5.55 19.96 4.93
CA LYS A 111 -4.96 18.93 4.10
C LYS A 111 -5.79 18.68 2.86
N ARG A 112 -7.10 18.63 3.06
CA ARG A 112 -8.05 18.46 1.96
C ARG A 112 -8.02 19.63 0.98
N LYS A 113 -7.65 20.82 1.45
CA LYS A 113 -7.55 21.98 0.57
C LYS A 113 -6.51 21.74 -0.51
N LEU A 114 -5.34 21.29 -0.08
CA LEU A 114 -4.23 21.03 -0.96
C LEU A 114 -4.57 19.96 -1.99
N LEU A 115 -5.24 18.91 -1.53
CA LEU A 115 -5.62 17.80 -2.39
C LEU A 115 -6.56 18.25 -3.51
N VAL A 116 -7.31 19.32 -3.26
CA VAL A 116 -8.19 19.88 -4.28
C VAL A 116 -7.41 20.79 -5.23
N GLN A 117 -6.45 21.52 -4.67
CA GLN A 117 -5.61 22.41 -5.44
C GLN A 117 -4.78 21.64 -6.46
N LEU A 118 -4.21 20.53 -6.02
CA LEU A 118 -3.34 19.72 -6.87
C LEU A 118 -4.16 18.76 -7.73
#